data_5U87
#
_entry.id   5U87
#
_entity_poly.entity_id   1
_entity_poly.type   'polypeptide(L)'
_entity_poly.pdbx_seq_one_letter_code
;GRCTKSIPPICFPDGLDNPRGCQIRIQQLNHCQMHLTSFDYKLRMAVENPKQQQHLSLCCNQLQEVEKQCQCEAIKQVVE
QAQKQLQQGQGGQQQVQQMVKKAQMLPNQCNLQCSI
;
_entity_poly.pdbx_strand_id   A
#
# COMPACT_ATOMS: atom_id res chain seq x y z
N GLY A 1 -2.77 -7.06 -22.97
CA GLY A 1 -1.59 -6.46 -23.57
C GLY A 1 -1.69 -4.95 -23.58
N ARG A 2 -0.71 -4.30 -24.17
CA ARG A 2 -0.70 -2.84 -24.26
C ARG A 2 -1.63 -2.39 -25.31
N CYS A 3 -2.32 -1.32 -25.06
CA CYS A 3 -3.24 -0.78 -26.00
C CYS A 3 -3.01 0.70 -26.11
N THR A 4 -3.16 1.23 -27.27
CA THR A 4 -2.94 2.61 -27.53
C THR A 4 -4.18 3.43 -27.16
N LYS A 5 -3.99 4.69 -26.85
CA LYS A 5 -5.08 5.57 -26.51
C LYS A 5 -5.67 6.17 -27.77
N SER A 6 -6.33 5.34 -28.56
CA SER A 6 -6.99 5.75 -29.77
C SER A 6 -8.04 4.73 -30.11
N ILE A 7 -8.89 5.06 -31.04
CA ILE A 7 -9.91 4.17 -31.52
C ILE A 7 -9.83 4.10 -33.04
N PRO A 8 -9.66 2.90 -33.61
CA PRO A 8 -9.57 1.64 -32.86
C PRO A 8 -8.26 1.51 -32.09
N PRO A 9 -8.31 0.93 -30.89
CA PRO A 9 -7.13 0.76 -30.05
C PRO A 9 -6.22 -0.31 -30.62
N ILE A 10 -4.97 -0.08 -30.52
CA ILE A 10 -4.00 -1.00 -31.02
C ILE A 10 -3.47 -1.77 -29.85
N CYS A 11 -3.85 -3.01 -29.75
CA CYS A 11 -3.43 -3.83 -28.65
C CYS A 11 -2.35 -4.80 -29.07
N PHE A 12 -1.33 -4.83 -28.27
CA PHE A 12 -0.15 -5.62 -28.47
C PHE A 12 -0.29 -7.00 -27.82
N PRO A 13 0.49 -7.99 -28.31
CA PRO A 13 0.42 -9.37 -27.81
C PRO A 13 1.08 -9.59 -26.44
N ASP A 14 1.73 -8.56 -25.96
CA ASP A 14 2.41 -8.59 -24.71
C ASP A 14 2.26 -7.21 -24.10
N GLY A 15 2.43 -7.09 -22.81
CA GLY A 15 2.31 -5.80 -22.22
C GLY A 15 3.11 -5.63 -20.98
N LEU A 16 4.35 -5.16 -21.13
CA LEU A 16 5.18 -4.84 -19.95
C LEU A 16 4.61 -3.59 -19.30
N ASP A 17 3.98 -2.79 -20.12
CA ASP A 17 3.31 -1.58 -19.71
C ASP A 17 1.83 -1.89 -19.58
N ASN A 18 1.37 -1.99 -18.37
CA ASN A 18 -0.03 -2.30 -18.10
C ASN A 18 -0.57 -1.51 -16.88
N PRO A 19 -0.57 -0.16 -16.96
CA PRO A 19 -0.91 0.70 -15.81
C PRO A 19 -2.40 0.77 -15.49
N ARG A 20 -3.16 -0.06 -16.15
CA ARG A 20 -4.60 -0.09 -15.94
C ARG A 20 -4.93 -1.27 -15.09
N GLY A 21 -4.13 -2.30 -15.23
CA GLY A 21 -4.36 -3.52 -14.52
C GLY A 21 -3.10 -4.04 -13.95
N CYS A 22 -2.36 -3.15 -13.35
CA CYS A 22 -1.15 -3.49 -12.66
C CYS A 22 -1.42 -4.51 -11.59
N GLN A 23 -0.77 -5.63 -11.69
CA GLN A 23 -0.95 -6.66 -10.72
C GLN A 23 0.20 -6.67 -9.76
N ILE A 24 -0.09 -6.33 -8.57
CA ILE A 24 0.87 -6.31 -7.52
C ILE A 24 0.37 -7.27 -6.48
N ARG A 25 1.21 -8.15 -6.03
CA ARG A 25 0.82 -9.16 -5.10
C ARG A 25 0.59 -8.54 -3.73
N ILE A 26 -0.59 -8.72 -3.19
CA ILE A 26 -0.95 -8.09 -1.94
C ILE A 26 -0.18 -8.59 -0.77
N GLN A 27 0.45 -9.71 -0.93
CA GLN A 27 1.19 -10.30 0.13
C GLN A 27 2.51 -9.58 0.35
N GLN A 28 2.93 -8.82 -0.65
CA GLN A 28 4.15 -8.04 -0.52
C GLN A 28 3.79 -6.73 0.20
N LEU A 29 2.50 -6.39 0.17
CA LEU A 29 2.00 -5.18 0.81
C LEU A 29 1.57 -5.45 2.21
N ASN A 30 1.74 -6.67 2.65
CA ASN A 30 1.35 -7.05 4.01
C ASN A 30 2.08 -6.18 5.01
N HIS A 31 3.33 -5.83 4.67
CA HIS A 31 4.11 -5.00 5.55
C HIS A 31 3.55 -3.58 5.59
N CYS A 32 3.32 -2.99 4.41
CA CYS A 32 2.74 -1.63 4.33
C CYS A 32 1.39 -1.58 5.02
N GLN A 33 0.55 -2.55 4.71
CA GLN A 33 -0.73 -2.71 5.32
C GLN A 33 -0.63 -2.75 6.85
N MET A 34 0.24 -3.61 7.38
CA MET A 34 0.35 -3.76 8.82
C MET A 34 0.99 -2.54 9.44
N HIS A 35 1.98 -1.99 8.77
CA HIS A 35 2.70 -0.86 9.34
C HIS A 35 1.85 0.41 9.37
N LEU A 36 0.86 0.46 8.51
CA LEU A 36 -0.07 1.55 8.54
C LEU A 36 -1.24 1.28 9.47
N THR A 37 -1.74 0.07 9.50
CA THR A 37 -2.93 -0.17 10.30
C THR A 37 -2.59 -0.41 11.76
N SER A 38 -1.39 -0.81 12.01
CA SER A 38 -0.96 -1.09 13.33
C SER A 38 -0.30 0.11 13.98
N PHE A 39 -0.83 0.55 15.08
CA PHE A 39 -0.15 1.54 15.86
C PHE A 39 0.78 0.79 16.77
N ASP A 40 1.99 0.64 16.30
CA ASP A 40 2.99 -0.20 16.91
C ASP A 40 3.42 0.31 18.30
N TYR A 41 4.15 -0.49 18.99
CA TYR A 41 4.41 -0.34 20.41
C TYR A 41 5.61 0.50 20.71
N LYS A 42 6.59 0.45 19.84
CA LYS A 42 7.82 1.16 20.09
C LYS A 42 7.64 2.62 19.74
N LEU A 43 6.48 2.92 19.18
CA LEU A 43 6.09 4.25 18.82
C LEU A 43 5.65 4.96 20.07
N ARG A 44 6.59 5.54 20.74
CA ARG A 44 6.32 6.27 21.96
C ARG A 44 6.18 7.72 21.61
N MET A 45 7.15 8.20 20.90
CA MET A 45 7.18 9.53 20.41
C MET A 45 7.50 9.42 18.95
N ALA A 46 6.51 9.04 18.20
CA ALA A 46 6.67 8.80 16.80
C ALA A 46 6.64 10.08 16.00
N VAL A 47 7.74 10.77 15.99
CA VAL A 47 7.90 11.96 15.22
C VAL A 47 9.09 11.80 14.30
N GLU A 48 10.28 11.81 14.88
CA GLU A 48 11.50 11.67 14.11
C GLU A 48 12.50 10.74 14.81
N ASN A 49 12.49 9.51 14.38
CA ASN A 49 13.39 8.48 14.85
C ASN A 49 13.63 7.57 13.66
N PRO A 50 14.88 7.42 13.20
CA PRO A 50 15.21 6.69 11.95
C PRO A 50 14.63 5.28 11.86
N LYS A 51 14.61 4.56 12.98
CA LYS A 51 14.15 3.17 13.01
C LYS A 51 12.68 3.02 12.79
N GLN A 52 11.95 4.10 12.90
CA GLN A 52 10.53 4.07 12.65
C GLN A 52 10.28 3.82 11.18
N GLN A 53 11.10 4.47 10.34
CA GLN A 53 10.96 4.43 8.90
C GLN A 53 11.45 3.13 8.27
N GLN A 54 11.87 2.18 9.09
CA GLN A 54 12.36 0.89 8.60
C GLN A 54 11.29 0.20 7.77
N HIS A 55 10.05 0.36 8.19
CA HIS A 55 8.91 -0.25 7.54
C HIS A 55 8.71 0.30 6.13
N LEU A 56 9.16 1.52 5.93
CA LEU A 56 9.06 2.19 4.66
C LEU A 56 10.20 1.74 3.81
N SER A 57 11.38 1.64 4.42
CA SER A 57 12.56 1.14 3.75
C SER A 57 12.30 -0.26 3.18
N LEU A 58 11.45 -1.01 3.86
CA LEU A 58 11.11 -2.34 3.43
C LEU A 58 10.01 -2.30 2.37
N CYS A 59 8.95 -1.56 2.62
CA CYS A 59 7.83 -1.48 1.69
C CYS A 59 8.23 -0.83 0.36
N CYS A 60 8.87 0.34 0.43
CA CYS A 60 9.34 1.08 -0.75
C CYS A 60 10.32 0.22 -1.56
N ASN A 61 11.05 -0.63 -0.86
CA ASN A 61 12.03 -1.51 -1.51
C ASN A 61 11.36 -2.70 -2.16
N GLN A 62 10.22 -3.05 -1.67
CA GLN A 62 9.50 -4.17 -2.19
C GLN A 62 8.66 -3.75 -3.39
N LEU A 63 8.02 -2.61 -3.28
CA LEU A 63 7.17 -2.10 -4.31
C LEU A 63 7.97 -1.69 -5.53
N GLN A 64 9.19 -1.24 -5.30
CA GLN A 64 10.06 -0.75 -6.37
C GLN A 64 10.57 -1.90 -7.26
N GLU A 65 10.36 -3.13 -6.84
CA GLU A 65 10.75 -4.26 -7.66
C GLU A 65 9.64 -4.57 -8.65
N VAL A 66 8.50 -3.98 -8.40
CA VAL A 66 7.35 -4.08 -9.28
C VAL A 66 7.56 -3.02 -10.37
N GLU A 67 6.82 -3.16 -11.45
CA GLU A 67 6.86 -2.25 -12.56
C GLU A 67 6.77 -0.81 -12.12
N LYS A 68 7.51 0.03 -12.80
CA LYS A 68 7.67 1.45 -12.47
C LYS A 68 6.34 2.19 -12.34
N GLN A 69 5.38 1.81 -13.16
CA GLN A 69 4.08 2.45 -13.17
C GLN A 69 3.16 1.78 -12.15
N CYS A 70 3.51 0.58 -11.77
CA CYS A 70 2.69 -0.22 -10.89
C CYS A 70 3.15 -0.08 -9.45
N GLN A 71 4.28 0.59 -9.28
CA GLN A 71 4.84 0.89 -7.97
C GLN A 71 3.85 1.68 -7.13
N CYS A 72 3.21 2.65 -7.75
CA CYS A 72 2.23 3.46 -7.05
C CYS A 72 0.91 2.75 -6.96
N GLU A 73 0.69 1.86 -7.89
CA GLU A 73 -0.52 1.07 -7.92
C GLU A 73 -0.55 0.12 -6.72
N ALA A 74 0.65 -0.33 -6.34
CA ALA A 74 0.85 -1.19 -5.19
C ALA A 74 0.34 -0.53 -3.93
N ILE A 75 0.42 0.77 -3.92
CA ILE A 75 0.04 1.55 -2.78
C ILE A 75 -1.47 1.58 -2.65
N LYS A 76 -2.16 1.43 -3.77
CA LYS A 76 -3.62 1.53 -3.77
C LYS A 76 -4.14 0.28 -3.17
N GLN A 77 -3.47 -0.78 -3.56
CA GLN A 77 -3.72 -2.12 -3.11
C GLN A 77 -3.63 -2.17 -1.60
N VAL A 78 -2.64 -1.44 -1.05
CA VAL A 78 -2.47 -1.37 0.39
C VAL A 78 -3.70 -0.78 1.03
N VAL A 79 -4.17 0.32 0.48
CA VAL A 79 -5.28 1.06 1.07
C VAL A 79 -6.51 0.19 1.11
N GLU A 80 -6.80 -0.43 -0.02
CA GLU A 80 -7.99 -1.22 -0.19
C GLU A 80 -8.03 -2.41 0.76
N GLN A 81 -6.88 -3.06 0.94
CA GLN A 81 -6.81 -4.23 1.82
C GLN A 81 -6.71 -3.81 3.29
N ALA A 82 -6.14 -2.65 3.54
CA ALA A 82 -5.96 -2.18 4.91
C ALA A 82 -7.26 -1.70 5.50
N GLN A 83 -8.05 -1.00 4.71
CA GLN A 83 -9.31 -0.46 5.18
C GLN A 83 -10.30 -1.58 5.42
N LYS A 84 -10.23 -2.60 4.57
CA LYS A 84 -11.14 -3.71 4.68
C LYS A 84 -10.82 -4.57 5.88
N GLN A 85 -9.54 -4.71 6.19
CA GLN A 85 -9.14 -5.60 7.24
C GLN A 85 -9.48 -5.03 8.60
N LEU A 86 -9.39 -3.73 8.72
CA LEU A 86 -9.71 -3.10 9.97
C LEU A 86 -11.19 -3.01 10.19
N GLN A 87 -11.92 -2.78 9.12
CA GLN A 87 -13.37 -2.68 9.16
C GLN A 87 -13.98 -4.04 9.51
N GLN A 88 -13.42 -5.10 8.95
CA GLN A 88 -13.96 -6.45 9.19
C GLN A 88 -13.57 -6.93 10.60
N GLY A 89 -12.59 -6.27 11.16
CA GLY A 89 -12.16 -6.60 12.47
C GLY A 89 -13.02 -5.93 13.51
N GLN A 90 -12.97 -4.62 13.55
CA GLN A 90 -13.69 -3.86 14.58
C GLN A 90 -13.95 -2.40 14.18
N GLY A 91 -13.12 -1.84 13.33
CA GLY A 91 -13.23 -0.44 12.99
C GLY A 91 -11.85 0.07 12.74
N GLY A 92 -11.38 0.99 13.56
CA GLY A 92 -10.02 1.43 13.47
C GLY A 92 -9.75 2.43 12.39
N GLN A 93 -10.49 2.35 11.28
CA GLN A 93 -10.30 3.23 10.12
C GLN A 93 -10.22 4.71 10.49
N GLN A 94 -10.93 5.11 11.53
CA GLN A 94 -10.92 6.49 11.98
C GLN A 94 -9.59 6.85 12.69
N GLN A 95 -9.04 5.91 13.44
CA GLN A 95 -7.82 6.15 14.16
C GLN A 95 -6.63 5.87 13.25
N VAL A 96 -6.73 4.78 12.54
CA VAL A 96 -5.76 4.33 11.54
C VAL A 96 -5.64 5.34 10.40
N GLN A 97 -6.68 6.17 10.23
CA GLN A 97 -6.72 7.21 9.18
C GLN A 97 -5.42 8.03 9.09
N GLN A 98 -4.92 8.46 10.24
CA GLN A 98 -3.70 9.27 10.29
C GLN A 98 -2.46 8.51 9.79
N MET A 99 -2.55 7.21 9.74
CA MET A 99 -1.43 6.41 9.31
C MET A 99 -1.62 6.00 7.88
N VAL A 100 -2.79 5.54 7.55
CA VAL A 100 -3.09 5.11 6.19
C VAL A 100 -2.96 6.29 5.18
N LYS A 101 -3.16 7.51 5.66
CA LYS A 101 -3.01 8.69 4.80
C LYS A 101 -1.56 8.84 4.30
N LYS A 102 -0.62 8.26 5.04
CA LYS A 102 0.78 8.28 4.69
C LYS A 102 1.01 7.50 3.41
N ALA A 103 0.12 6.56 3.16
CA ALA A 103 0.16 5.77 1.93
C ALA A 103 -0.13 6.65 0.72
N GLN A 104 -0.89 7.70 0.92
CA GLN A 104 -1.22 8.60 -0.17
C GLN A 104 0.02 9.41 -0.55
N MET A 105 0.91 9.53 0.40
CA MET A 105 2.17 10.22 0.23
C MET A 105 3.25 9.25 -0.19
N LEU A 106 2.97 7.96 -0.07
CA LEU A 106 3.93 6.90 -0.39
C LEU A 106 4.48 7.07 -1.83
N PRO A 107 3.61 7.31 -2.87
CA PRO A 107 4.09 7.57 -4.21
C PRO A 107 4.98 8.81 -4.29
N ASN A 108 4.79 9.75 -3.39
CA ASN A 108 5.59 10.93 -3.36
C ASN A 108 6.94 10.61 -2.72
N GLN A 109 6.89 9.90 -1.59
CA GLN A 109 8.06 9.53 -0.79
C GLN A 109 8.99 8.58 -1.54
N CYS A 110 8.42 7.56 -2.12
CA CYS A 110 9.21 6.52 -2.79
C CYS A 110 9.53 6.96 -4.22
N ASN A 111 8.98 8.13 -4.58
CA ASN A 111 9.14 8.75 -5.90
C ASN A 111 8.62 7.82 -6.99
N LEU A 112 7.35 7.60 -6.89
CA LEU A 112 6.61 6.77 -7.80
C LEU A 112 5.85 7.66 -8.78
N GLN A 113 5.49 7.11 -9.92
CA GLN A 113 4.79 7.85 -11.03
C GLN A 113 3.33 8.17 -10.71
N CYS A 114 3.10 8.63 -9.53
CA CYS A 114 1.79 8.90 -9.03
C CYS A 114 1.91 9.85 -7.85
N SER A 115 0.89 10.63 -7.63
CA SER A 115 0.82 11.52 -6.50
C SER A 115 -0.64 11.70 -6.13
N ILE A 116 -1.04 11.25 -4.97
CA ILE A 116 -2.41 11.33 -4.58
C ILE A 116 -2.62 12.20 -3.35
N GLY A 1 -5.70 -9.89 -14.56
CA GLY A 1 -4.71 -9.99 -15.61
C GLY A 1 -3.97 -11.28 -15.47
N ARG A 2 -3.24 -11.66 -16.48
CA ARG A 2 -2.52 -12.92 -16.46
C ARG A 2 -1.09 -12.70 -16.04
N CYS A 3 -0.54 -13.63 -15.33
CA CYS A 3 0.83 -13.58 -14.90
C CYS A 3 1.51 -14.86 -15.27
N THR A 4 2.79 -14.76 -15.54
CA THR A 4 3.59 -15.91 -15.82
C THR A 4 3.87 -16.65 -14.51
N LYS A 5 3.88 -17.96 -14.55
CA LYS A 5 4.17 -18.72 -13.36
C LYS A 5 5.67 -18.87 -13.20
N SER A 6 6.31 -17.77 -12.91
CA SER A 6 7.72 -17.69 -12.72
C SER A 6 7.94 -16.55 -11.75
N ILE A 7 9.13 -16.39 -11.27
CA ILE A 7 9.44 -15.34 -10.34
C ILE A 7 10.63 -14.56 -10.86
N PRO A 8 10.51 -13.22 -11.00
CA PRO A 8 9.27 -12.48 -10.69
C PRO A 8 8.18 -12.72 -11.74
N PRO A 9 6.91 -12.79 -11.31
CA PRO A 9 5.80 -13.02 -12.23
C PRO A 9 5.61 -11.85 -13.16
N ILE A 10 5.52 -12.15 -14.42
CA ILE A 10 5.31 -11.16 -15.41
C ILE A 10 3.82 -11.06 -15.61
N CYS A 11 3.27 -9.97 -15.21
CA CYS A 11 1.85 -9.80 -15.26
C CYS A 11 1.45 -8.86 -16.36
N PHE A 12 0.42 -9.23 -17.04
CA PHE A 12 -0.12 -8.46 -18.10
C PHE A 12 -1.48 -7.94 -17.74
N PRO A 13 -1.79 -6.72 -18.17
CA PRO A 13 -3.07 -6.08 -17.88
C PRO A 13 -4.14 -6.48 -18.90
N ASP A 14 -3.97 -7.66 -19.44
CA ASP A 14 -4.85 -8.20 -20.44
C ASP A 14 -5.44 -9.48 -19.93
N GLY A 15 -6.72 -9.62 -20.13
CA GLY A 15 -7.42 -10.78 -19.69
C GLY A 15 -8.82 -10.47 -19.33
N LEU A 16 -9.04 -10.21 -18.09
CA LEU A 16 -10.37 -10.01 -17.60
C LEU A 16 -10.34 -9.19 -16.33
N ASP A 17 -9.62 -9.69 -15.38
CA ASP A 17 -9.47 -9.05 -14.08
C ASP A 17 -8.66 -7.77 -14.18
N ASN A 18 -9.31 -6.67 -13.97
CA ASN A 18 -8.67 -5.38 -14.01
C ASN A 18 -9.15 -4.56 -12.80
N PRO A 19 -8.50 -4.74 -11.64
CA PRO A 19 -8.88 -4.00 -10.44
C PRO A 19 -8.28 -2.59 -10.43
N ARG A 20 -7.19 -2.42 -11.17
CA ARG A 20 -6.52 -1.14 -11.31
C ARG A 20 -6.01 -1.09 -12.73
N GLY A 21 -5.28 -2.12 -13.05
CA GLY A 21 -4.66 -2.32 -14.31
C GLY A 21 -3.47 -3.16 -14.05
N CYS A 22 -2.70 -2.67 -13.13
CA CYS A 22 -1.62 -3.37 -12.58
C CYS A 22 -2.13 -4.21 -11.43
N GLN A 23 -1.82 -5.47 -11.46
CA GLN A 23 -2.13 -6.31 -10.37
C GLN A 23 -0.85 -6.66 -9.65
N ILE A 24 -0.77 -6.24 -8.44
CA ILE A 24 0.37 -6.45 -7.63
C ILE A 24 -0.05 -7.44 -6.55
N ARG A 25 0.81 -8.33 -6.16
CA ARG A 25 0.45 -9.32 -5.17
C ARG A 25 0.27 -8.66 -3.81
N ILE A 26 -0.94 -8.71 -3.29
CA ILE A 26 -1.30 -8.03 -2.03
C ILE A 26 -0.52 -8.60 -0.84
N GLN A 27 0.08 -9.75 -1.03
CA GLN A 27 0.83 -10.40 0.01
C GLN A 27 2.14 -9.67 0.23
N GLN A 28 2.59 -8.93 -0.78
CA GLN A 28 3.84 -8.23 -0.65
C GLN A 28 3.59 -6.90 0.05
N LEU A 29 2.33 -6.47 0.06
CA LEU A 29 1.96 -5.23 0.69
C LEU A 29 1.50 -5.44 2.09
N ASN A 30 1.48 -6.68 2.50
CA ASN A 30 1.01 -7.05 3.82
C ASN A 30 1.84 -6.36 4.91
N HIS A 31 3.12 -6.09 4.64
CA HIS A 31 3.98 -5.41 5.61
C HIS A 31 3.54 -3.96 5.69
N CYS A 32 3.46 -3.33 4.54
CA CYS A 32 3.09 -1.92 4.39
C CYS A 32 1.73 -1.70 5.04
N GLN A 33 0.83 -2.58 4.72
CA GLN A 33 -0.48 -2.65 5.28
C GLN A 33 -0.44 -2.69 6.82
N MET A 34 0.29 -3.67 7.36
CA MET A 34 0.30 -3.88 8.80
C MET A 34 1.03 -2.78 9.52
N HIS A 35 2.04 -2.24 8.88
CA HIS A 35 2.82 -1.20 9.48
C HIS A 35 2.04 0.10 9.59
N LEU A 36 1.05 0.25 8.75
CA LEU A 36 0.17 1.40 8.80
C LEU A 36 -1.00 1.16 9.74
N THR A 37 -1.52 -0.04 9.80
CA THR A 37 -2.69 -0.27 10.62
C THR A 37 -2.34 -0.45 12.10
N SER A 38 -1.09 -0.76 12.39
CA SER A 38 -0.67 -0.99 13.76
C SER A 38 -0.19 0.29 14.44
N PHE A 39 -0.62 0.50 15.66
CA PHE A 39 -0.13 1.56 16.48
C PHE A 39 0.57 0.95 17.66
N ASP A 40 1.85 1.15 17.73
CA ASP A 40 2.65 0.54 18.77
C ASP A 40 2.58 1.39 20.04
N TYR A 41 3.06 0.87 21.11
CA TYR A 41 2.93 1.53 22.38
C TYR A 41 4.27 2.07 22.84
N LYS A 42 5.36 1.42 22.43
CA LYS A 42 6.67 1.82 22.92
C LYS A 42 7.23 3.02 22.15
N LEU A 43 6.37 3.61 21.35
CA LEU A 43 6.67 4.83 20.63
C LEU A 43 6.84 5.96 21.65
N ARG A 44 8.06 6.40 21.87
CA ARG A 44 8.32 7.41 22.89
C ARG A 44 8.82 8.69 22.26
N MET A 45 8.92 8.67 20.96
CA MET A 45 9.42 9.82 20.22
C MET A 45 9.01 9.68 18.76
N ALA A 46 7.89 9.04 18.54
CA ALA A 46 7.44 8.80 17.21
C ALA A 46 6.11 9.47 16.94
N VAL A 47 6.19 10.70 16.51
CA VAL A 47 5.05 11.45 16.04
C VAL A 47 5.39 11.85 14.61
N GLU A 48 6.44 12.61 14.50
CA GLU A 48 7.05 12.96 13.25
C GLU A 48 8.51 12.69 13.43
N ASN A 49 8.93 11.56 12.97
CA ASN A 49 10.27 11.10 13.19
C ASN A 49 10.71 10.34 11.95
N PRO A 50 11.90 10.67 11.41
CA PRO A 50 12.44 10.03 10.20
C PRO A 50 12.61 8.51 10.36
N LYS A 51 12.82 8.06 11.59
CA LYS A 51 13.04 6.66 11.87
C LYS A 51 11.78 5.84 11.77
N GLN A 52 10.64 6.51 11.66
CA GLN A 52 9.38 5.80 11.52
C GLN A 52 9.32 5.17 10.16
N GLN A 53 9.96 5.82 9.20
CA GLN A 53 9.93 5.43 7.80
C GLN A 53 10.82 4.22 7.50
N GLN A 54 11.31 3.58 8.54
CA GLN A 54 12.09 2.36 8.42
C GLN A 54 11.23 1.27 7.75
N HIS A 55 9.96 1.25 8.09
CA HIS A 55 9.03 0.29 7.55
C HIS A 55 8.69 0.68 6.10
N LEU A 56 8.86 1.95 5.81
CA LEU A 56 8.65 2.48 4.49
C LEU A 56 9.81 2.08 3.63
N SER A 57 11.00 2.08 4.21
CA SER A 57 12.18 1.62 3.52
C SER A 57 11.97 0.18 3.06
N LEU A 58 11.27 -0.60 3.86
CA LEU A 58 10.96 -1.97 3.49
C LEU A 58 9.88 -2.03 2.40
N CYS A 59 8.78 -1.34 2.63
CA CYS A 59 7.66 -1.30 1.68
C CYS A 59 8.08 -0.70 0.32
N CYS A 60 8.73 0.45 0.36
CA CYS A 60 9.23 1.15 -0.82
C CYS A 60 10.21 0.29 -1.58
N ASN A 61 10.95 -0.51 -0.85
CA ASN A 61 11.96 -1.37 -1.47
C ASN A 61 11.31 -2.59 -2.08
N GLN A 62 10.16 -2.93 -1.59
CA GLN A 62 9.44 -4.07 -2.08
C GLN A 62 8.67 -3.69 -3.34
N LEU A 63 7.97 -2.59 -3.26
CA LEU A 63 7.12 -2.11 -4.34
C LEU A 63 7.96 -1.67 -5.55
N GLN A 64 9.15 -1.14 -5.28
CA GLN A 64 10.03 -0.61 -6.33
C GLN A 64 10.61 -1.71 -7.21
N GLU A 65 10.47 -2.95 -6.78
CA GLU A 65 10.98 -4.06 -7.54
C GLU A 65 9.91 -4.54 -8.52
N VAL A 66 8.70 -4.03 -8.31
CA VAL A 66 7.56 -4.28 -9.20
C VAL A 66 7.70 -3.31 -10.40
N GLU A 67 6.95 -3.56 -11.49
CA GLU A 67 6.89 -2.65 -12.64
C GLU A 67 6.72 -1.20 -12.18
N LYS A 68 7.45 -0.30 -12.79
CA LYS A 68 7.51 1.11 -12.39
C LYS A 68 6.14 1.78 -12.41
N GLN A 69 5.32 1.37 -13.35
CA GLN A 69 3.97 1.90 -13.50
C GLN A 69 3.04 1.32 -12.44
N CYS A 70 3.44 0.21 -11.89
CA CYS A 70 2.65 -0.53 -10.96
C CYS A 70 3.13 -0.30 -9.53
N GLN A 71 4.27 0.37 -9.39
CA GLN A 71 4.85 0.70 -8.08
C GLN A 71 3.89 1.54 -7.26
N CYS A 72 3.27 2.52 -7.90
CA CYS A 72 2.31 3.35 -7.22
C CYS A 72 0.99 2.65 -7.09
N GLU A 73 0.74 1.72 -7.96
CA GLU A 73 -0.48 0.96 -7.93
C GLU A 73 -0.49 0.01 -6.76
N ALA A 74 0.69 -0.48 -6.40
CA ALA A 74 0.85 -1.34 -5.26
C ALA A 74 0.41 -0.61 -3.99
N ILE A 75 0.57 0.72 -4.00
CA ILE A 75 0.23 1.56 -2.87
C ILE A 75 -1.26 1.58 -2.69
N LYS A 76 -1.97 1.56 -3.81
CA LYS A 76 -3.40 1.66 -3.81
C LYS A 76 -3.93 0.46 -3.08
N GLN A 77 -3.34 -0.67 -3.43
CA GLN A 77 -3.70 -1.95 -2.90
C GLN A 77 -3.49 -1.99 -1.42
N VAL A 78 -2.35 -1.41 -0.96
CA VAL A 78 -2.02 -1.35 0.47
C VAL A 78 -3.16 -0.74 1.22
N VAL A 79 -3.66 0.36 0.70
CA VAL A 79 -4.68 1.12 1.37
C VAL A 79 -5.95 0.32 1.38
N GLU A 80 -6.26 -0.24 0.23
CA GLU A 80 -7.45 -1.03 0.00
C GLU A 80 -7.49 -2.21 0.99
N GLN A 81 -6.41 -2.97 1.05
CA GLN A 81 -6.35 -4.15 1.90
C GLN A 81 -6.25 -3.78 3.39
N ALA A 82 -5.61 -2.64 3.68
CA ALA A 82 -5.46 -2.19 5.05
C ALA A 82 -6.78 -1.66 5.60
N GLN A 83 -7.54 -0.97 4.77
CA GLN A 83 -8.78 -0.41 5.24
C GLN A 83 -9.82 -1.50 5.36
N LYS A 84 -9.77 -2.48 4.47
CA LYS A 84 -10.75 -3.54 4.49
C LYS A 84 -10.51 -4.48 5.66
N GLN A 85 -9.24 -4.64 6.04
CA GLN A 85 -8.92 -5.56 7.11
C GLN A 85 -9.39 -5.01 8.45
N LEU A 86 -9.35 -3.71 8.60
CA LEU A 86 -9.86 -3.06 9.78
C LEU A 86 -11.39 -2.97 9.73
N GLN A 87 -11.91 -2.73 8.53
CA GLN A 87 -13.35 -2.60 8.28
C GLN A 87 -14.08 -3.88 8.69
N GLN A 88 -13.48 -5.01 8.39
CA GLN A 88 -14.08 -6.31 8.65
C GLN A 88 -13.90 -6.69 10.11
N GLY A 89 -13.03 -5.99 10.80
CA GLY A 89 -12.72 -6.30 12.15
C GLY A 89 -13.48 -5.47 13.14
N GLN A 90 -12.80 -4.52 13.75
CA GLN A 90 -13.41 -3.71 14.81
C GLN A 90 -13.79 -2.32 14.30
N GLY A 91 -13.23 -1.96 13.19
CA GLY A 91 -13.39 -0.65 12.66
C GLY A 91 -12.05 -0.08 12.38
N GLY A 92 -11.47 0.65 13.33
CA GLY A 92 -10.11 1.11 13.22
C GLY A 92 -9.86 2.22 12.23
N GLN A 93 -10.53 2.20 11.10
CA GLN A 93 -10.37 3.20 10.02
C GLN A 93 -10.44 4.64 10.53
N GLN A 94 -11.15 4.85 11.60
CA GLN A 94 -11.23 6.15 12.24
C GLN A 94 -9.85 6.53 12.85
N GLN A 95 -9.21 5.57 13.53
CA GLN A 95 -7.96 5.80 14.22
C GLN A 95 -6.78 5.61 13.30
N VAL A 96 -6.87 4.56 12.50
CA VAL A 96 -5.87 4.17 11.51
C VAL A 96 -5.72 5.23 10.41
N GLN A 97 -6.76 6.04 10.21
CA GLN A 97 -6.76 7.06 9.13
C GLN A 97 -5.47 7.91 9.09
N GLN A 98 -5.03 8.36 10.26
CA GLN A 98 -3.81 9.17 10.40
C GLN A 98 -2.55 8.43 9.91
N MET A 99 -2.61 7.13 9.87
CA MET A 99 -1.45 6.34 9.51
C MET A 99 -1.55 5.91 8.09
N VAL A 100 -2.71 5.45 7.70
CA VAL A 100 -2.93 5.02 6.34
C VAL A 100 -2.82 6.19 5.34
N LYS A 101 -3.04 7.41 5.82
CA LYS A 101 -2.89 8.60 4.97
C LYS A 101 -1.42 8.75 4.52
N LYS A 102 -0.50 8.17 5.30
CA LYS A 102 0.92 8.18 4.95
C LYS A 102 1.12 7.40 3.66
N ALA A 103 0.26 6.41 3.41
CA ALA A 103 0.32 5.63 2.18
C ALA A 103 0.06 6.51 0.98
N GLN A 104 -0.74 7.54 1.17
CA GLN A 104 -1.06 8.47 0.11
C GLN A 104 0.16 9.36 -0.19
N MET A 105 1.09 9.38 0.73
CA MET A 105 2.31 10.15 0.61
C MET A 105 3.39 9.28 0.00
N LEU A 106 3.20 7.98 0.11
CA LEU A 106 4.14 6.97 -0.40
C LEU A 106 4.55 7.19 -1.86
N PRO A 107 3.61 7.47 -2.81
CA PRO A 107 3.98 7.75 -4.18
C PRO A 107 4.90 8.97 -4.31
N ASN A 108 4.88 9.85 -3.32
CA ASN A 108 5.71 10.98 -3.36
C ASN A 108 7.04 10.67 -2.71
N GLN A 109 6.97 10.03 -1.55
CA GLN A 109 8.16 9.71 -0.76
C GLN A 109 9.04 8.67 -1.44
N CYS A 110 8.43 7.69 -2.05
CA CYS A 110 9.15 6.62 -2.72
C CYS A 110 9.47 7.05 -4.16
N ASN A 111 8.92 8.21 -4.53
CA ASN A 111 9.06 8.82 -5.86
C ASN A 111 8.57 7.87 -6.92
N LEU A 112 7.31 7.61 -6.84
CA LEU A 112 6.60 6.74 -7.74
C LEU A 112 5.94 7.54 -8.84
N GLN A 113 5.62 6.90 -9.96
CA GLN A 113 5.01 7.58 -11.15
C GLN A 113 3.55 8.00 -10.92
N CYS A 114 3.29 8.43 -9.74
CA CYS A 114 1.98 8.78 -9.29
C CYS A 114 2.15 9.73 -8.13
N SER A 115 1.17 10.56 -7.89
CA SER A 115 1.21 11.48 -6.80
C SER A 115 -0.21 11.73 -6.31
N ILE A 116 -0.42 11.70 -5.02
CA ILE A 116 -1.75 11.91 -4.51
C ILE A 116 -1.88 13.35 -4.08
N GLY A 1 -4.26 -5.80 -17.29
CA GLY A 1 -5.15 -6.88 -17.73
C GLY A 1 -4.36 -7.99 -18.39
N ARG A 2 -5.03 -8.89 -19.06
CA ARG A 2 -4.34 -9.99 -19.76
C ARG A 2 -3.92 -9.53 -21.13
N CYS A 3 -2.77 -9.96 -21.53
CA CYS A 3 -2.27 -9.64 -22.83
C CYS A 3 -1.96 -10.91 -23.58
N THR A 4 -2.10 -10.87 -24.86
CA THR A 4 -1.81 -12.01 -25.70
C THR A 4 -0.33 -12.00 -26.07
N LYS A 5 0.20 -13.16 -26.43
CA LYS A 5 1.56 -13.25 -26.87
C LYS A 5 1.63 -13.11 -28.35
N SER A 6 1.51 -11.90 -28.80
CA SER A 6 1.56 -11.58 -30.18
C SER A 6 2.08 -10.17 -30.30
N ILE A 7 2.37 -9.73 -31.50
CA ILE A 7 2.79 -8.38 -31.74
C ILE A 7 1.90 -7.79 -32.85
N PRO A 8 1.14 -6.72 -32.55
CA PRO A 8 1.09 -6.09 -31.22
C PRO A 8 0.28 -6.95 -30.22
N PRO A 9 0.67 -6.92 -28.94
CA PRO A 9 -0.05 -7.67 -27.91
C PRO A 9 -1.42 -7.07 -27.65
N ILE A 10 -2.37 -7.92 -27.47
CA ILE A 10 -3.72 -7.49 -27.21
C ILE A 10 -3.93 -7.53 -25.74
N CYS A 11 -4.06 -6.38 -25.15
CA CYS A 11 -4.27 -6.32 -23.74
C CYS A 11 -5.69 -6.00 -23.43
N PHE A 12 -6.28 -6.84 -22.65
CA PHE A 12 -7.64 -6.69 -22.24
C PHE A 12 -7.75 -5.78 -21.05
N PRO A 13 -8.93 -5.14 -20.85
CA PRO A 13 -9.13 -4.17 -19.76
C PRO A 13 -9.16 -4.83 -18.37
N ASP A 14 -9.18 -6.13 -18.36
CA ASP A 14 -9.21 -6.91 -17.14
C ASP A 14 -8.76 -8.34 -17.52
N GLY A 15 -9.25 -9.35 -16.87
CA GLY A 15 -8.86 -10.69 -17.18
C GLY A 15 -9.18 -11.62 -16.05
N LEU A 16 -8.93 -11.16 -14.86
CA LEU A 16 -9.23 -11.94 -13.67
C LEU A 16 -9.72 -11.00 -12.60
N ASP A 17 -8.89 -10.08 -12.28
CA ASP A 17 -9.17 -9.04 -11.33
C ASP A 17 -8.14 -7.99 -11.48
N ASN A 18 -8.44 -7.02 -12.28
CA ASN A 18 -7.54 -5.94 -12.55
C ASN A 18 -8.28 -4.63 -12.39
N PRO A 19 -8.54 -4.20 -11.14
CA PRO A 19 -9.26 -2.95 -10.89
C PRO A 19 -8.38 -1.75 -11.16
N ARG A 20 -7.12 -1.84 -10.78
CA ARG A 20 -6.18 -0.76 -11.00
C ARG A 20 -5.57 -0.98 -12.38
N GLY A 21 -5.42 -2.23 -12.70
CA GLY A 21 -4.80 -2.63 -13.93
C GLY A 21 -3.69 -3.52 -13.60
N CYS A 22 -2.70 -2.94 -13.00
CA CYS A 22 -1.60 -3.68 -12.47
C CYS A 22 -2.08 -4.53 -11.31
N GLN A 23 -1.69 -5.76 -11.32
CA GLN A 23 -2.00 -6.65 -10.24
C GLN A 23 -0.74 -6.90 -9.45
N ILE A 24 -0.70 -6.36 -8.30
CA ILE A 24 0.47 -6.44 -7.47
C ILE A 24 0.23 -7.48 -6.39
N ARG A 25 1.25 -8.26 -6.06
CA ARG A 25 1.11 -9.32 -5.10
C ARG A 25 0.85 -8.78 -3.72
N ILE A 26 -0.32 -9.05 -3.22
CA ILE A 26 -0.79 -8.52 -1.94
C ILE A 26 0.07 -8.95 -0.76
N GLN A 27 0.88 -9.96 -0.99
CA GLN A 27 1.75 -10.50 0.04
C GLN A 27 2.89 -9.54 0.31
N GLN A 28 3.20 -8.70 -0.68
CA GLN A 28 4.30 -7.80 -0.53
C GLN A 28 3.84 -6.56 0.23
N LEU A 29 2.58 -6.17 0.02
CA LEU A 29 2.06 -4.97 0.64
C LEU A 29 1.62 -5.21 2.02
N ASN A 30 1.60 -6.46 2.41
CA ASN A 30 1.14 -6.84 3.73
C ASN A 30 1.96 -6.15 4.80
N HIS A 31 3.24 -5.87 4.51
CA HIS A 31 4.09 -5.20 5.50
C HIS A 31 3.61 -3.78 5.65
N CYS A 32 3.55 -3.07 4.52
CA CYS A 32 3.15 -1.67 4.44
C CYS A 32 1.78 -1.51 5.12
N GLN A 33 0.85 -2.37 4.72
CA GLN A 33 -0.48 -2.49 5.25
C GLN A 33 -0.48 -2.69 6.79
N MET A 34 0.13 -3.77 7.27
CA MET A 34 0.05 -4.14 8.69
C MET A 34 0.77 -3.14 9.57
N HIS A 35 1.85 -2.61 9.05
CA HIS A 35 2.69 -1.68 9.78
C HIS A 35 1.94 -0.38 10.00
N LEU A 36 1.09 -0.01 9.06
CA LEU A 36 0.32 1.21 9.16
C LEU A 36 -0.95 1.03 9.95
N THR A 37 -1.57 -0.11 9.86
CA THR A 37 -2.83 -0.28 10.54
C THR A 37 -2.67 -0.55 12.02
N SER A 38 -1.51 -1.02 12.41
CA SER A 38 -1.26 -1.32 13.77
C SER A 38 -0.72 -0.09 14.50
N PHE A 39 -0.93 -0.04 15.78
CA PHE A 39 -0.35 1.00 16.59
C PHE A 39 0.36 0.36 17.73
N ASP A 40 1.56 0.77 17.98
CA ASP A 40 2.34 0.16 19.01
C ASP A 40 2.01 0.83 20.34
N TYR A 41 2.51 0.28 21.41
CA TYR A 41 2.15 0.70 22.74
C TYR A 41 3.22 1.57 23.37
N LYS A 42 4.48 1.29 23.08
CA LYS A 42 5.56 2.01 23.75
C LYS A 42 5.88 3.31 23.04
N LEU A 43 5.07 3.65 22.07
CA LEU A 43 5.19 4.91 21.36
C LEU A 43 4.91 6.05 22.35
N ARG A 44 5.95 6.70 22.79
CA ARG A 44 5.79 7.76 23.76
C ARG A 44 5.70 9.10 23.09
N MET A 45 6.46 9.26 22.06
CA MET A 45 6.51 10.52 21.34
C MET A 45 6.96 10.28 19.90
N ALA A 46 6.69 9.10 19.42
CA ALA A 46 7.10 8.71 18.09
C ALA A 46 6.13 9.25 17.06
N VAL A 47 6.43 10.43 16.56
CA VAL A 47 5.62 11.09 15.56
C VAL A 47 6.40 11.27 14.28
N GLU A 48 7.61 11.75 14.40
CA GLU A 48 8.46 11.96 13.25
C GLU A 48 9.92 11.69 13.61
N ASN A 49 10.44 10.60 13.11
CA ASN A 49 11.82 10.22 13.37
C ASN A 49 12.27 9.28 12.27
N PRO A 50 13.58 9.22 11.99
CA PRO A 50 14.14 8.37 10.92
C PRO A 50 13.75 6.90 11.05
N LYS A 51 13.56 6.45 12.27
CA LYS A 51 13.23 5.07 12.53
C LYS A 51 11.86 4.70 12.03
N GLN A 52 10.93 5.61 12.06
CA GLN A 52 9.58 5.33 11.59
C GLN A 52 9.55 5.19 10.09
N GLN A 53 10.55 5.74 9.44
CA GLN A 53 10.64 5.71 7.99
C GLN A 53 11.16 4.35 7.53
N GLN A 54 11.35 3.45 8.48
CA GLN A 54 11.78 2.08 8.22
C GLN A 54 10.78 1.39 7.31
N HIS A 55 9.48 1.65 7.55
CA HIS A 55 8.44 1.03 6.77
C HIS A 55 8.46 1.49 5.34
N LEU A 56 9.07 2.63 5.10
CA LEU A 56 9.22 3.12 3.76
C LEU A 56 10.30 2.32 3.10
N SER A 57 11.43 2.26 3.77
CA SER A 57 12.61 1.57 3.27
C SER A 57 12.28 0.11 2.93
N LEU A 58 11.29 -0.42 3.62
CA LEU A 58 10.84 -1.78 3.39
C LEU A 58 9.76 -1.82 2.29
N CYS A 59 8.74 -0.99 2.43
CA CYS A 59 7.60 -0.97 1.50
C CYS A 59 8.01 -0.46 0.11
N CYS A 60 8.69 0.69 0.07
CA CYS A 60 9.16 1.30 -1.19
C CYS A 60 10.07 0.35 -1.90
N ASN A 61 10.91 -0.29 -1.14
CA ASN A 61 11.89 -1.23 -1.72
C ASN A 61 11.22 -2.50 -2.21
N GLN A 62 10.12 -2.81 -1.60
CA GLN A 62 9.33 -3.98 -1.93
C GLN A 62 8.52 -3.70 -3.19
N LEU A 63 7.85 -2.57 -3.21
CA LEU A 63 6.97 -2.19 -4.30
C LEU A 63 7.78 -1.91 -5.57
N GLN A 64 9.00 -1.42 -5.38
CA GLN A 64 9.87 -1.07 -6.49
C GLN A 64 10.45 -2.31 -7.16
N GLU A 65 10.21 -3.49 -6.58
CA GLU A 65 10.61 -4.72 -7.21
C GLU A 65 9.64 -5.00 -8.34
N VAL A 66 8.46 -4.43 -8.18
CA VAL A 66 7.39 -4.53 -9.15
C VAL A 66 7.64 -3.50 -10.26
N GLU A 67 6.98 -3.68 -11.40
CA GLU A 67 7.05 -2.78 -12.54
C GLU A 67 6.81 -1.34 -12.15
N LYS A 68 7.55 -0.43 -12.77
CA LYS A 68 7.53 0.98 -12.41
C LYS A 68 6.16 1.62 -12.63
N GLN A 69 5.38 1.04 -13.52
CA GLN A 69 4.03 1.54 -13.77
C GLN A 69 3.04 0.98 -12.74
N CYS A 70 3.47 -0.03 -12.03
CA CYS A 70 2.63 -0.73 -11.10
C CYS A 70 3.03 -0.42 -9.66
N GLN A 71 4.15 0.26 -9.51
CA GLN A 71 4.67 0.66 -8.20
C GLN A 71 3.71 1.54 -7.42
N CYS A 72 3.05 2.47 -8.10
CA CYS A 72 2.12 3.32 -7.40
C CYS A 72 0.80 2.60 -7.24
N GLU A 73 0.56 1.65 -8.12
CA GLU A 73 -0.65 0.87 -8.10
C GLU A 73 -0.64 -0.01 -6.87
N ALA A 74 0.57 -0.44 -6.47
CA ALA A 74 0.75 -1.24 -5.30
C ALA A 74 0.29 -0.47 -4.08
N ILE A 75 0.51 0.83 -4.13
CA ILE A 75 0.17 1.75 -3.05
C ILE A 75 -1.32 1.79 -2.85
N LYS A 76 -2.04 1.72 -3.95
CA LYS A 76 -3.48 1.85 -3.92
C LYS A 76 -4.01 0.67 -3.19
N GLN A 77 -3.43 -0.46 -3.53
CA GLN A 77 -3.81 -1.74 -2.95
C GLN A 77 -3.54 -1.71 -1.48
N VAL A 78 -2.39 -1.14 -1.07
CA VAL A 78 -2.02 -1.05 0.36
C VAL A 78 -3.12 -0.38 1.13
N VAL A 79 -3.62 0.74 0.61
CA VAL A 79 -4.57 1.54 1.34
C VAL A 79 -5.87 0.79 1.41
N GLU A 80 -6.24 0.29 0.27
CA GLU A 80 -7.50 -0.36 0.07
C GLU A 80 -7.60 -1.65 0.89
N GLN A 81 -6.47 -2.35 1.04
CA GLN A 81 -6.47 -3.57 1.83
C GLN A 81 -6.24 -3.27 3.33
N ALA A 82 -5.60 -2.18 3.62
CA ALA A 82 -5.36 -1.79 5.01
C ALA A 82 -6.64 -1.33 5.66
N GLN A 83 -7.38 -0.51 4.94
CA GLN A 83 -8.66 -0.02 5.45
C GLN A 83 -9.66 -1.18 5.48
N LYS A 84 -9.46 -2.12 4.58
CA LYS A 84 -10.26 -3.30 4.45
C LYS A 84 -10.13 -4.18 5.65
N GLN A 85 -8.90 -4.39 6.09
CA GLN A 85 -8.65 -5.30 7.17
C GLN A 85 -9.18 -4.74 8.48
N LEU A 86 -9.33 -3.44 8.53
CA LEU A 86 -9.92 -2.79 9.68
C LEU A 86 -11.43 -2.75 9.56
N GLN A 87 -11.92 -2.57 8.34
CA GLN A 87 -13.33 -2.56 8.04
C GLN A 87 -13.96 -3.92 8.30
N GLN A 88 -13.22 -4.98 7.99
CA GLN A 88 -13.75 -6.34 8.17
C GLN A 88 -13.61 -6.79 9.61
N GLY A 89 -13.08 -5.93 10.41
CA GLY A 89 -12.97 -6.15 11.81
C GLY A 89 -14.14 -5.50 12.50
N GLN A 90 -13.85 -4.59 13.38
CA GLN A 90 -14.89 -3.87 14.08
C GLN A 90 -14.83 -2.39 13.73
N GLY A 91 -13.69 -1.79 13.96
CA GLY A 91 -13.53 -0.38 13.70
C GLY A 91 -12.09 -0.06 13.47
N GLY A 92 -11.64 1.07 13.98
CA GLY A 92 -10.25 1.41 13.85
C GLY A 92 -9.98 2.30 12.69
N GLN A 93 -10.75 2.17 11.63
CA GLN A 93 -10.55 2.90 10.37
C GLN A 93 -10.35 4.41 10.59
N GLN A 94 -11.02 4.97 11.58
CA GLN A 94 -10.94 6.40 11.86
C GLN A 94 -9.66 6.77 12.62
N GLN A 95 -9.20 5.87 13.48
CA GLN A 95 -8.00 6.13 14.25
C GLN A 95 -6.77 5.74 13.45
N VAL A 96 -6.92 4.66 12.76
CA VAL A 96 -5.91 4.15 11.82
C VAL A 96 -5.72 5.12 10.66
N GLN A 97 -6.73 5.97 10.41
CA GLN A 97 -6.69 6.97 9.31
C GLN A 97 -5.36 7.71 9.25
N GLN A 98 -4.90 8.20 10.41
CA GLN A 98 -3.64 8.98 10.51
C GLN A 98 -2.43 8.19 10.02
N MET A 99 -2.55 6.88 10.02
CA MET A 99 -1.42 6.06 9.71
C MET A 99 -1.53 5.51 8.32
N VAL A 100 -2.69 5.04 7.96
CA VAL A 100 -2.91 4.50 6.63
C VAL A 100 -2.84 5.62 5.57
N LYS A 101 -3.09 6.85 5.99
CA LYS A 101 -2.98 7.99 5.08
C LYS A 101 -1.54 8.21 4.64
N LYS A 102 -0.60 7.70 5.45
CA LYS A 102 0.80 7.76 5.14
C LYS A 102 1.12 6.92 3.92
N ALA A 103 0.32 5.86 3.69
CA ALA A 103 0.46 5.02 2.51
C ALA A 103 0.21 5.83 1.27
N GLN A 104 -0.71 6.77 1.37
CA GLN A 104 -1.08 7.64 0.25
C GLN A 104 0.09 8.58 -0.09
N MET A 105 0.99 8.72 0.85
CA MET A 105 2.15 9.60 0.73
C MET A 105 3.34 8.82 0.20
N LEU A 106 3.24 7.48 0.22
CA LEU A 106 4.28 6.57 -0.28
C LEU A 106 4.76 6.92 -1.69
N PRO A 107 3.86 7.22 -2.68
CA PRO A 107 4.28 7.62 -4.00
C PRO A 107 5.11 8.92 -3.98
N ASN A 108 4.83 9.79 -3.02
CA ASN A 108 5.51 11.04 -2.91
C ASN A 108 6.89 10.81 -2.30
N GLN A 109 6.95 9.88 -1.38
CA GLN A 109 8.19 9.53 -0.68
C GLN A 109 9.13 8.71 -1.58
N CYS A 110 8.57 7.68 -2.19
CA CYS A 110 9.33 6.71 -2.97
C CYS A 110 9.59 7.23 -4.40
N ASN A 111 9.05 8.43 -4.71
CA ASN A 111 9.23 9.11 -6.02
C ASN A 111 8.54 8.30 -7.13
N LEU A 112 7.35 7.83 -6.83
CA LEU A 112 6.59 7.02 -7.76
C LEU A 112 5.86 7.92 -8.75
N GLN A 113 5.51 7.37 -9.90
CA GLN A 113 4.88 8.11 -11.04
C GLN A 113 3.42 8.45 -10.79
N CYS A 114 3.09 8.66 -9.57
CA CYS A 114 1.76 8.86 -9.13
C CYS A 114 1.81 9.67 -7.86
N SER A 115 0.73 10.29 -7.52
CA SER A 115 0.60 11.06 -6.33
C SER A 115 -0.83 10.92 -5.84
N ILE A 116 -1.02 10.89 -4.55
CA ILE A 116 -2.34 10.73 -4.01
C ILE A 116 -2.70 11.96 -3.21
N GLY A 1 -20.89 -2.88 -4.55
CA GLY A 1 -19.61 -3.00 -5.23
C GLY A 1 -19.76 -3.68 -6.56
N ARG A 2 -18.68 -4.22 -7.07
CA ARG A 2 -18.69 -4.89 -8.36
C ARG A 2 -18.86 -6.37 -8.14
N CYS A 3 -19.63 -7.01 -8.94
CA CYS A 3 -19.94 -8.40 -8.74
C CYS A 3 -19.51 -9.25 -9.91
N THR A 4 -19.07 -10.45 -9.62
CA THR A 4 -18.62 -11.40 -10.61
C THR A 4 -19.80 -12.07 -11.30
N LYS A 5 -19.57 -12.66 -12.46
CA LYS A 5 -20.63 -13.37 -13.18
C LYS A 5 -20.74 -14.79 -12.67
N SER A 6 -21.20 -14.94 -11.46
CA SER A 6 -21.31 -16.22 -10.86
C SER A 6 -22.58 -16.25 -10.02
N ILE A 7 -22.96 -17.42 -9.54
CA ILE A 7 -24.14 -17.60 -8.71
C ILE A 7 -23.73 -18.41 -7.45
N PRO A 8 -23.77 -17.81 -6.25
CA PRO A 8 -24.12 -16.40 -6.05
C PRO A 8 -22.93 -15.51 -6.44
N PRO A 9 -23.20 -14.32 -6.98
CA PRO A 9 -22.15 -13.43 -7.47
C PRO A 9 -21.24 -12.95 -6.33
N ILE A 10 -19.97 -12.82 -6.60
CA ILE A 10 -19.03 -12.35 -5.61
C ILE A 10 -18.93 -10.86 -5.78
N CYS A 11 -19.33 -10.14 -4.80
CA CYS A 11 -19.31 -8.72 -4.89
C CYS A 11 -18.17 -8.15 -4.10
N PHE A 12 -17.32 -7.43 -4.78
CA PHE A 12 -16.18 -6.80 -4.22
C PHE A 12 -16.44 -5.34 -3.97
N PRO A 13 -15.91 -4.80 -2.88
CA PRO A 13 -16.16 -3.42 -2.52
C PRO A 13 -15.30 -2.42 -3.28
N ASP A 14 -14.33 -2.90 -3.98
CA ASP A 14 -13.38 -2.03 -4.61
C ASP A 14 -13.10 -2.55 -6.04
N GLY A 15 -12.09 -2.03 -6.68
CA GLY A 15 -11.80 -2.39 -8.04
C GLY A 15 -12.48 -1.47 -9.00
N LEU A 16 -12.78 -0.29 -8.53
CA LEU A 16 -13.52 0.70 -9.30
C LEU A 16 -12.59 1.74 -9.90
N ASP A 17 -11.41 1.84 -9.37
CA ASP A 17 -10.45 2.79 -9.87
C ASP A 17 -9.21 2.06 -10.28
N ASN A 18 -8.97 2.01 -11.55
CA ASN A 18 -7.83 1.32 -12.07
C ASN A 18 -7.16 2.20 -13.09
N PRO A 19 -6.07 2.89 -12.70
CA PRO A 19 -5.28 3.67 -13.65
C PRO A 19 -4.65 2.74 -14.68
N ARG A 20 -4.19 1.58 -14.23
CA ARG A 20 -3.73 0.52 -15.13
C ARG A 20 -4.47 -0.72 -14.76
N GLY A 21 -4.49 -0.98 -13.47
CA GLY A 21 -5.12 -2.16 -12.97
C GLY A 21 -4.14 -3.24 -12.80
N CYS A 22 -3.00 -2.85 -12.35
CA CYS A 22 -1.94 -3.75 -12.07
C CYS A 22 -2.30 -4.62 -10.89
N GLN A 23 -2.00 -5.88 -10.99
CA GLN A 23 -2.21 -6.76 -9.88
C GLN A 23 -0.89 -6.99 -9.17
N ILE A 24 -0.82 -6.51 -7.99
CA ILE A 24 0.39 -6.57 -7.20
C ILE A 24 0.10 -7.46 -6.01
N ARG A 25 1.05 -8.30 -5.65
CA ARG A 25 0.82 -9.25 -4.60
C ARG A 25 0.66 -8.58 -3.25
N ILE A 26 -0.48 -8.82 -2.63
CA ILE A 26 -0.83 -8.20 -1.36
C ILE A 26 0.15 -8.58 -0.25
N GLN A 27 0.89 -9.64 -0.46
CA GLN A 27 1.82 -10.13 0.54
C GLN A 27 3.04 -9.23 0.61
N GLN A 28 3.24 -8.41 -0.42
CA GLN A 28 4.40 -7.57 -0.43
C GLN A 28 4.07 -6.21 0.19
N LEU A 29 2.78 -5.90 0.27
CA LEU A 29 2.36 -4.64 0.88
C LEU A 29 1.97 -4.86 2.28
N ASN A 30 2.14 -6.08 2.71
CA ASN A 30 1.80 -6.53 4.04
C ASN A 30 2.44 -5.65 5.09
N HIS A 31 3.69 -5.23 4.88
CA HIS A 31 4.38 -4.46 5.91
C HIS A 31 3.75 -3.09 6.01
N CYS A 32 3.64 -2.41 4.88
CA CYS A 32 3.01 -1.10 4.82
C CYS A 32 1.61 -1.17 5.40
N GLN A 33 0.83 -2.12 4.93
CA GLN A 33 -0.50 -2.38 5.40
C GLN A 33 -0.55 -2.57 6.93
N MET A 34 0.17 -3.58 7.43
CA MET A 34 0.09 -3.94 8.84
C MET A 34 0.62 -2.84 9.73
N HIS A 35 1.71 -2.24 9.32
CA HIS A 35 2.39 -1.22 10.12
C HIS A 35 1.51 0.02 10.25
N LEU A 36 0.64 0.23 9.28
CA LEU A 36 -0.25 1.36 9.30
C LEU A 36 -1.54 1.05 10.04
N THR A 37 -1.94 -0.18 10.09
CA THR A 37 -3.14 -0.49 10.84
C THR A 37 -2.81 -0.80 12.31
N SER A 38 -1.56 -1.12 12.56
CA SER A 38 -1.11 -1.45 13.88
C SER A 38 -0.63 -0.24 14.66
N PHE A 39 -0.98 -0.22 15.91
CA PHE A 39 -0.49 0.76 16.83
C PHE A 39 0.20 -0.01 17.92
N ASP A 40 1.45 -0.28 17.67
CA ASP A 40 2.27 -1.13 18.52
C ASP A 40 2.66 -0.39 19.79
N TYR A 41 3.28 -1.10 20.66
CA TYR A 41 3.61 -0.62 21.97
C TYR A 41 5.08 -0.32 22.10
N LYS A 42 5.92 -1.04 21.37
CA LYS A 42 7.36 -0.87 21.54
C LYS A 42 7.89 0.28 20.71
N LEU A 43 6.98 1.05 20.15
CA LEU A 43 7.32 2.24 19.40
C LEU A 43 7.82 3.32 20.35
N ARG A 44 9.11 3.36 20.57
CA ARG A 44 9.71 4.35 21.46
C ARG A 44 10.15 5.56 20.70
N MET A 45 10.54 5.35 19.48
CA MET A 45 11.03 6.42 18.66
C MET A 45 10.12 6.61 17.47
N ALA A 46 8.95 7.10 17.76
CA ALA A 46 7.94 7.36 16.77
C ALA A 46 7.46 8.80 16.91
N VAL A 47 8.34 9.65 17.40
CA VAL A 47 8.02 11.05 17.64
C VAL A 47 8.14 11.86 16.33
N GLU A 48 9.35 11.95 15.85
CA GLU A 48 9.68 12.68 14.62
C GLU A 48 10.95 12.06 14.08
N ASN A 49 11.09 10.82 14.37
CA ASN A 49 12.31 10.12 14.14
C ASN A 49 12.40 9.64 12.71
N PRO A 50 13.55 9.87 12.07
CA PRO A 50 13.81 9.37 10.70
C PRO A 50 13.76 7.83 10.68
N LYS A 51 13.87 7.24 11.86
CA LYS A 51 13.82 5.80 12.06
C LYS A 51 12.45 5.22 11.75
N GLN A 52 11.44 6.07 11.73
CA GLN A 52 10.07 5.63 11.45
C GLN A 52 9.96 5.21 10.00
N GLN A 53 10.82 5.81 9.18
CA GLN A 53 10.85 5.60 7.74
C GLN A 53 11.44 4.25 7.38
N GLN A 54 11.73 3.45 8.40
CA GLN A 54 12.24 2.09 8.24
C GLN A 54 11.32 1.28 7.33
N HIS A 55 10.03 1.44 7.54
CA HIS A 55 9.03 0.73 6.78
C HIS A 55 9.02 1.18 5.34
N LEU A 56 9.44 2.41 5.09
CA LEU A 56 9.48 2.94 3.76
C LEU A 56 10.64 2.32 3.03
N SER A 57 11.77 2.24 3.70
CA SER A 57 12.97 1.63 3.14
C SER A 57 12.71 0.17 2.72
N LEU A 58 11.80 -0.47 3.42
CA LEU A 58 11.44 -1.84 3.13
C LEU A 58 10.35 -1.89 2.04
N CYS A 59 9.27 -1.21 2.29
CA CYS A 59 8.08 -1.18 1.42
C CYS A 59 8.41 -0.60 0.05
N CYS A 60 9.09 0.56 0.02
CA CYS A 60 9.50 1.20 -1.25
C CYS A 60 10.39 0.27 -2.04
N ASN A 61 11.23 -0.47 -1.35
CA ASN A 61 12.17 -1.39 -2.01
C ASN A 61 11.42 -2.57 -2.58
N GLN A 62 10.42 -3.00 -1.87
CA GLN A 62 9.63 -4.12 -2.27
C GLN A 62 8.73 -3.76 -3.47
N LEU A 63 8.11 -2.60 -3.40
CA LEU A 63 7.20 -2.15 -4.45
C LEU A 63 7.95 -1.75 -5.71
N GLN A 64 9.18 -1.27 -5.55
CA GLN A 64 9.98 -0.78 -6.67
C GLN A 64 10.48 -1.91 -7.54
N GLU A 65 10.40 -3.12 -7.04
CA GLU A 65 10.81 -4.28 -7.79
C GLU A 65 9.70 -4.67 -8.75
N VAL A 66 8.53 -4.13 -8.49
CA VAL A 66 7.38 -4.30 -9.34
C VAL A 66 7.51 -3.31 -10.53
N GLU A 67 6.74 -3.55 -11.60
CA GLU A 67 6.72 -2.69 -12.79
C GLU A 67 6.51 -1.25 -12.41
N LYS A 68 7.12 -0.35 -13.16
CA LYS A 68 7.08 1.08 -12.87
C LYS A 68 5.67 1.63 -12.86
N GLN A 69 4.79 1.10 -13.67
CA GLN A 69 3.42 1.57 -13.70
C GLN A 69 2.64 0.96 -12.55
N CYS A 70 3.14 -0.14 -12.04
CA CYS A 70 2.45 -0.90 -11.04
C CYS A 70 2.96 -0.59 -9.64
N GLN A 71 4.10 0.10 -9.57
CA GLN A 71 4.67 0.56 -8.30
C GLN A 71 3.68 1.42 -7.56
N CYS A 72 3.07 2.36 -8.27
CA CYS A 72 2.11 3.21 -7.65
C CYS A 72 0.78 2.54 -7.51
N GLU A 73 0.54 1.54 -8.34
CA GLU A 73 -0.67 0.77 -8.22
C GLU A 73 -0.64 -0.02 -6.91
N ALA A 74 0.57 -0.48 -6.52
CA ALA A 74 0.80 -1.22 -5.28
C ALA A 74 0.42 -0.37 -4.08
N ILE A 75 0.48 0.94 -4.27
CA ILE A 75 0.17 1.89 -3.21
C ILE A 75 -1.32 1.92 -2.97
N LYS A 76 -2.08 1.60 -4.00
CA LYS A 76 -3.52 1.71 -3.91
C LYS A 76 -3.97 0.53 -3.10
N GLN A 77 -3.28 -0.53 -3.39
CA GLN A 77 -3.47 -1.82 -2.81
C GLN A 77 -3.28 -1.74 -1.32
N VAL A 78 -2.21 -1.03 -0.90
CA VAL A 78 -1.91 -0.89 0.52
C VAL A 78 -3.09 -0.27 1.23
N VAL A 79 -3.64 0.79 0.65
CA VAL A 79 -4.69 1.52 1.30
C VAL A 79 -5.91 0.66 1.37
N GLU A 80 -6.21 0.05 0.24
CA GLU A 80 -7.34 -0.80 0.09
C GLU A 80 -7.31 -1.90 1.12
N GLN A 81 -6.23 -2.67 1.14
CA GLN A 81 -6.12 -3.83 2.01
C GLN A 81 -6.03 -3.44 3.49
N ALA A 82 -5.45 -2.30 3.78
CA ALA A 82 -5.31 -1.87 5.15
C ALA A 82 -6.64 -1.38 5.71
N GLN A 83 -7.41 -0.68 4.91
CA GLN A 83 -8.65 -0.17 5.37
C GLN A 83 -9.70 -1.27 5.41
N LYS A 84 -9.67 -2.17 4.44
CA LYS A 84 -10.66 -3.23 4.34
C LYS A 84 -10.45 -4.26 5.44
N GLN A 85 -9.20 -4.44 5.87
CA GLN A 85 -8.92 -5.43 6.89
C GLN A 85 -9.52 -4.98 8.23
N LEU A 86 -9.61 -3.68 8.39
CA LEU A 86 -10.26 -3.09 9.56
C LEU A 86 -11.78 -2.91 9.34
N GLN A 87 -12.14 -2.42 8.16
CA GLN A 87 -13.53 -2.11 7.78
C GLN A 87 -14.43 -3.34 7.68
N GLN A 88 -13.84 -4.49 7.49
CA GLN A 88 -14.60 -5.74 7.36
C GLN A 88 -15.31 -6.14 8.64
N GLY A 89 -14.97 -5.50 9.73
CA GLY A 89 -15.64 -5.78 10.96
C GLY A 89 -14.70 -5.85 12.10
N GLN A 90 -14.14 -4.72 12.42
CA GLN A 90 -13.19 -4.60 13.50
C GLN A 90 -13.37 -3.24 14.14
N GLY A 91 -13.20 -2.25 13.32
CA GLY A 91 -13.20 -0.88 13.73
C GLY A 91 -11.99 -0.27 13.14
N GLY A 92 -11.26 0.50 13.91
CA GLY A 92 -9.98 0.98 13.48
C GLY A 92 -10.03 2.14 12.51
N GLN A 93 -11.01 2.17 11.65
CA GLN A 93 -11.16 3.18 10.59
C GLN A 93 -10.98 4.63 11.08
N GLN A 94 -11.32 4.89 12.32
CA GLN A 94 -11.14 6.23 12.87
C GLN A 94 -9.67 6.45 13.32
N GLN A 95 -9.11 5.46 13.97
CA GLN A 95 -7.79 5.57 14.56
C GLN A 95 -6.70 5.30 13.56
N VAL A 96 -6.91 4.26 12.80
CA VAL A 96 -6.01 3.82 11.74
C VAL A 96 -5.92 4.87 10.65
N GLN A 97 -6.95 5.72 10.55
CA GLN A 97 -7.02 6.75 9.50
C GLN A 97 -5.75 7.60 9.43
N GLN A 98 -5.30 8.05 10.58
CA GLN A 98 -4.13 8.92 10.70
C GLN A 98 -2.83 8.20 10.33
N MET A 99 -2.88 6.89 10.29
CA MET A 99 -1.69 6.13 9.98
C MET A 99 -1.76 5.70 8.54
N VAL A 100 -2.88 5.15 8.16
CA VAL A 100 -3.08 4.69 6.78
C VAL A 100 -2.94 5.85 5.77
N LYS A 101 -3.25 7.07 6.20
CA LYS A 101 -3.05 8.23 5.33
C LYS A 101 -1.58 8.39 4.87
N LYS A 102 -0.64 7.86 5.66
CA LYS A 102 0.77 7.88 5.32
C LYS A 102 1.04 7.05 4.07
N ALA A 103 0.22 6.04 3.85
CA ALA A 103 0.34 5.17 2.66
C ALA A 103 0.18 5.98 1.38
N GLN A 104 -0.58 7.04 1.46
CA GLN A 104 -0.86 7.88 0.31
C GLN A 104 0.37 8.72 -0.08
N MET A 105 1.32 8.79 0.82
CA MET A 105 2.53 9.58 0.60
C MET A 105 3.61 8.74 0.00
N LEU A 106 3.42 7.43 0.03
CA LEU A 106 4.40 6.47 -0.48
C LEU A 106 4.87 6.82 -1.90
N PRO A 107 3.95 7.11 -2.88
CA PRO A 107 4.34 7.49 -4.23
C PRO A 107 5.21 8.74 -4.27
N ASN A 108 5.08 9.61 -3.29
CA ASN A 108 5.83 10.80 -3.25
C ASN A 108 7.18 10.50 -2.64
N GLN A 109 7.18 9.75 -1.56
CA GLN A 109 8.38 9.45 -0.79
C GLN A 109 9.28 8.42 -1.49
N CYS A 110 8.68 7.61 -2.31
CA CYS A 110 9.39 6.56 -3.04
C CYS A 110 9.72 7.04 -4.46
N ASN A 111 9.18 8.21 -4.81
CA ASN A 111 9.30 8.81 -6.15
C ASN A 111 8.75 7.88 -7.20
N LEU A 112 7.48 7.68 -7.10
CA LEU A 112 6.72 6.87 -8.01
C LEU A 112 6.00 7.75 -9.02
N GLN A 113 5.63 7.16 -10.15
CA GLN A 113 4.96 7.85 -11.28
C GLN A 113 3.51 8.19 -10.98
N CYS A 114 3.25 8.52 -9.77
CA CYS A 114 1.93 8.74 -9.30
C CYS A 114 1.99 9.63 -8.07
N SER A 115 0.90 10.26 -7.76
CA SER A 115 0.78 11.09 -6.60
C SER A 115 -0.67 11.00 -6.13
N ILE A 116 -0.88 11.01 -4.83
CA ILE A 116 -2.22 10.89 -4.31
C ILE A 116 -2.71 12.25 -3.89
N GLY A 1 -0.75 -18.87 -15.06
CA GLY A 1 -0.58 -17.44 -15.30
C GLY A 1 -0.77 -17.14 -16.76
N ARG A 2 -0.83 -15.86 -17.11
CA ARG A 2 -0.95 -15.52 -18.51
C ARG A 2 0.38 -15.27 -19.09
N CYS A 3 0.67 -15.94 -20.14
CA CYS A 3 1.97 -15.91 -20.72
C CYS A 3 1.84 -15.47 -22.17
N THR A 4 2.83 -14.76 -22.65
CA THR A 4 2.86 -14.31 -24.02
C THR A 4 3.19 -15.49 -24.95
N LYS A 5 2.80 -15.38 -26.19
CA LYS A 5 3.12 -16.39 -27.17
C LYS A 5 4.51 -16.14 -27.73
N SER A 6 5.50 -16.36 -26.91
CA SER A 6 6.85 -16.15 -27.30
C SER A 6 7.73 -17.07 -26.48
N ILE A 7 8.94 -17.26 -26.90
CA ILE A 7 9.90 -18.09 -26.20
C ILE A 7 11.20 -17.31 -26.02
N PRO A 8 11.64 -17.07 -24.78
CA PRO A 8 10.94 -17.50 -23.55
C PRO A 8 9.62 -16.73 -23.35
N PRO A 9 8.59 -17.41 -22.82
CA PRO A 9 7.30 -16.80 -22.59
C PRO A 9 7.35 -15.81 -21.44
N ILE A 10 6.78 -14.67 -21.65
CA ILE A 10 6.74 -13.66 -20.64
C ILE A 10 5.44 -13.91 -19.94
N CYS A 11 5.49 -14.30 -18.73
CA CYS A 11 4.28 -14.69 -18.10
C CYS A 11 4.03 -13.89 -16.84
N PHE A 12 2.81 -13.46 -16.71
CA PHE A 12 2.35 -12.73 -15.59
C PHE A 12 2.13 -13.67 -14.42
N PRO A 13 2.28 -13.17 -13.18
CA PRO A 13 2.17 -13.99 -11.97
C PRO A 13 0.78 -14.63 -11.84
N ASP A 14 -0.20 -13.97 -12.40
CA ASP A 14 -1.56 -14.43 -12.38
C ASP A 14 -2.20 -14.19 -13.74
N GLY A 15 -2.46 -12.96 -14.04
CA GLY A 15 -2.95 -12.60 -15.34
C GLY A 15 -4.45 -12.56 -15.48
N LEU A 16 -5.17 -12.78 -14.42
CA LEU A 16 -6.60 -12.81 -14.54
C LEU A 16 -7.28 -11.85 -13.59
N ASP A 17 -6.60 -11.54 -12.53
CA ASP A 17 -7.09 -10.55 -11.59
C ASP A 17 -6.63 -9.19 -12.05
N ASN A 18 -7.56 -8.32 -12.32
CA ASN A 18 -7.25 -7.01 -12.84
C ASN A 18 -8.18 -5.97 -12.22
N PRO A 19 -7.87 -5.50 -10.99
CA PRO A 19 -8.73 -4.53 -10.29
C PRO A 19 -8.50 -3.10 -10.77
N ARG A 20 -7.36 -2.88 -11.36
CA ARG A 20 -7.03 -1.58 -11.93
C ARG A 20 -6.46 -1.87 -13.30
N GLY A 21 -5.35 -2.55 -13.26
CA GLY A 21 -4.63 -2.95 -14.43
C GLY A 21 -3.45 -3.71 -13.97
N CYS A 22 -2.65 -3.05 -13.23
CA CYS A 22 -1.55 -3.68 -12.58
C CYS A 22 -2.06 -4.49 -11.41
N GLN A 23 -1.66 -5.73 -11.36
CA GLN A 23 -1.97 -6.55 -10.24
C GLN A 23 -0.70 -6.71 -9.43
N ILE A 24 -0.75 -6.30 -8.21
CA ILE A 24 0.41 -6.39 -7.40
C ILE A 24 0.09 -7.37 -6.29
N ARG A 25 1.06 -8.15 -5.88
CA ARG A 25 0.86 -9.12 -4.85
C ARG A 25 0.57 -8.41 -3.54
N ILE A 26 -0.62 -8.62 -3.02
CA ILE A 26 -1.10 -7.91 -1.85
C ILE A 26 -0.34 -8.27 -0.61
N GLN A 27 0.38 -9.35 -0.69
CA GLN A 27 1.11 -9.83 0.44
C GLN A 27 2.46 -9.16 0.56
N GLN A 28 2.85 -8.40 -0.45
CA GLN A 28 4.09 -7.67 -0.35
C GLN A 28 3.79 -6.33 0.33
N LEU A 29 2.52 -5.93 0.27
CA LEU A 29 2.09 -4.69 0.87
C LEU A 29 1.69 -4.92 2.27
N ASN A 30 1.70 -6.18 2.66
CA ASN A 30 1.33 -6.61 4.00
C ASN A 30 2.14 -5.85 5.05
N HIS A 31 3.38 -5.48 4.73
CA HIS A 31 4.21 -4.75 5.68
C HIS A 31 3.64 -3.36 5.90
N CYS A 32 3.51 -2.59 4.81
CA CYS A 32 2.95 -1.23 4.86
C CYS A 32 1.59 -1.27 5.52
N GLN A 33 0.76 -2.18 5.04
CA GLN A 33 -0.53 -2.46 5.57
C GLN A 33 -0.50 -2.69 7.11
N MET A 34 0.27 -3.67 7.57
CA MET A 34 0.28 -4.02 8.98
C MET A 34 0.89 -2.94 9.83
N HIS A 35 1.98 -2.36 9.39
CA HIS A 35 2.64 -1.29 10.14
C HIS A 35 1.81 -0.02 10.24
N LEU A 36 0.96 0.20 9.27
CA LEU A 36 0.08 1.36 9.31
C LEU A 36 -1.23 1.07 10.05
N THR A 37 -1.68 -0.17 10.04
CA THR A 37 -2.90 -0.49 10.76
C THR A 37 -2.61 -0.82 12.24
N SER A 38 -1.33 -0.99 12.56
CA SER A 38 -0.94 -1.32 13.90
C SER A 38 -0.69 -0.11 14.77
N PHE A 39 -1.40 -0.03 15.84
CA PHE A 39 -1.11 0.91 16.87
C PHE A 39 -0.56 0.13 18.01
N ASP A 40 0.74 0.17 18.14
CA ASP A 40 1.39 -0.64 19.12
C ASP A 40 1.32 0.04 20.49
N TYR A 41 1.75 -0.65 21.49
CA TYR A 41 1.59 -0.24 22.86
C TYR A 41 2.87 0.28 23.46
N LYS A 42 4.00 -0.26 23.01
CA LYS A 42 5.26 0.13 23.63
C LYS A 42 5.85 1.37 22.99
N LEU A 43 5.10 1.95 22.08
CA LEU A 43 5.49 3.18 21.40
C LEU A 43 5.54 4.34 22.38
N ARG A 44 6.69 4.56 22.96
CA ARG A 44 6.87 5.66 23.89
C ARG A 44 7.94 6.58 23.38
N MET A 45 8.93 5.99 22.77
CA MET A 45 10.09 6.68 22.25
C MET A 45 9.98 6.77 20.74
N ALA A 46 8.85 6.32 20.24
CA ALA A 46 8.62 6.27 18.83
C ALA A 46 7.29 6.94 18.48
N VAL A 47 7.38 8.18 18.12
CA VAL A 47 6.25 8.95 17.64
C VAL A 47 6.59 9.32 16.20
N GLU A 48 7.64 10.09 16.06
CA GLU A 48 8.24 10.40 14.78
C GLU A 48 9.71 10.09 14.97
N ASN A 49 10.09 8.93 14.53
CA ASN A 49 11.42 8.42 14.81
C ASN A 49 11.99 7.78 13.56
N PRO A 50 13.29 8.02 13.24
CA PRO A 50 13.94 7.45 12.06
C PRO A 50 13.86 5.92 11.98
N LYS A 51 13.76 5.28 13.12
CA LYS A 51 13.66 3.82 13.17
C LYS A 51 12.27 3.35 12.84
N GLN A 52 11.33 4.26 12.85
CA GLN A 52 9.96 3.97 12.47
C GLN A 52 9.83 4.06 10.97
N GLN A 53 10.80 4.71 10.34
CA GLN A 53 10.81 4.89 8.90
C GLN A 53 11.30 3.61 8.22
N GLN A 54 11.62 2.62 9.06
CA GLN A 54 12.07 1.29 8.64
C GLN A 54 11.09 0.69 7.63
N HIS A 55 9.81 0.89 7.90
CA HIS A 55 8.76 0.33 7.09
C HIS A 55 8.76 0.91 5.68
N LEU A 56 9.29 2.12 5.53
CA LEU A 56 9.31 2.75 4.24
C LEU A 56 10.46 2.20 3.46
N SER A 57 11.59 2.04 4.11
CA SER A 57 12.78 1.50 3.49
C SER A 57 12.51 0.09 2.94
N LEU A 58 11.65 -0.63 3.61
CA LEU A 58 11.29 -1.96 3.21
C LEU A 58 10.19 -1.92 2.15
N CYS A 59 9.13 -1.19 2.44
CA CYS A 59 7.95 -1.11 1.56
C CYS A 59 8.30 -0.50 0.20
N CYS A 60 8.99 0.66 0.21
CA CYS A 60 9.43 1.32 -1.03
C CYS A 60 10.29 0.40 -1.85
N ASN A 61 11.14 -0.36 -1.17
CA ASN A 61 12.08 -1.26 -1.85
C ASN A 61 11.35 -2.45 -2.41
N GLN A 62 10.29 -2.83 -1.78
CA GLN A 62 9.50 -3.95 -2.18
C GLN A 62 8.62 -3.58 -3.37
N LEU A 63 8.03 -2.42 -3.29
CA LEU A 63 7.13 -1.97 -4.31
C LEU A 63 7.90 -1.59 -5.58
N GLN A 64 9.10 -1.07 -5.41
CA GLN A 64 9.92 -0.60 -6.52
C GLN A 64 10.45 -1.76 -7.36
N GLU A 65 10.34 -2.97 -6.85
CA GLU A 65 10.76 -4.13 -7.59
C GLU A 65 9.66 -4.60 -8.53
N VAL A 66 8.50 -4.00 -8.36
CA VAL A 66 7.36 -4.17 -9.24
C VAL A 66 7.55 -3.21 -10.43
N GLU A 67 6.83 -3.42 -11.52
CA GLU A 67 6.87 -2.54 -12.70
C GLU A 67 6.67 -1.09 -12.31
N LYS A 68 7.39 -0.20 -12.98
CA LYS A 68 7.36 1.24 -12.65
C LYS A 68 5.96 1.84 -12.70
N GLN A 69 5.13 1.35 -13.59
CA GLN A 69 3.77 1.87 -13.70
C GLN A 69 2.88 1.27 -12.61
N CYS A 70 3.30 0.15 -12.09
CA CYS A 70 2.54 -0.62 -11.13
C CYS A 70 3.02 -0.37 -9.69
N GLN A 71 4.16 0.29 -9.56
CA GLN A 71 4.73 0.67 -8.26
C GLN A 71 3.78 1.53 -7.47
N CYS A 72 3.18 2.50 -8.14
CA CYS A 72 2.23 3.34 -7.49
C CYS A 72 0.88 2.66 -7.35
N GLU A 73 0.64 1.70 -8.19
CA GLU A 73 -0.58 0.94 -8.14
C GLU A 73 -0.62 0.07 -6.89
N ALA A 74 0.57 -0.39 -6.49
CA ALA A 74 0.75 -1.18 -5.29
C ALA A 74 0.30 -0.39 -4.07
N ILE A 75 0.40 0.93 -4.18
CA ILE A 75 0.07 1.85 -3.11
C ILE A 75 -1.44 1.88 -2.91
N LYS A 76 -2.16 1.75 -4.03
CA LYS A 76 -3.61 1.84 -4.01
C LYS A 76 -4.10 0.68 -3.19
N GLN A 77 -3.48 -0.46 -3.49
CA GLN A 77 -3.81 -1.73 -2.90
C GLN A 77 -3.66 -1.67 -1.41
N VAL A 78 -2.53 -1.08 -0.93
CA VAL A 78 -2.24 -1.01 0.51
C VAL A 78 -3.41 -0.40 1.24
N VAL A 79 -3.94 0.67 0.68
CA VAL A 79 -5.00 1.39 1.33
C VAL A 79 -6.22 0.54 1.37
N GLU A 80 -6.56 0.00 0.22
CA GLU A 80 -7.77 -0.78 0.07
C GLU A 80 -7.77 -2.02 0.93
N GLN A 81 -6.64 -2.68 1.05
CA GLN A 81 -6.55 -3.89 1.83
C GLN A 81 -6.46 -3.58 3.34
N ALA A 82 -5.84 -2.48 3.68
CA ALA A 82 -5.67 -2.11 5.08
C ALA A 82 -6.98 -1.56 5.67
N GLN A 83 -7.75 -0.87 4.87
CA GLN A 83 -8.99 -0.29 5.35
C GLN A 83 -10.05 -1.38 5.47
N LYS A 84 -10.02 -2.33 4.54
CA LYS A 84 -11.02 -3.37 4.50
C LYS A 84 -10.82 -4.36 5.62
N GLN A 85 -9.58 -4.58 6.02
CA GLN A 85 -9.27 -5.53 7.07
C GLN A 85 -9.78 -5.01 8.41
N LEU A 86 -9.65 -3.71 8.62
CA LEU A 86 -10.12 -3.10 9.85
C LEU A 86 -11.64 -2.97 9.83
N GLN A 87 -12.17 -2.76 8.64
CA GLN A 87 -13.59 -2.64 8.40
C GLN A 87 -14.32 -3.92 8.81
N GLN A 88 -13.73 -5.05 8.45
CA GLN A 88 -14.34 -6.36 8.70
C GLN A 88 -13.94 -6.89 10.06
N GLY A 89 -13.10 -6.15 10.72
CA GLY A 89 -12.61 -6.56 11.99
C GLY A 89 -13.33 -5.95 13.15
N GLN A 90 -12.98 -4.74 13.48
CA GLN A 90 -13.50 -4.09 14.68
C GLN A 90 -13.92 -2.65 14.45
N GLY A 91 -13.36 -2.06 13.45
CA GLY A 91 -13.50 -0.65 13.24
C GLY A 91 -12.14 -0.16 12.96
N GLY A 92 -11.70 0.86 13.66
CA GLY A 92 -10.34 1.30 13.51
C GLY A 92 -10.10 2.15 12.28
N GLN A 93 -10.98 2.04 11.32
CA GLN A 93 -10.88 2.70 10.02
C GLN A 93 -10.61 4.21 10.18
N GLN A 94 -11.24 4.78 11.19
CA GLN A 94 -11.13 6.20 11.48
C GLN A 94 -9.82 6.54 12.21
N GLN A 95 -9.37 5.67 13.09
CA GLN A 95 -8.16 5.92 13.85
C GLN A 95 -6.95 5.58 13.01
N VAL A 96 -7.05 4.47 12.34
CA VAL A 96 -6.03 3.97 11.44
C VAL A 96 -5.85 4.94 10.27
N GLN A 97 -6.90 5.72 9.97
CA GLN A 97 -6.88 6.69 8.87
C GLN A 97 -5.63 7.58 8.91
N GLN A 98 -5.29 8.06 10.08
CA GLN A 98 -4.16 8.97 10.24
C GLN A 98 -2.82 8.27 9.99
N MET A 99 -2.81 6.97 10.04
CA MET A 99 -1.59 6.23 9.83
C MET A 99 -1.56 5.75 8.42
N VAL A 100 -2.66 5.17 7.98
CA VAL A 100 -2.76 4.68 6.61
C VAL A 100 -2.64 5.82 5.59
N LYS A 101 -2.96 7.06 5.99
CA LYS A 101 -2.77 8.21 5.12
C LYS A 101 -1.29 8.44 4.78
N LYS A 102 -0.40 7.90 5.60
CA LYS A 102 1.04 7.94 5.31
C LYS A 102 1.33 7.12 4.06
N ALA A 103 0.51 6.10 3.83
CA ALA A 103 0.66 5.24 2.64
C ALA A 103 0.42 6.04 1.37
N GLN A 104 -0.31 7.13 1.50
CA GLN A 104 -0.62 7.96 0.35
C GLN A 104 0.60 8.79 -0.04
N MET A 105 1.55 8.88 0.87
CA MET A 105 2.75 9.64 0.61
C MET A 105 3.78 8.79 -0.06
N LEU A 106 3.56 7.48 -0.02
CA LEU A 106 4.51 6.50 -0.58
C LEU A 106 4.93 6.85 -2.01
N PRO A 107 3.98 7.14 -2.95
CA PRO A 107 4.33 7.53 -4.31
C PRO A 107 5.13 8.84 -4.37
N ASN A 108 5.01 9.67 -3.37
CA ASN A 108 5.71 10.90 -3.33
C ASN A 108 7.12 10.65 -2.81
N GLN A 109 7.19 9.87 -1.73
CA GLN A 109 8.45 9.60 -1.02
C GLN A 109 9.34 8.63 -1.80
N CYS A 110 8.72 7.65 -2.40
CA CYS A 110 9.46 6.60 -3.12
C CYS A 110 9.72 7.07 -4.56
N ASN A 111 9.18 8.26 -4.87
CA ASN A 111 9.28 8.91 -6.18
C ASN A 111 8.72 7.99 -7.26
N LEU A 112 7.45 7.72 -7.11
CA LEU A 112 6.73 6.83 -8.01
C LEU A 112 6.02 7.62 -9.10
N GLN A 113 5.67 6.92 -10.19
CA GLN A 113 4.99 7.51 -11.40
C GLN A 113 3.55 7.99 -11.13
N CYS A 114 3.32 8.39 -9.94
CA CYS A 114 2.06 8.80 -9.45
C CYS A 114 2.33 9.76 -8.30
N SER A 115 1.53 10.75 -8.16
CA SER A 115 1.71 11.73 -7.12
C SER A 115 0.39 11.98 -6.42
N ILE A 116 0.33 11.67 -5.16
CA ILE A 116 -0.86 11.91 -4.37
C ILE A 116 -0.67 13.23 -3.68
N GLY A 1 -8.48 -18.48 -14.16
CA GLY A 1 -8.86 -18.03 -12.82
C GLY A 1 -9.56 -19.11 -12.05
N ARG A 2 -8.86 -19.75 -11.15
CA ARG A 2 -9.47 -20.77 -10.31
C ARG A 2 -9.88 -20.14 -9.01
N CYS A 3 -10.89 -20.67 -8.39
CA CYS A 3 -11.36 -20.17 -7.13
C CYS A 3 -11.88 -21.33 -6.34
N THR A 4 -11.99 -21.15 -5.08
CA THR A 4 -12.45 -22.19 -4.21
C THR A 4 -13.97 -22.20 -4.16
N LYS A 5 -14.53 -23.33 -3.81
CA LYS A 5 -15.94 -23.44 -3.66
C LYS A 5 -16.29 -23.06 -2.26
N SER A 6 -16.28 -21.80 -2.02
CA SER A 6 -16.56 -21.28 -0.73
C SER A 6 -17.25 -19.95 -0.86
N ILE A 7 -17.92 -19.51 0.17
CA ILE A 7 -18.53 -18.20 0.19
C ILE A 7 -18.11 -17.47 1.47
N PRO A 8 -17.29 -16.40 1.39
CA PRO A 8 -16.75 -15.87 0.12
C PRO A 8 -15.66 -16.78 -0.45
N PRO A 9 -15.59 -16.90 -1.77
CA PRO A 9 -14.62 -17.76 -2.44
C PRO A 9 -13.20 -17.19 -2.38
N ILE A 10 -12.23 -18.06 -2.49
CA ILE A 10 -10.84 -17.69 -2.44
C ILE A 10 -10.30 -17.91 -3.83
N CYS A 11 -9.95 -16.88 -4.53
CA CYS A 11 -9.56 -17.05 -5.89
C CYS A 11 -8.07 -16.96 -6.02
N PHE A 12 -7.53 -17.75 -6.89
CA PHE A 12 -6.11 -17.85 -7.06
C PHE A 12 -5.63 -17.00 -8.21
N PRO A 13 -4.35 -16.56 -8.16
CA PRO A 13 -3.72 -15.74 -9.23
C PRO A 13 -3.30 -16.64 -10.41
N ASP A 14 -4.23 -17.49 -10.77
CA ASP A 14 -4.11 -18.50 -11.80
C ASP A 14 -3.78 -17.89 -13.14
N GLY A 15 -4.56 -16.95 -13.55
CA GLY A 15 -4.32 -16.28 -14.80
C GLY A 15 -3.78 -14.90 -14.55
N LEU A 16 -4.36 -14.23 -13.61
CA LEU A 16 -4.03 -12.91 -13.24
C LEU A 16 -4.68 -12.61 -11.91
N ASP A 17 -4.33 -11.53 -11.31
CA ASP A 17 -4.99 -11.08 -10.08
C ASP A 17 -5.17 -9.57 -10.10
N ASN A 18 -5.09 -8.99 -11.30
CA ASN A 18 -5.24 -7.54 -11.47
C ASN A 18 -6.67 -7.11 -11.28
N PRO A 19 -6.94 -6.26 -10.29
CA PRO A 19 -8.26 -5.74 -10.07
C PRO A 19 -8.65 -4.67 -11.08
N ARG A 20 -7.65 -4.03 -11.66
CA ARG A 20 -7.89 -3.06 -12.71
C ARG A 20 -6.96 -3.35 -13.83
N GLY A 21 -5.71 -3.22 -13.54
CA GLY A 21 -4.72 -3.41 -14.56
C GLY A 21 -3.45 -3.93 -13.99
N CYS A 22 -2.97 -3.25 -13.02
CA CYS A 22 -1.80 -3.68 -12.35
C CYS A 22 -2.14 -4.67 -11.27
N GLN A 23 -1.46 -5.77 -11.30
CA GLN A 23 -1.62 -6.80 -10.33
C GLN A 23 -0.42 -6.81 -9.40
N ILE A 24 -0.61 -6.29 -8.25
CA ILE A 24 0.47 -6.25 -7.32
C ILE A 24 0.18 -7.23 -6.25
N ARG A 25 1.15 -8.04 -5.92
CA ARG A 25 1.01 -9.08 -4.95
C ARG A 25 0.80 -8.49 -3.57
N ILE A 26 -0.31 -8.82 -2.95
CA ILE A 26 -0.65 -8.30 -1.64
C ILE A 26 0.33 -8.73 -0.57
N GLN A 27 1.10 -9.75 -0.89
CA GLN A 27 2.08 -10.29 0.03
C GLN A 27 3.29 -9.37 0.13
N GLN A 28 3.35 -8.38 -0.73
CA GLN A 28 4.44 -7.48 -0.66
C GLN A 28 4.03 -6.22 0.10
N LEU A 29 2.73 -6.00 0.22
CA LEU A 29 2.23 -4.80 0.91
C LEU A 29 1.83 -5.10 2.30
N ASN A 30 1.90 -6.36 2.65
CA ASN A 30 1.50 -6.82 3.98
C ASN A 30 2.21 -6.07 5.08
N HIS A 31 3.44 -5.66 4.85
CA HIS A 31 4.22 -4.96 5.87
C HIS A 31 3.61 -3.59 6.09
N CYS A 32 3.50 -2.81 5.02
CA CYS A 32 2.91 -1.48 5.06
C CYS A 32 1.51 -1.55 5.64
N GLN A 33 0.71 -2.45 5.11
CA GLN A 33 -0.62 -2.69 5.59
C GLN A 33 -0.67 -2.94 7.11
N MET A 34 0.07 -3.93 7.59
CA MET A 34 -0.02 -4.30 9.00
C MET A 34 0.56 -3.24 9.90
N HIS A 35 1.66 -2.66 9.51
CA HIS A 35 2.28 -1.64 10.32
C HIS A 35 1.53 -0.32 10.31
N LEU A 36 0.75 -0.06 9.29
CA LEU A 36 -0.03 1.15 9.26
C LEU A 36 -1.38 0.98 9.92
N THR A 37 -1.84 -0.23 10.02
CA THR A 37 -3.09 -0.42 10.70
C THR A 37 -2.89 -0.56 12.20
N SER A 38 -1.70 -0.92 12.57
CA SER A 38 -1.33 -1.10 13.93
C SER A 38 -0.81 0.19 14.58
N PHE A 39 -1.43 0.61 15.65
CA PHE A 39 -0.90 1.70 16.42
C PHE A 39 0.14 1.14 17.36
N ASP A 40 1.37 1.32 16.96
CA ASP A 40 2.50 0.77 17.68
C ASP A 40 2.79 1.56 18.95
N TYR A 41 3.76 1.13 19.69
CA TYR A 41 4.03 1.67 20.99
C TYR A 41 5.13 2.70 21.01
N LYS A 42 6.16 2.48 20.22
CA LYS A 42 7.33 3.35 20.24
C LYS A 42 7.06 4.65 19.48
N LEU A 43 5.82 4.80 19.04
CA LEU A 43 5.34 5.99 18.37
C LEU A 43 5.11 7.10 19.38
N ARG A 44 5.22 6.74 20.64
CA ARG A 44 5.09 7.65 21.77
C ARG A 44 6.05 8.84 21.68
N MET A 45 7.19 8.62 21.05
CA MET A 45 8.18 9.68 20.88
C MET A 45 8.42 9.92 19.40
N ALA A 46 7.47 9.54 18.59
CA ALA A 46 7.62 9.68 17.17
C ALA A 46 6.37 10.26 16.53
N VAL A 47 6.36 11.55 16.34
CA VAL A 47 5.26 12.21 15.66
C VAL A 47 5.54 12.08 14.17
N GLU A 48 6.66 12.66 13.79
CA GLU A 48 7.21 12.58 12.45
C GLU A 48 8.71 12.43 12.59
N ASN A 49 9.15 11.20 12.73
CA ASN A 49 10.56 10.92 12.98
C ASN A 49 11.08 10.05 11.87
N PRO A 50 12.39 10.16 11.55
CA PRO A 50 13.01 9.38 10.46
C PRO A 50 12.94 7.88 10.69
N LYS A 51 12.80 7.46 11.94
CA LYS A 51 12.68 6.05 12.28
C LYS A 51 11.42 5.44 11.73
N GLN A 52 10.41 6.27 11.47
CA GLN A 52 9.15 5.77 10.96
C GLN A 52 9.30 5.25 9.55
N GLN A 53 10.23 5.80 8.78
CA GLN A 53 10.37 5.38 7.40
C GLN A 53 11.16 4.08 7.29
N GLN A 54 11.37 3.39 8.40
CA GLN A 54 12.04 2.10 8.40
C GLN A 54 11.22 1.10 7.55
N HIS A 55 9.91 1.07 7.79
CA HIS A 55 9.01 0.21 7.06
C HIS A 55 8.83 0.72 5.65
N LEU A 56 9.11 1.98 5.45
CA LEU A 56 9.04 2.61 4.15
C LEU A 56 10.22 2.14 3.34
N SER A 57 11.39 2.10 3.96
CA SER A 57 12.60 1.62 3.30
C SER A 57 12.38 0.19 2.80
N LEU A 58 11.62 -0.59 3.54
CA LEU A 58 11.32 -1.96 3.16
C LEU A 58 10.22 -1.99 2.07
N CYS A 59 9.13 -1.31 2.35
CA CYS A 59 7.95 -1.26 1.48
C CYS A 59 8.28 -0.62 0.12
N CYS A 60 8.92 0.55 0.14
CA CYS A 60 9.35 1.28 -1.07
C CYS A 60 10.27 0.40 -1.90
N ASN A 61 11.12 -0.35 -1.24
CA ASN A 61 12.09 -1.21 -1.94
C ASN A 61 11.40 -2.43 -2.52
N GLN A 62 10.31 -2.79 -1.92
CA GLN A 62 9.57 -3.94 -2.36
C GLN A 62 8.64 -3.57 -3.53
N LEU A 63 7.98 -2.44 -3.43
CA LEU A 63 7.05 -2.00 -4.45
C LEU A 63 7.80 -1.62 -5.73
N GLN A 64 9.04 -1.19 -5.56
CA GLN A 64 9.86 -0.73 -6.68
C GLN A 64 10.37 -1.91 -7.50
N GLU A 65 10.13 -3.10 -7.01
CA GLU A 65 10.49 -4.31 -7.71
C GLU A 65 9.38 -4.65 -8.72
N VAL A 66 8.27 -3.96 -8.57
CA VAL A 66 7.10 -4.09 -9.46
C VAL A 66 7.27 -3.07 -10.63
N GLU A 67 6.48 -3.26 -11.71
CA GLU A 67 6.40 -2.30 -12.84
C GLU A 67 6.26 -0.86 -12.34
N LYS A 68 6.86 0.08 -13.05
CA LYS A 68 6.87 1.47 -12.62
C LYS A 68 5.47 2.10 -12.54
N GLN A 69 4.59 1.67 -13.41
CA GLN A 69 3.20 2.18 -13.39
C GLN A 69 2.43 1.52 -12.23
N CYS A 70 2.89 0.36 -11.84
CA CYS A 70 2.22 -0.44 -10.87
C CYS A 70 2.78 -0.19 -9.47
N GLN A 71 3.93 0.47 -9.40
CA GLN A 71 4.54 0.89 -8.13
C GLN A 71 3.57 1.73 -7.34
N CYS A 72 2.93 2.65 -8.01
CA CYS A 72 1.97 3.49 -7.36
C CYS A 72 0.65 2.79 -7.18
N GLU A 73 0.42 1.81 -8.01
CA GLU A 73 -0.78 1.01 -7.89
C GLU A 73 -0.71 0.15 -6.64
N ALA A 74 0.50 -0.25 -6.28
CA ALA A 74 0.77 -1.02 -5.09
C ALA A 74 0.38 -0.24 -3.85
N ILE A 75 0.40 1.06 -3.98
CA ILE A 75 0.09 1.96 -2.91
C ILE A 75 -1.40 1.93 -2.63
N LYS A 76 -2.15 1.68 -3.69
CA LYS A 76 -3.59 1.72 -3.59
C LYS A 76 -4.00 0.51 -2.85
N GLN A 77 -3.32 -0.54 -3.20
CA GLN A 77 -3.48 -1.85 -2.66
C GLN A 77 -3.28 -1.85 -1.19
N VAL A 78 -2.26 -1.11 -0.72
CA VAL A 78 -1.97 -1.06 0.70
C VAL A 78 -3.18 -0.53 1.43
N VAL A 79 -3.75 0.55 0.90
CA VAL A 79 -4.85 1.21 1.56
C VAL A 79 -6.07 0.32 1.50
N GLU A 80 -6.25 -0.28 0.35
CA GLU A 80 -7.36 -1.14 0.05
C GLU A 80 -7.41 -2.33 1.01
N GLN A 81 -6.28 -2.99 1.20
CA GLN A 81 -6.22 -4.16 2.07
C GLN A 81 -6.22 -3.75 3.55
N ALA A 82 -5.59 -2.64 3.85
CA ALA A 82 -5.48 -2.16 5.22
C ALA A 82 -6.82 -1.67 5.75
N GLN A 83 -7.61 -1.07 4.90
CA GLN A 83 -8.89 -0.59 5.35
C GLN A 83 -9.88 -1.72 5.44
N LYS A 84 -9.79 -2.67 4.51
CA LYS A 84 -10.75 -3.76 4.48
C LYS A 84 -10.54 -4.69 5.66
N GLN A 85 -9.31 -4.79 6.13
CA GLN A 85 -9.02 -5.65 7.24
C GLN A 85 -9.61 -5.06 8.52
N LEU A 86 -9.53 -3.75 8.63
CA LEU A 86 -10.07 -3.05 9.77
C LEU A 86 -11.57 -2.91 9.69
N GLN A 87 -12.08 -2.72 8.48
CA GLN A 87 -13.52 -2.62 8.22
C GLN A 87 -14.27 -3.85 8.68
N GLN A 88 -13.71 -5.02 8.41
CA GLN A 88 -14.36 -6.27 8.79
C GLN A 88 -14.08 -6.58 10.26
N GLY A 89 -13.10 -5.89 10.81
CA GLY A 89 -12.71 -6.09 12.17
C GLY A 89 -13.55 -5.29 13.13
N GLN A 90 -13.14 -4.07 13.40
CA GLN A 90 -13.83 -3.24 14.41
C GLN A 90 -14.25 -1.89 13.83
N GLY A 91 -13.64 -1.53 12.75
CA GLY A 91 -13.79 -0.20 12.20
C GLY A 91 -12.43 0.33 12.00
N GLY A 92 -11.99 1.23 12.86
CA GLY A 92 -10.62 1.64 12.87
C GLY A 92 -10.21 2.56 11.76
N GLN A 93 -10.81 2.44 10.59
CA GLN A 93 -10.50 3.24 9.39
C GLN A 93 -10.41 4.73 9.70
N GLN A 94 -11.23 5.18 10.64
CA GLN A 94 -11.25 6.57 11.08
C GLN A 94 -9.97 6.93 11.87
N GLN A 95 -9.55 6.06 12.77
CA GLN A 95 -8.42 6.31 13.63
C GLN A 95 -7.13 5.98 12.90
N VAL A 96 -7.14 4.81 12.30
CA VAL A 96 -6.04 4.25 11.51
C VAL A 96 -5.70 5.18 10.35
N GLN A 97 -6.68 6.00 9.95
CA GLN A 97 -6.53 6.99 8.86
C GLN A 97 -5.20 7.73 8.91
N GLN A 98 -4.82 8.19 10.10
CA GLN A 98 -3.59 8.96 10.26
C GLN A 98 -2.32 8.14 10.02
N MET A 99 -2.45 6.85 10.06
CA MET A 99 -1.32 5.97 9.84
C MET A 99 -1.39 5.42 8.43
N VAL A 100 -2.55 4.95 8.05
CA VAL A 100 -2.73 4.42 6.70
C VAL A 100 -2.55 5.51 5.63
N LYS A 101 -2.77 6.78 6.00
CA LYS A 101 -2.51 7.89 5.08
C LYS A 101 -1.03 7.94 4.69
N LYS A 102 -0.16 7.40 5.55
CA LYS A 102 1.26 7.40 5.28
C LYS A 102 1.54 6.56 4.05
N ALA A 103 0.70 5.55 3.82
CA ALA A 103 0.79 4.71 2.63
C ALA A 103 0.61 5.56 1.39
N GLN A 104 -0.29 6.53 1.47
CA GLN A 104 -0.63 7.41 0.37
C GLN A 104 0.49 8.40 0.11
N MET A 105 1.39 8.56 1.07
CA MET A 105 2.54 9.44 0.90
C MET A 105 3.64 8.72 0.15
N LEU A 106 3.60 7.40 0.17
CA LEU A 106 4.59 6.53 -0.49
C LEU A 106 4.92 6.93 -1.93
N PRO A 107 3.93 7.22 -2.83
CA PRO A 107 4.23 7.63 -4.19
C PRO A 107 5.01 8.92 -4.25
N ASN A 108 4.92 9.73 -3.21
CA ASN A 108 5.63 10.95 -3.20
C ASN A 108 7.02 10.72 -2.61
N GLN A 109 7.07 9.94 -1.53
CA GLN A 109 8.32 9.67 -0.80
C GLN A 109 9.24 8.70 -1.56
N CYS A 110 8.67 7.73 -2.22
CA CYS A 110 9.43 6.73 -2.96
C CYS A 110 9.65 7.23 -4.38
N ASN A 111 9.05 8.41 -4.68
CA ASN A 111 9.08 9.05 -5.99
C ASN A 111 8.58 8.11 -7.06
N LEU A 112 7.35 7.77 -6.91
CA LEU A 112 6.67 6.88 -7.81
C LEU A 112 5.96 7.69 -8.85
N GLN A 113 5.65 7.07 -9.96
CA GLN A 113 5.03 7.72 -11.14
C GLN A 113 3.57 8.15 -10.91
N CYS A 114 3.29 8.56 -9.73
CA CYS A 114 2.00 8.92 -9.27
C CYS A 114 2.18 9.83 -8.06
N SER A 115 1.21 10.64 -7.76
CA SER A 115 1.29 11.51 -6.62
C SER A 115 -0.07 11.61 -5.97
N ILE A 116 -0.13 11.24 -4.73
CA ILE A 116 -1.34 11.34 -3.97
C ILE A 116 -1.22 12.57 -3.11
N GLY A 1 -1.63 -19.52 -12.51
CA GLY A 1 -2.63 -18.48 -12.36
C GLY A 1 -3.66 -18.85 -11.33
N ARG A 2 -4.75 -18.10 -11.29
CA ARG A 2 -5.83 -18.36 -10.33
C ARG A 2 -6.57 -19.59 -10.75
N CYS A 3 -7.00 -20.35 -9.79
CA CYS A 3 -7.68 -21.59 -10.06
C CYS A 3 -8.92 -21.72 -9.18
N THR A 4 -9.81 -22.58 -9.57
CA THR A 4 -10.99 -22.87 -8.80
C THR A 4 -10.70 -24.03 -7.85
N LYS A 5 -11.45 -24.15 -6.79
CA LYS A 5 -11.29 -25.25 -5.87
C LYS A 5 -12.12 -26.42 -6.36
N SER A 6 -11.66 -27.02 -7.42
CA SER A 6 -12.28 -28.15 -8.02
C SER A 6 -11.19 -29.04 -8.58
N ILE A 7 -11.48 -30.29 -8.79
CA ILE A 7 -10.53 -31.20 -9.37
C ILE A 7 -11.18 -31.93 -10.55
N PRO A 8 -10.67 -31.75 -11.78
CA PRO A 8 -9.50 -30.90 -12.09
C PRO A 8 -9.83 -29.39 -11.95
N PRO A 9 -8.86 -28.58 -11.51
CA PRO A 9 -9.06 -27.15 -11.29
C PRO A 9 -9.20 -26.37 -12.58
N ILE A 10 -10.00 -25.35 -12.53
CA ILE A 10 -10.20 -24.47 -13.64
C ILE A 10 -9.29 -23.29 -13.40
N CYS A 11 -8.25 -23.18 -14.17
CA CYS A 11 -7.29 -22.14 -13.96
C CYS A 11 -7.35 -21.07 -15.03
N PHE A 12 -7.30 -19.84 -14.59
CA PHE A 12 -7.32 -18.69 -15.44
C PHE A 12 -5.89 -18.34 -15.83
N PRO A 13 -5.71 -17.66 -17.01
CA PRO A 13 -4.38 -17.28 -17.55
C PRO A 13 -3.36 -16.87 -16.47
N ASP A 14 -3.70 -15.88 -15.67
CA ASP A 14 -2.82 -15.48 -14.58
C ASP A 14 -3.61 -14.86 -13.46
N GLY A 15 -4.22 -13.76 -13.74
CA GLY A 15 -4.93 -13.02 -12.76
C GLY A 15 -5.95 -12.16 -13.43
N LEU A 16 -7.17 -12.55 -13.29
CA LEU A 16 -8.27 -11.84 -13.89
C LEU A 16 -8.72 -10.66 -13.02
N ASP A 17 -8.26 -10.62 -11.80
CA ASP A 17 -8.63 -9.55 -10.89
C ASP A 17 -7.55 -8.48 -10.81
N ASN A 18 -7.71 -7.47 -11.60
CA ASN A 18 -6.83 -6.33 -11.57
C ASN A 18 -7.63 -5.04 -11.46
N PRO A 19 -8.03 -4.68 -10.21
CA PRO A 19 -8.92 -3.53 -9.94
C PRO A 19 -8.29 -2.18 -10.28
N ARG A 20 -6.99 -2.13 -10.23
CA ARG A 20 -6.28 -0.90 -10.50
C ARG A 20 -5.86 -0.92 -11.95
N GLY A 21 -5.22 -2.00 -12.29
CA GLY A 21 -4.74 -2.22 -13.61
C GLY A 21 -3.60 -3.14 -13.51
N CYS A 22 -2.67 -2.73 -12.73
CA CYS A 22 -1.60 -3.57 -12.39
C CYS A 22 -2.05 -4.41 -11.23
N GLN A 23 -1.78 -5.67 -11.29
CA GLN A 23 -2.03 -6.54 -10.18
C GLN A 23 -0.72 -6.89 -9.53
N ILE A 24 -0.58 -6.42 -8.35
CA ILE A 24 0.63 -6.54 -7.59
C ILE A 24 0.38 -7.55 -6.48
N ARG A 25 1.39 -8.31 -6.11
CA ARG A 25 1.23 -9.32 -5.09
C ARG A 25 0.94 -8.65 -3.76
N ILE A 26 -0.20 -8.96 -3.19
CA ILE A 26 -0.65 -8.33 -1.97
C ILE A 26 0.18 -8.72 -0.78
N GLN A 27 0.92 -9.78 -0.95
CA GLN A 27 1.73 -10.31 0.12
C GLN A 27 2.91 -9.40 0.40
N GLN A 28 3.28 -8.61 -0.60
CA GLN A 28 4.41 -7.74 -0.45
C GLN A 28 3.97 -6.45 0.24
N LEU A 29 2.66 -6.20 0.22
CA LEU A 29 2.11 -4.99 0.84
C LEU A 29 1.66 -5.26 2.22
N ASN A 30 1.75 -6.51 2.62
CA ASN A 30 1.31 -6.93 3.95
C ASN A 30 2.06 -6.14 5.02
N HIS A 31 3.31 -5.77 4.75
CA HIS A 31 4.10 -5.02 5.74
C HIS A 31 3.50 -3.63 5.89
N CYS A 32 3.37 -2.93 4.76
CA CYS A 32 2.79 -1.58 4.73
C CYS A 32 1.40 -1.60 5.37
N GLN A 33 0.58 -2.52 4.90
CA GLN A 33 -0.74 -2.74 5.42
C GLN A 33 -0.74 -2.94 6.95
N MET A 34 0.01 -3.91 7.45
CA MET A 34 -0.03 -4.21 8.87
C MET A 34 0.59 -3.13 9.71
N HIS A 35 1.71 -2.61 9.27
CA HIS A 35 2.46 -1.64 10.04
C HIS A 35 1.68 -0.32 10.13
N LEU A 36 0.84 -0.05 9.15
CA LEU A 36 0.04 1.15 9.18
C LEU A 36 -1.28 0.94 9.89
N THR A 37 -1.79 -0.25 9.88
CA THR A 37 -3.03 -0.46 10.57
C THR A 37 -2.81 -0.72 12.05
N SER A 38 -1.63 -1.15 12.40
CA SER A 38 -1.29 -1.38 13.78
C SER A 38 -0.69 -0.18 14.46
N PHE A 39 -1.30 0.28 15.51
CA PHE A 39 -0.65 1.23 16.36
C PHE A 39 0.09 0.42 17.37
N ASP A 40 1.31 0.10 17.04
CA ASP A 40 2.06 -0.82 17.82
C ASP A 40 2.57 -0.15 19.09
N TYR A 41 3.08 -0.94 19.96
CA TYR A 41 3.38 -0.52 21.29
C TYR A 41 4.85 -0.21 21.50
N LYS A 42 5.72 -0.93 20.81
CA LYS A 42 7.14 -0.70 21.02
C LYS A 42 7.67 0.46 20.17
N LEU A 43 6.76 1.14 19.51
CA LEU A 43 7.06 2.33 18.68
C LEU A 43 7.22 3.58 19.56
N ARG A 44 7.81 3.39 20.71
CA ARG A 44 7.92 4.41 21.71
C ARG A 44 8.92 5.50 21.36
N MET A 45 9.86 5.18 20.50
CA MET A 45 10.82 6.16 20.06
C MET A 45 10.57 6.49 18.61
N ALA A 46 9.43 6.07 18.12
CA ALA A 46 9.06 6.30 16.76
C ALA A 46 7.62 6.72 16.63
N VAL A 47 7.37 7.99 16.81
CA VAL A 47 6.05 8.52 16.62
C VAL A 47 5.93 9.02 15.19
N GLU A 48 6.65 10.08 14.89
CA GLU A 48 6.75 10.61 13.54
C GLU A 48 8.22 10.91 13.26
N ASN A 49 9.06 10.34 14.11
CA ASN A 49 10.51 10.47 14.06
C ASN A 49 11.04 9.84 12.77
N PRO A 50 12.31 10.13 12.35
CA PRO A 50 12.88 9.56 11.11
C PRO A 50 12.90 8.03 11.13
N LYS A 51 12.80 7.47 12.34
CA LYS A 51 12.71 6.03 12.52
C LYS A 51 11.49 5.45 11.82
N GLN A 52 10.49 6.28 11.58
CA GLN A 52 9.27 5.83 10.91
C GLN A 52 9.53 5.55 9.45
N GLN A 53 10.64 6.02 8.94
CA GLN A 53 11.02 5.74 7.57
C GLN A 53 11.51 4.29 7.43
N GLN A 54 11.51 3.55 8.55
CA GLN A 54 11.85 2.13 8.60
C GLN A 54 10.99 1.36 7.61
N HIS A 55 9.70 1.51 7.74
CA HIS A 55 8.76 0.78 6.93
C HIS A 55 8.71 1.32 5.53
N LEU A 56 9.11 2.57 5.37
CA LEU A 56 9.20 3.16 4.05
C LEU A 56 10.34 2.50 3.33
N SER A 57 11.46 2.36 4.02
CA SER A 57 12.64 1.73 3.47
C SER A 57 12.32 0.32 3.01
N LEU A 58 11.46 -0.35 3.74
CA LEU A 58 11.11 -1.72 3.44
C LEU A 58 10.05 -1.75 2.34
N CYS A 59 8.98 -1.03 2.53
CA CYS A 59 7.85 -1.04 1.61
C CYS A 59 8.23 -0.44 0.26
N CYS A 60 8.90 0.74 0.25
CA CYS A 60 9.36 1.36 -1.00
C CYS A 60 10.31 0.42 -1.74
N ASN A 61 11.09 -0.35 -0.99
CA ASN A 61 12.08 -1.27 -1.59
C ASN A 61 11.39 -2.50 -2.13
N GLN A 62 10.25 -2.81 -1.59
CA GLN A 62 9.52 -3.94 -2.04
C GLN A 62 8.66 -3.59 -3.25
N LEU A 63 7.96 -2.49 -3.14
CA LEU A 63 7.05 -2.05 -4.20
C LEU A 63 7.82 -1.74 -5.48
N GLN A 64 9.06 -1.27 -5.31
CA GLN A 64 9.91 -0.87 -6.41
C GLN A 64 10.41 -2.07 -7.24
N GLU A 65 10.20 -3.28 -6.74
CA GLU A 65 10.58 -4.47 -7.51
C GLU A 65 9.56 -4.69 -8.61
N VAL A 66 8.42 -4.10 -8.41
CA VAL A 66 7.34 -4.12 -9.38
C VAL A 66 7.62 -3.00 -10.41
N GLU A 67 6.96 -3.03 -11.57
CA GLU A 67 7.10 -1.98 -12.60
C GLU A 67 6.82 -0.63 -12.02
N LYS A 68 7.54 0.37 -12.46
CA LYS A 68 7.40 1.73 -11.93
C LYS A 68 5.98 2.28 -12.05
N GLN A 69 5.29 1.87 -13.10
CA GLN A 69 3.92 2.28 -13.33
C GLN A 69 2.96 1.52 -12.41
N CYS A 70 3.43 0.39 -11.90
CA CYS A 70 2.67 -0.47 -11.05
C CYS A 70 3.09 -0.33 -9.59
N GLN A 71 4.21 0.36 -9.38
CA GLN A 71 4.72 0.65 -8.04
C GLN A 71 3.72 1.50 -7.30
N CYS A 72 3.09 2.41 -8.00
CA CYS A 72 2.07 3.24 -7.41
C CYS A 72 0.76 2.52 -7.34
N GLU A 73 0.57 1.56 -8.21
CA GLU A 73 -0.63 0.77 -8.22
C GLU A 73 -0.67 -0.09 -6.94
N ALA A 74 0.53 -0.55 -6.51
CA ALA A 74 0.69 -1.34 -5.32
C ALA A 74 0.24 -0.56 -4.09
N ILE A 75 0.35 0.76 -4.19
CA ILE A 75 0.00 1.66 -3.10
C ILE A 75 -1.48 1.67 -2.92
N LYS A 76 -2.19 1.59 -4.03
CA LYS A 76 -3.63 1.64 -4.01
C LYS A 76 -4.11 0.41 -3.31
N GLN A 77 -3.43 -0.68 -3.62
CA GLN A 77 -3.74 -1.97 -3.08
C GLN A 77 -3.59 -1.97 -1.58
N VAL A 78 -2.56 -1.27 -1.07
CA VAL A 78 -2.33 -1.21 0.37
C VAL A 78 -3.52 -0.60 1.05
N VAL A 79 -4.01 0.49 0.47
CA VAL A 79 -5.08 1.24 1.08
C VAL A 79 -6.31 0.39 1.11
N GLU A 80 -6.60 -0.21 -0.02
CA GLU A 80 -7.76 -1.05 -0.20
C GLU A 80 -7.78 -2.21 0.78
N GLN A 81 -6.68 -2.94 0.84
CA GLN A 81 -6.61 -4.12 1.69
C GLN A 81 -6.55 -3.75 3.18
N ALA A 82 -5.96 -2.62 3.49
CA ALA A 82 -5.83 -2.19 4.87
C ALA A 82 -7.15 -1.64 5.40
N GLN A 83 -7.87 -0.92 4.56
CA GLN A 83 -9.11 -0.34 4.99
C GLN A 83 -10.17 -1.42 5.11
N LYS A 84 -10.11 -2.43 4.25
CA LYS A 84 -11.09 -3.48 4.27
C LYS A 84 -10.93 -4.34 5.49
N GLN A 85 -9.67 -4.59 5.88
CA GLN A 85 -9.38 -5.47 6.98
C GLN A 85 -9.84 -4.88 8.30
N LEU A 86 -9.67 -3.57 8.44
CA LEU A 86 -10.11 -2.92 9.64
C LEU A 86 -11.62 -2.72 9.66
N GLN A 87 -12.20 -2.50 8.49
CA GLN A 87 -13.65 -2.30 8.36
C GLN A 87 -14.40 -3.57 8.75
N GLN A 88 -13.84 -4.71 8.40
CA GLN A 88 -14.45 -6.00 8.74
C GLN A 88 -13.93 -6.49 10.08
N GLY A 89 -13.09 -5.71 10.66
CA GLY A 89 -12.52 -6.03 11.92
C GLY A 89 -13.22 -5.32 13.06
N GLN A 90 -12.62 -4.25 13.52
CA GLN A 90 -13.13 -3.54 14.69
C GLN A 90 -13.53 -2.11 14.36
N GLY A 91 -13.26 -1.71 13.17
CA GLY A 91 -13.43 -0.33 12.78
C GLY A 91 -12.11 0.20 12.46
N GLY A 92 -11.53 0.95 13.36
CA GLY A 92 -10.16 1.36 13.24
C GLY A 92 -9.88 2.40 12.20
N GLN A 93 -10.57 2.38 11.08
CA GLN A 93 -10.35 3.29 9.95
C GLN A 93 -10.22 4.77 10.39
N GLN A 94 -10.94 5.14 11.42
CA GLN A 94 -10.91 6.50 11.95
C GLN A 94 -9.57 6.79 12.67
N GLN A 95 -9.10 5.83 13.45
CA GLN A 95 -7.90 6.00 14.24
C GLN A 95 -6.69 5.72 13.35
N VAL A 96 -6.77 4.61 12.65
CA VAL A 96 -5.77 4.13 11.71
C VAL A 96 -5.52 5.15 10.60
N GLN A 97 -6.51 6.03 10.38
CA GLN A 97 -6.44 7.08 9.35
C GLN A 97 -5.09 7.81 9.35
N GLN A 98 -4.60 8.18 10.53
CA GLN A 98 -3.36 8.96 10.63
C GLN A 98 -2.14 8.14 10.21
N MET A 99 -2.28 6.84 10.18
CA MET A 99 -1.18 5.98 9.86
C MET A 99 -1.33 5.50 8.44
N VAL A 100 -2.50 5.04 8.09
CA VAL A 100 -2.76 4.58 6.74
C VAL A 100 -2.63 5.72 5.71
N LYS A 101 -2.79 6.97 6.16
CA LYS A 101 -2.60 8.11 5.28
C LYS A 101 -1.14 8.23 4.83
N LYS A 102 -0.24 7.62 5.59
CA LYS A 102 1.16 7.59 5.24
C LYS A 102 1.36 6.75 3.99
N ALA A 103 0.46 5.78 3.78
CA ALA A 103 0.47 4.96 2.55
C ALA A 103 0.23 5.83 1.34
N GLN A 104 -0.54 6.87 1.53
CA GLN A 104 -0.88 7.79 0.46
C GLN A 104 0.31 8.70 0.13
N MET A 105 1.29 8.74 1.00
CA MET A 105 2.49 9.56 0.82
C MET A 105 3.54 8.76 0.10
N LEU A 106 3.38 7.44 0.11
CA LEU A 106 4.34 6.50 -0.46
C LEU A 106 4.74 6.86 -1.90
N PRO A 107 3.79 7.09 -2.83
CA PRO A 107 4.13 7.47 -4.20
C PRO A 107 4.90 8.78 -4.28
N ASN A 108 4.74 9.64 -3.29
CA ASN A 108 5.39 10.90 -3.30
C ASN A 108 6.80 10.75 -2.76
N GLN A 109 6.94 9.97 -1.71
CA GLN A 109 8.22 9.80 -1.04
C GLN A 109 9.12 8.81 -1.78
N CYS A 110 8.54 7.77 -2.33
CA CYS A 110 9.30 6.72 -3.04
C CYS A 110 9.54 7.15 -4.48
N ASN A 111 8.94 8.28 -4.85
CA ASN A 111 8.98 8.84 -6.20
C ASN A 111 8.46 7.85 -7.21
N LEU A 112 7.22 7.57 -7.06
CA LEU A 112 6.50 6.67 -7.93
C LEU A 112 5.83 7.47 -9.02
N GLN A 113 5.50 6.81 -10.12
CA GLN A 113 4.94 7.48 -11.33
C GLN A 113 3.46 7.88 -11.14
N CYS A 114 3.14 8.26 -9.95
CA CYS A 114 1.84 8.61 -9.52
C CYS A 114 2.03 9.57 -8.36
N SER A 115 1.14 10.48 -8.16
CA SER A 115 1.29 11.46 -7.13
C SER A 115 -0.02 11.65 -6.39
N ILE A 116 0.03 11.63 -5.07
CA ILE A 116 -1.15 11.83 -4.28
C ILE A 116 -0.99 13.15 -3.56
N GLY A 1 -6.08 -1.76 -18.86
CA GLY A 1 -6.61 -2.86 -19.65
C GLY A 1 -5.58 -3.93 -19.80
N ARG A 2 -6.02 -5.15 -19.99
CA ARG A 2 -5.12 -6.27 -20.19
C ARG A 2 -4.94 -6.48 -21.64
N CYS A 3 -3.75 -6.53 -22.05
CA CYS A 3 -3.48 -6.73 -23.43
C CYS A 3 -2.68 -8.00 -23.62
N THR A 4 -3.01 -8.71 -24.65
CA THR A 4 -2.36 -9.95 -24.98
C THR A 4 -0.95 -9.68 -25.48
N LYS A 5 -0.05 -10.60 -25.28
CA LYS A 5 1.30 -10.47 -25.77
C LYS A 5 1.35 -10.80 -27.25
N SER A 6 0.82 -9.92 -28.03
CA SER A 6 0.84 -10.05 -29.45
C SER A 6 0.87 -8.66 -30.03
N ILE A 7 1.21 -8.56 -31.30
CA ILE A 7 1.25 -7.29 -31.99
C ILE A 7 0.47 -7.42 -33.31
N PRO A 8 -0.60 -6.64 -33.50
CA PRO A 8 -1.10 -5.67 -32.53
C PRO A 8 -1.84 -6.39 -31.38
N PRO A 9 -1.65 -5.91 -30.15
CA PRO A 9 -2.22 -6.55 -28.96
C PRO A 9 -3.73 -6.47 -28.91
N ILE A 10 -4.32 -7.44 -28.27
CA ILE A 10 -5.73 -7.48 -28.06
C ILE A 10 -5.95 -7.04 -26.63
N CYS A 11 -6.65 -5.97 -26.44
CA CYS A 11 -6.84 -5.46 -25.12
C CYS A 11 -8.23 -5.72 -24.63
N PHE A 12 -8.29 -6.26 -23.45
CA PHE A 12 -9.51 -6.59 -22.79
C PHE A 12 -9.69 -5.73 -21.58
N PRO A 13 -10.95 -5.49 -21.17
CA PRO A 13 -11.25 -4.73 -19.97
C PRO A 13 -10.59 -5.38 -18.75
N ASP A 14 -10.72 -6.67 -18.66
CA ASP A 14 -10.13 -7.46 -17.61
C ASP A 14 -9.77 -8.82 -18.17
N GLY A 15 -8.91 -9.49 -17.50
CA GLY A 15 -8.47 -10.77 -17.93
C GLY A 15 -8.52 -11.79 -16.83
N LEU A 16 -8.68 -11.33 -15.57
CA LEU A 16 -8.73 -12.24 -14.43
C LEU A 16 -9.15 -11.52 -13.17
N ASP A 17 -8.51 -10.43 -12.90
CA ASP A 17 -8.70 -9.68 -11.68
C ASP A 17 -7.99 -8.35 -11.78
N ASN A 18 -8.75 -7.31 -12.07
CA ASN A 18 -8.22 -5.96 -12.13
C ASN A 18 -8.90 -5.09 -11.08
N PRO A 19 -8.38 -5.08 -9.85
CA PRO A 19 -8.93 -4.24 -8.78
C PRO A 19 -8.37 -2.82 -8.88
N ARG A 20 -7.30 -2.71 -9.65
CA ARG A 20 -6.63 -1.46 -9.95
C ARG A 20 -6.23 -1.56 -11.40
N GLY A 21 -5.65 -2.69 -11.72
CA GLY A 21 -5.23 -2.98 -13.07
C GLY A 21 -3.98 -3.78 -13.01
N CYS A 22 -2.98 -3.16 -12.50
CA CYS A 22 -1.75 -3.82 -12.22
C CYS A 22 -1.99 -4.81 -11.11
N GLN A 23 -1.46 -5.99 -11.26
CA GLN A 23 -1.62 -6.97 -10.25
C GLN A 23 -0.40 -7.07 -9.39
N ILE A 24 -0.42 -6.33 -8.35
CA ILE A 24 0.64 -6.34 -7.42
C ILE A 24 0.23 -7.32 -6.35
N ARG A 25 1.15 -8.12 -5.90
CA ARG A 25 0.81 -9.14 -4.93
C ARG A 25 0.53 -8.50 -3.58
N ILE A 26 -0.67 -8.71 -3.07
CA ILE A 26 -1.11 -8.09 -1.81
C ILE A 26 -0.29 -8.54 -0.62
N GLN A 27 0.44 -9.63 -0.82
CA GLN A 27 1.23 -10.22 0.22
C GLN A 27 2.51 -9.43 0.42
N GLN A 28 2.87 -8.61 -0.56
CA GLN A 28 4.07 -7.82 -0.41
C GLN A 28 3.72 -6.53 0.32
N LEU A 29 2.47 -6.10 0.14
CA LEU A 29 1.99 -4.89 0.78
C LEU A 29 1.51 -5.20 2.14
N ASN A 30 1.44 -6.48 2.45
CA ASN A 30 0.98 -6.96 3.74
C ASN A 30 1.77 -6.32 4.87
N HIS A 31 3.07 -6.07 4.62
CA HIS A 31 3.91 -5.44 5.63
C HIS A 31 3.47 -4.01 5.81
N CYS A 32 3.45 -3.29 4.69
CA CYS A 32 3.09 -1.88 4.61
C CYS A 32 1.74 -1.68 5.30
N GLN A 33 0.78 -2.47 4.85
CA GLN A 33 -0.55 -2.55 5.36
C GLN A 33 -0.58 -2.73 6.90
N MET A 34 0.01 -3.82 7.40
CA MET A 34 -0.09 -4.13 8.83
C MET A 34 0.70 -3.19 9.70
N HIS A 35 1.74 -2.65 9.15
CA HIS A 35 2.57 -1.70 9.89
C HIS A 35 1.84 -0.36 10.04
N LEU A 36 0.93 -0.10 9.14
CA LEU A 36 0.10 1.11 9.19
C LEU A 36 -1.16 0.89 10.01
N THR A 37 -1.69 -0.31 9.99
CA THR A 37 -2.91 -0.53 10.75
C THR A 37 -2.62 -0.79 12.23
N SER A 38 -1.41 -1.23 12.51
CA SER A 38 -1.03 -1.54 13.86
C SER A 38 -0.42 -0.35 14.57
N PHE A 39 -0.94 -0.04 15.72
CA PHE A 39 -0.36 0.93 16.57
C PHE A 39 0.31 0.18 17.69
N ASP A 40 0.91 0.88 18.59
CA ASP A 40 1.53 0.28 19.71
C ASP A 40 1.22 1.16 20.90
N TYR A 41 1.57 0.72 22.06
CA TYR A 41 1.11 1.37 23.27
C TYR A 41 2.10 2.36 23.84
N LYS A 42 3.37 2.08 23.70
CA LYS A 42 4.37 2.94 24.32
C LYS A 42 4.87 3.99 23.35
N LEU A 43 4.15 4.16 22.25
CA LEU A 43 4.48 5.18 21.26
C LEU A 43 4.33 6.58 21.85
N ARG A 44 5.42 7.14 22.30
CA ARG A 44 5.44 8.48 22.86
C ARG A 44 6.13 9.38 21.85
N MET A 45 6.95 8.77 21.04
CA MET A 45 7.72 9.42 20.03
C MET A 45 7.64 8.55 18.81
N ALA A 46 6.63 8.80 18.04
CA ALA A 46 6.42 8.05 16.82
C ALA A 46 6.14 8.96 15.64
N VAL A 47 6.39 10.24 15.81
CA VAL A 47 6.11 11.22 14.77
C VAL A 47 7.15 11.08 13.64
N GLU A 48 8.40 11.27 13.99
CA GLU A 48 9.52 11.17 13.06
C GLU A 48 10.59 10.35 13.72
N ASN A 49 10.45 9.06 13.65
CA ASN A 49 11.35 8.19 14.36
C ASN A 49 11.68 6.98 13.51
N PRO A 50 12.98 6.57 13.47
CA PRO A 50 13.50 5.48 12.62
C PRO A 50 12.58 4.24 12.56
N LYS A 51 12.17 3.74 13.70
CA LYS A 51 11.39 2.52 13.76
C LYS A 51 9.94 2.72 13.35
N GLN A 52 9.54 3.94 13.20
CA GLN A 52 8.18 4.20 12.84
C GLN A 52 8.10 4.56 11.38
N GLN A 53 9.24 4.80 10.78
CA GLN A 53 9.32 5.13 9.37
C GLN A 53 10.12 4.07 8.64
N GLN A 54 10.41 2.99 9.36
CA GLN A 54 11.14 1.85 8.84
C GLN A 54 10.31 1.17 7.77
N HIS A 55 8.98 1.30 7.93
CA HIS A 55 8.01 0.73 7.01
C HIS A 55 8.19 1.23 5.60
N LEU A 56 8.75 2.43 5.45
CA LEU A 56 8.97 2.98 4.13
C LEU A 56 10.08 2.23 3.48
N SER A 57 11.19 2.16 4.18
CA SER A 57 12.40 1.55 3.71
C SER A 57 12.15 0.07 3.34
N LEU A 58 11.10 -0.48 3.91
CA LEU A 58 10.68 -1.83 3.60
C LEU A 58 9.67 -1.83 2.42
N CYS A 59 8.58 -1.10 2.59
CA CYS A 59 7.46 -1.07 1.64
C CYS A 59 7.87 -0.46 0.29
N CYS A 60 8.51 0.72 0.31
CA CYS A 60 8.98 1.40 -0.90
C CYS A 60 9.94 0.52 -1.63
N ASN A 61 10.75 -0.14 -0.86
CA ASN A 61 11.78 -1.04 -1.40
C ASN A 61 11.16 -2.29 -2.00
N GLN A 62 10.04 -2.68 -1.49
CA GLN A 62 9.35 -3.86 -1.96
C GLN A 62 8.55 -3.53 -3.23
N LEU A 63 7.90 -2.40 -3.23
CA LEU A 63 7.04 -1.99 -4.33
C LEU A 63 7.87 -1.60 -5.55
N GLN A 64 9.05 -1.05 -5.29
CA GLN A 64 9.93 -0.55 -6.35
C GLN A 64 10.48 -1.69 -7.22
N GLU A 65 10.37 -2.91 -6.73
CA GLU A 65 10.82 -4.05 -7.48
C GLU A 65 9.75 -4.45 -8.48
N VAL A 66 8.53 -4.04 -8.19
CA VAL A 66 7.40 -4.27 -9.06
C VAL A 66 7.56 -3.38 -10.30
N GLU A 67 6.84 -3.70 -11.36
CA GLU A 67 6.85 -2.94 -12.60
C GLU A 67 6.63 -1.45 -12.36
N LYS A 68 7.35 -0.61 -13.10
CA LYS A 68 7.29 0.85 -12.96
C LYS A 68 5.87 1.40 -13.08
N GLN A 69 5.08 0.76 -13.91
CA GLN A 69 3.70 1.21 -14.13
C GLN A 69 2.78 0.68 -13.01
N CYS A 70 3.32 -0.16 -12.16
CA CYS A 70 2.54 -0.81 -11.14
C CYS A 70 3.00 -0.45 -9.72
N GLN A 71 4.15 0.20 -9.61
CA GLN A 71 4.73 0.63 -8.31
C GLN A 71 3.79 1.53 -7.54
N CYS A 72 3.25 2.54 -8.19
CA CYS A 72 2.30 3.40 -7.52
C CYS A 72 0.96 2.74 -7.37
N GLU A 73 0.68 1.78 -8.20
CA GLU A 73 -0.58 1.06 -8.13
C GLU A 73 -0.61 0.22 -6.85
N ALA A 74 0.57 -0.24 -6.44
CA ALA A 74 0.75 -1.01 -5.24
C ALA A 74 0.30 -0.22 -4.02
N ILE A 75 0.40 1.11 -4.12
CA ILE A 75 0.09 2.00 -3.02
C ILE A 75 -1.39 2.01 -2.79
N LYS A 76 -2.13 1.86 -3.88
CA LYS A 76 -3.56 1.89 -3.84
C LYS A 76 -4.00 0.69 -3.07
N GLN A 77 -3.35 -0.41 -3.41
CA GLN A 77 -3.64 -1.70 -2.85
C GLN A 77 -3.46 -1.68 -1.37
N VAL A 78 -2.34 -1.08 -0.91
CA VAL A 78 -2.03 -1.01 0.53
C VAL A 78 -3.18 -0.39 1.27
N VAL A 79 -3.72 0.68 0.73
CA VAL A 79 -4.76 1.41 1.41
C VAL A 79 -6.03 0.58 1.41
N GLU A 80 -6.32 0.02 0.27
CA GLU A 80 -7.50 -0.79 0.08
C GLU A 80 -7.49 -1.99 1.02
N GLN A 81 -6.40 -2.74 1.00
CA GLN A 81 -6.29 -3.94 1.79
C GLN A 81 -6.17 -3.64 3.29
N ALA A 82 -5.56 -2.52 3.62
CA ALA A 82 -5.41 -2.12 5.02
C ALA A 82 -6.73 -1.68 5.60
N GLN A 83 -7.49 -0.93 4.83
CA GLN A 83 -8.74 -0.42 5.34
C GLN A 83 -9.74 -1.53 5.45
N LYS A 84 -9.73 -2.45 4.48
CA LYS A 84 -10.69 -3.55 4.48
C LYS A 84 -10.44 -4.52 5.61
N GLN A 85 -9.18 -4.68 5.99
CA GLN A 85 -8.84 -5.64 7.03
C GLN A 85 -9.33 -5.13 8.39
N LEU A 86 -9.39 -3.83 8.51
CA LEU A 86 -9.91 -3.22 9.71
C LEU A 86 -11.42 -3.06 9.62
N GLN A 87 -11.89 -2.75 8.43
CA GLN A 87 -13.32 -2.57 8.13
C GLN A 87 -14.13 -3.83 8.45
N GLN A 88 -13.53 -4.99 8.22
CA GLN A 88 -14.19 -6.27 8.45
C GLN A 88 -14.16 -6.65 9.94
N GLY A 89 -13.40 -5.92 10.70
CA GLY A 89 -13.24 -6.22 12.09
C GLY A 89 -13.84 -5.16 12.99
N GLN A 90 -12.96 -4.54 13.75
CA GLN A 90 -13.32 -3.56 14.76
C GLN A 90 -13.82 -2.28 14.16
N GLY A 91 -13.14 -1.86 13.15
CA GLY A 91 -13.36 -0.58 12.54
C GLY A 91 -12.02 -0.06 12.15
N GLY A 92 -11.35 0.58 13.08
CA GLY A 92 -9.98 0.99 12.90
C GLY A 92 -9.77 2.16 11.99
N GLN A 93 -10.43 2.16 10.87
CA GLN A 93 -10.30 3.17 9.81
C GLN A 93 -10.27 4.61 10.35
N GLN A 94 -10.95 4.86 11.45
CA GLN A 94 -10.96 6.19 12.04
C GLN A 94 -9.63 6.49 12.78
N GLN A 95 -9.12 5.50 13.50
CA GLN A 95 -7.92 5.67 14.29
C GLN A 95 -6.68 5.43 13.43
N VAL A 96 -6.77 4.38 12.65
CA VAL A 96 -5.76 3.96 11.70
C VAL A 96 -5.56 5.02 10.61
N GLN A 97 -6.58 5.86 10.41
CA GLN A 97 -6.59 6.92 9.38
C GLN A 97 -5.27 7.70 9.34
N GLN A 98 -4.79 8.10 10.50
CA GLN A 98 -3.57 8.90 10.62
C GLN A 98 -2.33 8.14 10.19
N MET A 99 -2.39 6.83 10.21
CA MET A 99 -1.24 6.04 9.89
C MET A 99 -1.29 5.66 8.45
N VAL A 100 -2.44 5.16 8.04
CA VAL A 100 -2.65 4.75 6.66
C VAL A 100 -2.51 5.93 5.69
N LYS A 101 -2.80 7.16 6.15
CA LYS A 101 -2.65 8.34 5.31
C LYS A 101 -1.21 8.56 4.82
N LYS A 102 -0.23 8.01 5.57
CA LYS A 102 1.20 8.11 5.19
C LYS A 102 1.40 7.41 3.89
N ALA A 103 0.69 6.29 3.75
CA ALA A 103 0.74 5.47 2.52
C ALA A 103 0.49 6.30 1.27
N GLN A 104 -0.39 7.30 1.39
CA GLN A 104 -0.75 8.15 0.25
C GLN A 104 0.43 9.03 -0.17
N MET A 105 1.41 9.16 0.70
CA MET A 105 2.58 10.00 0.43
C MET A 105 3.66 9.17 -0.20
N LEU A 106 3.51 7.85 -0.12
CA LEU A 106 4.49 6.92 -0.67
C LEU A 106 4.83 7.17 -2.13
N PRO A 107 3.85 7.39 -3.04
CA PRO A 107 4.18 7.71 -4.43
C PRO A 107 4.99 8.98 -4.55
N ASN A 108 4.85 9.88 -3.60
CA ASN A 108 5.55 11.11 -3.60
C ASN A 108 6.94 10.92 -3.01
N GLN A 109 7.02 10.18 -1.93
CA GLN A 109 8.27 9.97 -1.22
C GLN A 109 9.15 8.92 -1.87
N CYS A 110 8.56 7.88 -2.37
CA CYS A 110 9.30 6.77 -2.99
C CYS A 110 9.65 7.15 -4.43
N ASN A 111 9.15 8.30 -4.88
CA ASN A 111 9.39 8.82 -6.22
C ASN A 111 8.78 7.90 -7.25
N LEU A 112 7.51 7.73 -7.11
CA LEU A 112 6.73 6.92 -8.00
C LEU A 112 6.02 7.83 -8.98
N GLN A 113 5.63 7.30 -10.10
CA GLN A 113 5.05 8.09 -11.20
C GLN A 113 3.57 8.34 -10.96
N CYS A 114 3.26 8.71 -9.76
CA CYS A 114 1.94 8.92 -9.29
C CYS A 114 2.02 9.85 -8.09
N SER A 115 0.92 10.47 -7.76
CA SER A 115 0.83 11.32 -6.60
C SER A 115 -0.59 11.26 -6.07
N ILE A 116 -0.74 11.14 -4.78
CA ILE A 116 -2.05 11.05 -4.19
C ILE A 116 -2.34 12.33 -3.43
N GLY A 1 4.84 -5.38 -22.39
CA GLY A 1 5.06 -4.90 -23.75
C GLY A 1 3.95 -5.33 -24.66
N ARG A 2 4.10 -5.10 -25.94
CA ARG A 2 3.09 -5.49 -26.90
C ARG A 2 3.42 -6.83 -27.48
N CYS A 3 2.45 -7.64 -27.69
CA CYS A 3 2.66 -8.94 -28.25
C CYS A 3 1.96 -9.05 -29.58
N THR A 4 2.50 -9.83 -30.46
CA THR A 4 1.94 -10.04 -31.76
C THR A 4 0.86 -11.13 -31.68
N LYS A 5 -0.07 -11.15 -32.61
CA LYS A 5 -1.05 -12.22 -32.68
C LYS A 5 -0.42 -13.42 -33.34
N SER A 6 0.41 -14.06 -32.60
CA SER A 6 1.12 -15.21 -33.03
C SER A 6 1.09 -16.20 -31.90
N ILE A 7 1.27 -17.45 -32.21
CA ILE A 7 1.34 -18.49 -31.22
C ILE A 7 2.61 -19.31 -31.45
N PRO A 8 3.60 -19.21 -30.56
CA PRO A 8 3.59 -18.29 -29.40
C PRO A 8 3.81 -16.84 -29.83
N PRO A 9 3.26 -15.89 -29.08
CA PRO A 9 3.32 -14.46 -29.43
C PRO A 9 4.73 -13.88 -29.29
N ILE A 10 5.01 -12.89 -30.09
CA ILE A 10 6.26 -12.18 -30.00
C ILE A 10 6.00 -10.95 -29.18
N CYS A 11 6.59 -10.87 -28.04
CA CYS A 11 6.34 -9.76 -27.18
C CYS A 11 7.51 -8.82 -27.14
N PHE A 12 7.21 -7.55 -27.36
CA PHE A 12 8.18 -6.50 -27.32
C PHE A 12 8.58 -6.21 -25.88
N PRO A 13 9.81 -5.71 -25.66
CA PRO A 13 10.33 -5.46 -24.31
C PRO A 13 9.80 -4.17 -23.68
N ASP A 14 8.92 -3.50 -24.39
CA ASP A 14 8.35 -2.24 -23.98
C ASP A 14 7.16 -1.99 -24.92
N GLY A 15 6.59 -0.80 -24.90
CA GLY A 15 5.55 -0.46 -25.84
C GLY A 15 4.16 -0.49 -25.31
N LEU A 16 3.99 -0.81 -24.06
CA LEU A 16 2.65 -0.93 -23.56
C LEU A 16 2.62 -0.62 -22.09
N ASP A 17 1.87 0.37 -21.72
CA ASP A 17 1.70 0.71 -20.34
C ASP A 17 0.35 0.23 -19.88
N ASN A 18 0.29 -0.27 -18.68
CA ASN A 18 -0.90 -0.91 -18.17
C ASN A 18 -1.22 -0.48 -16.72
N PRO A 19 -1.48 0.83 -16.48
CA PRO A 19 -1.66 1.36 -15.11
C PRO A 19 -2.99 0.96 -14.47
N ARG A 20 -3.87 0.32 -15.24
CA ARG A 20 -5.15 -0.12 -14.69
C ARG A 20 -5.09 -1.59 -14.49
N GLY A 21 -4.23 -2.19 -15.25
CA GLY A 21 -4.08 -3.59 -15.23
C GLY A 21 -2.89 -4.02 -14.47
N CYS A 22 -2.40 -3.15 -13.67
CA CYS A 22 -1.29 -3.45 -12.83
C CYS A 22 -1.68 -4.49 -11.80
N GLN A 23 -1.11 -5.64 -11.89
CA GLN A 23 -1.37 -6.68 -10.95
C GLN A 23 -0.18 -6.84 -10.05
N ILE A 24 -0.35 -6.45 -8.83
CA ILE A 24 0.72 -6.49 -7.89
C ILE A 24 0.36 -7.48 -6.82
N ARG A 25 1.33 -8.20 -6.33
CA ARG A 25 1.11 -9.15 -5.28
C ARG A 25 0.83 -8.43 -3.97
N ILE A 26 -0.30 -8.69 -3.37
CA ILE A 26 -0.70 -7.98 -2.14
C ILE A 26 0.11 -8.40 -0.96
N GLN A 27 0.83 -9.49 -1.12
CA GLN A 27 1.62 -10.01 -0.04
C GLN A 27 2.86 -9.17 0.14
N GLN A 28 3.21 -8.41 -0.89
CA GLN A 28 4.38 -7.57 -0.79
C GLN A 28 4.03 -6.29 -0.04
N LEU A 29 2.73 -6.01 0.06
CA LEU A 29 2.26 -4.82 0.75
C LEU A 29 1.89 -5.14 2.15
N ASN A 30 2.09 -6.37 2.52
CA ASN A 30 1.79 -6.86 3.84
C ASN A 30 2.43 -6.01 4.94
N HIS A 31 3.66 -5.55 4.70
CA HIS A 31 4.39 -4.78 5.71
C HIS A 31 3.72 -3.41 5.87
N CYS A 32 3.60 -2.70 4.75
CA CYS A 32 2.96 -1.37 4.73
C CYS A 32 1.56 -1.44 5.32
N GLN A 33 0.79 -2.42 4.89
CA GLN A 33 -0.52 -2.68 5.40
C GLN A 33 -0.54 -2.84 6.93
N MET A 34 0.26 -3.77 7.46
CA MET A 34 0.24 -4.03 8.90
C MET A 34 0.78 -2.89 9.70
N HIS A 35 1.85 -2.31 9.23
CA HIS A 35 2.52 -1.26 9.97
C HIS A 35 1.69 0.02 10.00
N LEU A 36 0.82 0.19 9.01
CA LEU A 36 -0.06 1.34 8.99
C LEU A 36 -1.36 1.08 9.73
N THR A 37 -1.77 -0.15 9.84
CA THR A 37 -2.98 -0.39 10.58
C THR A 37 -2.71 -0.57 12.06
N SER A 38 -1.49 -0.91 12.35
CA SER A 38 -1.01 -1.01 13.69
C SER A 38 -0.43 0.32 14.14
N PHE A 39 -0.62 0.67 15.38
CA PHE A 39 -0.04 1.86 15.90
C PHE A 39 1.10 1.54 16.80
N ASP A 40 2.20 2.18 16.56
CA ASP A 40 3.37 2.00 17.35
C ASP A 40 3.08 2.40 18.78
N TYR A 41 3.73 1.77 19.66
CA TYR A 41 3.44 1.93 21.07
C TYR A 41 4.67 2.34 21.84
N LYS A 42 5.82 1.97 21.32
CA LYS A 42 7.04 2.23 22.02
C LYS A 42 7.66 3.57 21.61
N LEU A 43 6.88 4.34 20.86
CA LEU A 43 7.21 5.70 20.47
C LEU A 43 7.66 6.53 21.68
N ARG A 44 8.91 6.92 21.72
CA ARG A 44 9.42 7.76 22.79
C ARG A 44 9.61 9.17 22.27
N MET A 45 10.70 9.39 21.55
CA MET A 45 10.99 10.70 20.97
C MET A 45 10.68 10.69 19.49
N ALA A 46 10.15 9.57 19.03
CA ALA A 46 9.79 9.41 17.65
C ALA A 46 8.56 10.21 17.32
N VAL A 47 8.76 11.29 16.60
CA VAL A 47 7.67 12.13 16.13
C VAL A 47 7.62 12.01 14.60
N GLU A 48 8.68 12.44 13.96
CA GLU A 48 8.87 12.31 12.51
C GLU A 48 10.28 11.81 12.26
N ASN A 49 10.73 11.00 13.18
CA ASN A 49 12.07 10.43 13.17
C ASN A 49 12.31 9.62 11.93
N PRO A 50 13.53 9.71 11.36
CA PRO A 50 13.91 8.93 10.17
C PRO A 50 13.79 7.42 10.41
N LYS A 51 13.86 7.01 11.68
CA LYS A 51 13.71 5.60 12.02
C LYS A 51 12.29 5.11 11.81
N GLN A 52 11.36 6.03 11.65
CA GLN A 52 9.98 5.66 11.39
C GLN A 52 9.81 5.35 9.92
N GLN A 53 10.83 5.63 9.13
CA GLN A 53 10.84 5.36 7.70
C GLN A 53 11.32 3.95 7.44
N GLN A 54 11.50 3.20 8.53
CA GLN A 54 11.92 1.79 8.52
C GLN A 54 11.07 0.97 7.54
N HIS A 55 9.76 1.13 7.66
CA HIS A 55 8.82 0.41 6.85
C HIS A 55 8.84 0.88 5.43
N LEU A 56 9.30 2.10 5.22
CA LEU A 56 9.35 2.69 3.91
C LEU A 56 10.53 2.11 3.18
N SER A 57 11.67 2.07 3.85
CA SER A 57 12.90 1.51 3.30
C SER A 57 12.66 0.07 2.81
N LEU A 58 11.79 -0.63 3.50
CA LEU A 58 11.45 -1.99 3.13
C LEU A 58 10.38 -2.00 2.04
N CYS A 59 9.25 -1.36 2.32
CA CYS A 59 8.09 -1.30 1.43
C CYS A 59 8.44 -0.72 0.06
N CYS A 60 9.13 0.45 0.06
CA CYS A 60 9.56 1.11 -1.17
C CYS A 60 10.45 0.19 -1.99
N ASN A 61 11.28 -0.59 -1.30
CA ASN A 61 12.22 -1.45 -2.01
C ASN A 61 11.53 -2.66 -2.56
N GLN A 62 10.44 -2.99 -1.94
CA GLN A 62 9.65 -4.11 -2.33
C GLN A 62 8.77 -3.74 -3.52
N LEU A 63 8.11 -2.63 -3.42
CA LEU A 63 7.20 -2.16 -4.44
C LEU A 63 7.97 -1.76 -5.71
N GLN A 64 9.18 -1.26 -5.53
CA GLN A 64 9.97 -0.77 -6.65
C GLN A 64 10.49 -1.89 -7.55
N GLU A 65 10.38 -3.13 -7.11
CA GLU A 65 10.78 -4.23 -7.96
C GLU A 65 9.63 -4.61 -8.89
N VAL A 66 8.49 -4.04 -8.62
CA VAL A 66 7.33 -4.14 -9.48
C VAL A 66 7.49 -3.07 -10.59
N GLU A 67 6.75 -3.19 -11.69
CA GLU A 67 6.75 -2.17 -12.74
C GLU A 67 6.55 -0.80 -12.20
N LYS A 68 7.13 0.16 -12.87
CA LYS A 68 7.16 1.53 -12.35
C LYS A 68 5.77 2.13 -12.21
N GLN A 69 4.92 1.84 -13.14
CA GLN A 69 3.56 2.35 -13.14
C GLN A 69 2.71 1.60 -12.12
N CYS A 70 3.18 0.45 -11.75
CA CYS A 70 2.47 -0.42 -10.85
C CYS A 70 3.01 -0.27 -9.44
N GLN A 71 4.15 0.42 -9.31
CA GLN A 71 4.75 0.70 -8.01
C GLN A 71 3.80 1.55 -7.19
N CYS A 72 3.14 2.49 -7.86
CA CYS A 72 2.17 3.31 -7.20
C CYS A 72 0.85 2.59 -7.05
N GLU A 73 0.63 1.65 -7.93
CA GLU A 73 -0.57 0.85 -7.87
C GLU A 73 -0.54 -0.10 -6.69
N ALA A 74 0.67 -0.50 -6.31
CA ALA A 74 0.88 -1.35 -5.18
C ALA A 74 0.45 -0.62 -3.92
N ILE A 75 0.58 0.70 -3.96
CA ILE A 75 0.23 1.56 -2.85
C ILE A 75 -1.28 1.57 -2.67
N LYS A 76 -1.98 1.47 -3.78
CA LYS A 76 -3.42 1.53 -3.78
C LYS A 76 -3.92 0.31 -3.04
N GLN A 77 -3.25 -0.81 -3.32
CA GLN A 77 -3.61 -2.08 -2.76
C GLN A 77 -3.40 -2.07 -1.27
N VAL A 78 -2.37 -1.33 -0.82
CA VAL A 78 -2.09 -1.22 0.61
C VAL A 78 -3.30 -0.66 1.29
N VAL A 79 -3.85 0.40 0.70
CA VAL A 79 -4.97 1.09 1.28
C VAL A 79 -6.14 0.15 1.29
N GLU A 80 -6.37 -0.42 0.12
CA GLU A 80 -7.44 -1.35 -0.12
C GLU A 80 -7.50 -2.47 0.91
N GLN A 81 -6.36 -3.08 1.19
CA GLN A 81 -6.36 -4.18 2.09
C GLN A 81 -6.32 -3.77 3.55
N ALA A 82 -5.68 -2.68 3.82
CA ALA A 82 -5.55 -2.21 5.17
C ALA A 82 -6.89 -1.67 5.67
N GLN A 83 -7.67 -1.10 4.76
CA GLN A 83 -8.95 -0.58 5.12
C GLN A 83 -9.95 -1.70 5.35
N LYS A 84 -9.96 -2.72 4.49
CA LYS A 84 -11.00 -3.75 4.65
C LYS A 84 -10.73 -4.62 5.83
N GLN A 85 -9.47 -4.73 6.22
CA GLN A 85 -9.15 -5.55 7.35
C GLN A 85 -9.66 -4.90 8.65
N LEU A 86 -9.64 -3.58 8.70
CA LEU A 86 -10.13 -2.85 9.86
C LEU A 86 -11.65 -2.64 9.79
N GLN A 87 -12.16 -2.52 8.57
CA GLN A 87 -13.59 -2.31 8.34
C GLN A 87 -14.43 -3.49 8.82
N GLN A 88 -13.91 -4.69 8.62
CA GLN A 88 -14.66 -5.91 8.93
C GLN A 88 -14.48 -6.35 10.37
N GLY A 89 -13.78 -5.56 11.10
CA GLY A 89 -13.56 -5.84 12.49
C GLY A 89 -14.46 -5.00 13.37
N GLN A 90 -13.88 -4.38 14.36
CA GLN A 90 -14.61 -3.56 15.31
C GLN A 90 -14.61 -2.11 14.88
N GLY A 91 -13.84 -1.85 13.88
CA GLY A 91 -13.66 -0.52 13.39
C GLY A 91 -12.22 -0.17 13.48
N GLY A 92 -11.91 1.08 13.66
CA GLY A 92 -10.54 1.47 13.70
C GLY A 92 -10.19 2.30 12.54
N GLN A 93 -11.00 2.22 11.51
CA GLN A 93 -10.78 2.94 10.24
C GLN A 93 -10.55 4.43 10.49
N GLN A 94 -11.26 4.97 11.45
CA GLN A 94 -11.16 6.39 11.77
C GLN A 94 -9.90 6.71 12.57
N GLN A 95 -9.46 5.78 13.40
CA GLN A 95 -8.27 6.04 14.20
C GLN A 95 -7.04 5.74 13.38
N VAL A 96 -7.11 4.61 12.70
CA VAL A 96 -6.10 4.10 11.79
C VAL A 96 -5.92 5.04 10.58
N GLN A 97 -6.96 5.83 10.31
CA GLN A 97 -7.00 6.82 9.22
C GLN A 97 -5.72 7.65 9.15
N GLN A 98 -5.27 8.14 10.29
CA GLN A 98 -4.08 8.98 10.37
C GLN A 98 -2.81 8.24 9.95
N MET A 99 -2.85 6.94 9.96
CA MET A 99 -1.68 6.16 9.64
C MET A 99 -1.77 5.71 8.21
N VAL A 100 -2.92 5.22 7.82
CA VAL A 100 -3.14 4.81 6.44
C VAL A 100 -3.04 6.02 5.47
N LYS A 101 -3.32 7.22 5.97
CA LYS A 101 -3.15 8.42 5.15
C LYS A 101 -1.67 8.63 4.73
N LYS A 102 -0.75 8.05 5.50
CA LYS A 102 0.68 8.08 5.17
C LYS A 102 0.95 7.30 3.90
N ALA A 103 0.09 6.31 3.61
CA ALA A 103 0.22 5.49 2.40
C ALA A 103 0.12 6.35 1.16
N GLN A 104 -0.63 7.41 1.27
CA GLN A 104 -0.87 8.33 0.18
C GLN A 104 0.41 9.12 -0.15
N MET A 105 1.32 9.16 0.81
CA MET A 105 2.57 9.89 0.68
C MET A 105 3.67 8.98 0.15
N LEU A 106 3.42 7.68 0.19
CA LEU A 106 4.39 6.67 -0.25
C LEU A 106 4.85 6.91 -1.70
N PRO A 107 3.92 7.18 -2.67
CA PRO A 107 4.29 7.51 -4.04
C PRO A 107 5.19 8.73 -4.12
N ASN A 108 5.12 9.61 -3.15
CA ASN A 108 5.93 10.78 -3.14
C ASN A 108 7.32 10.41 -2.62
N GLN A 109 7.33 9.69 -1.51
CA GLN A 109 8.56 9.29 -0.81
C GLN A 109 9.39 8.31 -1.61
N CYS A 110 8.75 7.40 -2.29
CA CYS A 110 9.46 6.38 -3.05
C CYS A 110 9.71 6.85 -4.48
N ASN A 111 9.18 8.04 -4.80
CA ASN A 111 9.27 8.67 -6.13
C ASN A 111 8.63 7.76 -7.17
N LEU A 112 7.38 7.54 -6.97
CA LEU A 112 6.58 6.68 -7.82
C LEU A 112 5.92 7.48 -8.92
N GLN A 113 5.51 6.81 -9.98
CA GLN A 113 4.89 7.41 -11.20
C GLN A 113 3.46 7.95 -10.92
N CYS A 114 3.22 8.30 -9.71
CA CYS A 114 1.95 8.69 -9.21
C CYS A 114 2.22 9.53 -7.96
N SER A 115 1.28 10.34 -7.58
CA SER A 115 1.39 11.15 -6.37
C SER A 115 0.01 11.39 -5.81
N ILE A 116 -0.17 11.16 -4.52
CA ILE A 116 -1.47 11.34 -3.93
C ILE A 116 -1.42 12.53 -2.99
N GLY A 1 0.10 -7.19 -17.79
CA GLY A 1 0.47 -7.81 -19.04
C GLY A 1 1.96 -7.92 -19.20
N ARG A 2 2.47 -9.15 -19.27
CA ARG A 2 3.87 -9.36 -19.53
C ARG A 2 4.05 -9.42 -20.99
N CYS A 3 4.93 -8.66 -21.49
CA CYS A 3 5.09 -8.56 -22.92
C CYS A 3 6.55 -8.46 -23.27
N THR A 4 6.89 -8.93 -24.43
CA THR A 4 8.23 -8.88 -24.91
C THR A 4 8.58 -7.49 -25.44
N LYS A 5 9.86 -7.21 -25.55
CA LYS A 5 10.31 -5.95 -26.09
C LYS A 5 10.43 -6.07 -27.60
N SER A 6 9.29 -6.24 -28.22
CA SER A 6 9.20 -6.36 -29.64
C SER A 6 8.00 -5.56 -30.09
N ILE A 7 7.97 -5.22 -31.35
CA ILE A 7 6.84 -4.52 -31.93
C ILE A 7 6.42 -5.29 -33.19
N PRO A 8 5.21 -5.90 -33.20
CA PRO A 8 4.29 -5.92 -32.06
C PRO A 8 4.78 -6.82 -30.91
N PRO A 9 4.37 -6.54 -29.68
CA PRO A 9 4.80 -7.31 -28.53
C PRO A 9 4.09 -8.65 -28.40
N ILE A 10 4.78 -9.59 -27.82
CA ILE A 10 4.24 -10.89 -27.52
C ILE A 10 3.84 -10.83 -26.06
N CYS A 11 2.57 -10.90 -25.79
CA CYS A 11 2.11 -10.79 -24.43
C CYS A 11 1.67 -12.12 -23.88
N PHE A 12 2.03 -12.35 -22.65
CA PHE A 12 1.74 -13.56 -21.92
C PHE A 12 0.44 -13.42 -21.15
N PRO A 13 -0.14 -14.55 -20.66
CA PRO A 13 -1.34 -14.54 -19.82
C PRO A 13 -1.07 -13.91 -18.47
N ASP A 14 -0.99 -12.63 -18.51
CA ASP A 14 -0.82 -11.77 -17.36
C ASP A 14 -1.68 -10.57 -17.59
N GLY A 15 -2.44 -10.19 -16.60
CA GLY A 15 -3.32 -9.06 -16.75
C GLY A 15 -4.61 -9.46 -17.39
N LEU A 16 -4.92 -10.72 -17.26
CA LEU A 16 -6.14 -11.27 -17.80
C LEU A 16 -7.21 -11.28 -16.70
N ASP A 17 -6.73 -11.21 -15.49
CA ASP A 17 -7.56 -11.09 -14.32
C ASP A 17 -7.00 -9.98 -13.49
N ASN A 18 -7.39 -8.80 -13.81
CA ASN A 18 -6.93 -7.64 -13.14
C ASN A 18 -8.03 -7.06 -12.27
N PRO A 19 -7.85 -7.08 -10.94
CA PRO A 19 -8.84 -6.51 -10.05
C PRO A 19 -8.79 -4.98 -10.10
N ARG A 20 -7.67 -4.47 -10.54
CA ARG A 20 -7.47 -3.04 -10.71
C ARG A 20 -6.97 -2.82 -12.10
N GLY A 21 -5.82 -3.36 -12.35
CA GLY A 21 -5.18 -3.23 -13.62
C GLY A 21 -3.84 -3.86 -13.55
N CYS A 22 -2.97 -3.22 -12.85
CA CYS A 22 -1.71 -3.79 -12.54
C CYS A 22 -1.95 -4.81 -11.48
N GLN A 23 -1.40 -5.97 -11.62
CA GLN A 23 -1.57 -6.92 -10.58
C GLN A 23 -0.34 -6.95 -9.74
N ILE A 24 -0.46 -6.47 -8.57
CA ILE A 24 0.63 -6.46 -7.66
C ILE A 24 0.26 -7.41 -6.58
N ARG A 25 1.19 -8.21 -6.17
CA ARG A 25 0.96 -9.17 -5.15
C ARG A 25 0.70 -8.45 -3.84
N ILE A 26 -0.48 -8.63 -3.33
CA ILE A 26 -0.91 -7.92 -2.14
C ILE A 26 -0.14 -8.36 -0.90
N GLN A 27 0.55 -9.46 -1.04
CA GLN A 27 1.32 -10.02 0.03
C GLN A 27 2.61 -9.25 0.23
N GLN A 28 3.00 -8.47 -0.76
CA GLN A 28 4.22 -7.73 -0.63
C GLN A 28 3.95 -6.42 0.10
N LEU A 29 2.68 -6.01 0.08
CA LEU A 29 2.27 -4.77 0.74
C LEU A 29 1.83 -5.04 2.14
N ASN A 30 1.86 -6.31 2.48
CA ASN A 30 1.46 -6.80 3.78
C ASN A 30 2.18 -6.04 4.91
N HIS A 31 3.45 -5.65 4.67
CA HIS A 31 4.21 -4.95 5.71
C HIS A 31 3.62 -3.56 5.91
N CYS A 32 3.53 -2.81 4.81
CA CYS A 32 2.95 -1.46 4.81
C CYS A 32 1.56 -1.50 5.42
N GLN A 33 0.74 -2.39 4.90
CA GLN A 33 -0.60 -2.62 5.37
C GLN A 33 -0.66 -2.84 6.89
N MET A 34 0.04 -3.86 7.37
CA MET A 34 -0.06 -4.25 8.77
C MET A 34 0.53 -3.21 9.68
N HIS A 35 1.63 -2.65 9.27
CA HIS A 35 2.37 -1.71 10.09
C HIS A 35 1.60 -0.39 10.19
N LEU A 36 0.78 -0.09 9.20
CA LEU A 36 0.00 1.11 9.22
C LEU A 36 -1.31 0.93 9.93
N THR A 37 -1.83 -0.26 9.94
CA THR A 37 -3.07 -0.45 10.62
C THR A 37 -2.86 -0.72 12.10
N SER A 38 -1.69 -1.19 12.43
CA SER A 38 -1.35 -1.44 13.80
C SER A 38 -0.72 -0.23 14.44
N PHE A 39 -0.94 -0.06 15.71
CA PHE A 39 -0.32 0.97 16.44
C PHE A 39 0.64 0.36 17.41
N ASP A 40 1.58 1.13 17.81
CA ASP A 40 2.61 0.67 18.70
C ASP A 40 2.56 1.53 19.95
N TYR A 41 3.39 1.26 20.90
CA TYR A 41 3.30 1.86 22.21
C TYR A 41 4.21 3.06 22.34
N LYS A 42 5.39 3.00 21.73
CA LYS A 42 6.33 4.09 21.91
C LYS A 42 6.06 5.23 20.95
N LEU A 43 4.94 5.15 20.26
CA LEU A 43 4.55 6.19 19.33
C LEU A 43 4.01 7.40 20.08
N ARG A 44 4.88 8.25 20.54
CA ARG A 44 4.46 9.46 21.23
C ARG A 44 4.50 10.61 20.27
N MET A 45 5.31 10.44 19.30
CA MET A 45 5.50 11.35 18.23
C MET A 45 5.93 10.56 17.02
N ALA A 46 4.94 10.01 16.37
CA ALA A 46 5.09 9.19 15.20
C ALA A 46 4.34 9.85 14.06
N VAL A 47 4.27 11.15 14.14
CA VAL A 47 3.60 11.95 13.15
C VAL A 47 4.49 12.01 11.93
N GLU A 48 5.66 12.56 12.12
CA GLU A 48 6.70 12.63 11.13
C GLU A 48 8.01 12.47 11.88
N ASN A 49 8.41 11.24 12.03
CA ASN A 49 9.56 10.85 12.82
C ASN A 49 10.53 10.06 11.96
N PRO A 50 11.86 10.31 12.08
CA PRO A 50 12.90 9.65 11.28
C PRO A 50 12.88 8.12 11.37
N LYS A 51 12.68 7.58 12.56
CA LYS A 51 12.72 6.13 12.74
C LYS A 51 11.50 5.45 12.18
N GLN A 52 10.46 6.22 11.98
CA GLN A 52 9.24 5.69 11.45
C GLN A 52 9.37 5.28 10.00
N GLN A 53 10.33 5.90 9.28
CA GLN A 53 10.49 5.58 7.84
C GLN A 53 11.10 4.20 7.63
N GLN A 54 11.31 3.46 8.72
CA GLN A 54 11.83 2.10 8.70
C GLN A 54 11.00 1.22 7.76
N HIS A 55 9.68 1.33 7.88
CA HIS A 55 8.78 0.56 7.06
C HIS A 55 8.74 1.06 5.64
N LEU A 56 9.14 2.30 5.45
CA LEU A 56 9.15 2.92 4.14
C LEU A 56 10.36 2.42 3.40
N SER A 57 11.50 2.36 4.08
CA SER A 57 12.71 1.85 3.51
C SER A 57 12.50 0.41 3.01
N LEU A 58 11.67 -0.32 3.72
CA LEU A 58 11.34 -1.68 3.33
C LEU A 58 10.27 -1.70 2.21
N CYS A 59 9.16 -1.06 2.46
CA CYS A 59 7.99 -1.04 1.56
C CYS A 59 8.36 -0.46 0.18
N CYS A 60 9.02 0.71 0.16
CA CYS A 60 9.48 1.36 -1.08
C CYS A 60 10.41 0.43 -1.85
N ASN A 61 11.20 -0.34 -1.12
CA ASN A 61 12.19 -1.24 -1.72
C ASN A 61 11.51 -2.50 -2.26
N GLN A 62 10.37 -2.79 -1.72
CA GLN A 62 9.60 -3.93 -2.15
C GLN A 62 8.78 -3.59 -3.39
N LEU A 63 8.09 -2.46 -3.32
CA LEU A 63 7.21 -2.02 -4.40
C LEU A 63 7.99 -1.68 -5.66
N GLN A 64 9.21 -1.20 -5.46
CA GLN A 64 10.07 -0.78 -6.55
C GLN A 64 10.54 -1.95 -7.40
N GLU A 65 10.37 -3.17 -6.90
CA GLU A 65 10.75 -4.33 -7.69
C GLU A 65 9.69 -4.60 -8.73
N VAL A 66 8.51 -4.09 -8.45
CA VAL A 66 7.38 -4.16 -9.36
C VAL A 66 7.62 -3.13 -10.49
N GLU A 67 6.91 -3.30 -11.60
CA GLU A 67 6.99 -2.38 -12.73
C GLU A 67 6.74 -0.93 -12.34
N LYS A 68 7.45 -0.03 -13.00
CA LYS A 68 7.36 1.42 -12.75
C LYS A 68 5.92 1.94 -12.87
N GLN A 69 5.16 1.32 -13.74
CA GLN A 69 3.78 1.73 -13.98
C GLN A 69 2.84 1.09 -12.96
N CYS A 70 3.38 0.23 -12.12
CA CYS A 70 2.59 -0.51 -11.18
C CYS A 70 3.09 -0.33 -9.74
N GLN A 71 4.22 0.34 -9.58
CA GLN A 71 4.80 0.64 -8.25
C GLN A 71 3.85 1.50 -7.47
N CYS A 72 3.26 2.47 -8.14
CA CYS A 72 2.29 3.31 -7.51
C CYS A 72 0.96 2.63 -7.40
N GLU A 73 0.75 1.68 -8.25
CA GLU A 73 -0.46 0.91 -8.21
C GLU A 73 -0.44 -0.01 -6.99
N ALA A 74 0.77 -0.43 -6.63
CA ALA A 74 1.01 -1.25 -5.47
C ALA A 74 0.55 -0.54 -4.21
N ILE A 75 0.53 0.77 -4.30
CA ILE A 75 0.15 1.62 -3.21
C ILE A 75 -1.35 1.55 -3.00
N LYS A 76 -2.07 1.31 -4.10
CA LYS A 76 -3.53 1.31 -4.06
C LYS A 76 -3.93 0.07 -3.33
N GLN A 77 -3.19 -0.95 -3.63
CA GLN A 77 -3.33 -2.27 -3.09
C GLN A 77 -3.25 -2.20 -1.58
N VAL A 78 -2.24 -1.46 -1.08
CA VAL A 78 -2.04 -1.27 0.37
C VAL A 78 -3.27 -0.66 0.98
N VAL A 79 -3.80 0.37 0.33
CA VAL A 79 -4.89 1.12 0.90
C VAL A 79 -6.13 0.26 0.93
N GLU A 80 -6.34 -0.50 -0.12
CA GLU A 80 -7.49 -1.39 -0.21
C GLU A 80 -7.45 -2.42 0.91
N GLN A 81 -6.33 -3.12 1.02
CA GLN A 81 -6.21 -4.20 1.99
C GLN A 81 -6.20 -3.69 3.43
N ALA A 82 -5.57 -2.54 3.65
CA ALA A 82 -5.46 -2.02 4.98
C ALA A 82 -6.80 -1.50 5.49
N GLN A 83 -7.57 -0.91 4.61
CA GLN A 83 -8.86 -0.39 5.02
C GLN A 83 -9.84 -1.51 5.21
N LYS A 84 -9.79 -2.52 4.34
CA LYS A 84 -10.73 -3.63 4.39
C LYS A 84 -10.54 -4.45 5.63
N GLN A 85 -9.28 -4.55 6.08
CA GLN A 85 -8.96 -5.38 7.21
C GLN A 85 -9.48 -4.75 8.52
N LEU A 86 -9.54 -3.43 8.54
CA LEU A 86 -10.09 -2.70 9.68
C LEU A 86 -11.61 -2.53 9.53
N GLN A 87 -12.05 -2.38 8.30
CA GLN A 87 -13.46 -2.22 7.96
C GLN A 87 -14.25 -3.46 8.37
N GLN A 88 -13.62 -4.62 8.22
CA GLN A 88 -14.26 -5.90 8.55
C GLN A 88 -14.16 -6.19 10.04
N GLY A 89 -13.44 -5.35 10.74
CA GLY A 89 -13.23 -5.56 12.14
C GLY A 89 -14.25 -4.83 12.97
N GLN A 90 -13.79 -4.14 13.97
CA GLN A 90 -14.66 -3.45 14.90
C GLN A 90 -14.67 -1.96 14.65
N GLY A 91 -13.66 -1.49 13.96
CA GLY A 91 -13.52 -0.09 13.71
C GLY A 91 -12.10 0.23 13.49
N GLY A 92 -11.64 1.35 13.99
CA GLY A 92 -10.26 1.67 13.86
C GLY A 92 -9.97 2.58 12.70
N GLN A 93 -10.81 2.55 11.69
CA GLN A 93 -10.58 3.32 10.46
C GLN A 93 -10.33 4.81 10.72
N GLN A 94 -10.94 5.35 11.76
CA GLN A 94 -10.76 6.77 12.08
C GLN A 94 -9.41 7.00 12.78
N GLN A 95 -8.98 6.05 13.58
CA GLN A 95 -7.73 6.21 14.33
C GLN A 95 -6.56 5.81 13.46
N VAL A 96 -6.74 4.72 12.75
CA VAL A 96 -5.79 4.17 11.81
C VAL A 96 -5.57 5.15 10.66
N GLN A 97 -6.55 6.03 10.42
CA GLN A 97 -6.51 7.03 9.34
C GLN A 97 -5.17 7.78 9.26
N GLN A 98 -4.64 8.18 10.41
CA GLN A 98 -3.41 8.96 10.47
C GLN A 98 -2.18 8.11 10.07
N MET A 99 -2.33 6.81 10.10
CA MET A 99 -1.24 5.94 9.78
C MET A 99 -1.42 5.42 8.37
N VAL A 100 -2.61 4.97 8.06
CA VAL A 100 -2.91 4.45 6.73
C VAL A 100 -2.81 5.55 5.65
N LYS A 101 -2.95 6.83 6.04
CA LYS A 101 -2.74 7.94 5.10
C LYS A 101 -1.30 7.91 4.56
N LYS A 102 -0.37 7.34 5.34
CA LYS A 102 1.02 7.28 4.97
C LYS A 102 1.18 6.41 3.74
N ALA A 103 0.27 5.44 3.60
CA ALA A 103 0.24 4.60 2.42
C ALA A 103 -0.02 5.47 1.21
N GLN A 104 -0.95 6.38 1.34
CA GLN A 104 -1.33 7.28 0.26
C GLN A 104 -0.21 8.30 -0.04
N MET A 105 0.72 8.45 0.89
CA MET A 105 1.85 9.36 0.70
C MET A 105 3.04 8.64 0.09
N LEU A 106 2.99 7.31 0.09
CA LEU A 106 4.08 6.46 -0.43
C LEU A 106 4.55 6.87 -1.84
N PRO A 107 3.64 7.14 -2.82
CA PRO A 107 4.05 7.59 -4.15
C PRO A 107 4.86 8.89 -4.12
N ASN A 108 4.70 9.67 -3.08
CA ASN A 108 5.42 10.88 -2.94
C ASN A 108 6.76 10.60 -2.29
N GLN A 109 6.74 9.78 -1.26
CA GLN A 109 7.94 9.47 -0.48
C GLN A 109 8.89 8.55 -1.25
N CYS A 110 8.34 7.63 -2.01
CA CYS A 110 9.15 6.67 -2.76
C CYS A 110 9.47 7.25 -4.17
N ASN A 111 8.90 8.43 -4.44
CA ASN A 111 9.09 9.18 -5.71
C ASN A 111 8.56 8.36 -6.90
N LEU A 112 7.35 7.92 -6.75
CA LEU A 112 6.66 7.11 -7.75
C LEU A 112 5.91 7.99 -8.74
N GLN A 113 5.62 7.44 -9.90
CA GLN A 113 5.00 8.15 -11.02
C GLN A 113 3.49 8.29 -10.85
N CYS A 114 3.09 8.62 -9.67
CA CYS A 114 1.71 8.74 -9.29
C CYS A 114 1.63 9.62 -8.05
N SER A 115 0.46 10.11 -7.76
CA SER A 115 0.23 10.94 -6.61
C SER A 115 -1.17 10.67 -6.09
N ILE A 116 -1.33 10.63 -4.80
CA ILE A 116 -2.61 10.34 -4.21
C ILE A 116 -3.07 11.55 -3.41
N GLY A 1 -13.69 8.86 -15.97
CA GLY A 1 -14.77 7.97 -15.55
C GLY A 1 -15.08 6.98 -16.64
N ARG A 2 -16.20 6.31 -16.54
CA ARG A 2 -16.59 5.34 -17.55
C ARG A 2 -17.50 5.99 -18.55
N CYS A 3 -17.15 5.89 -19.79
CA CYS A 3 -17.88 6.52 -20.84
C CYS A 3 -18.54 5.45 -21.69
N THR A 4 -19.68 5.75 -22.25
CA THR A 4 -20.33 4.85 -23.15
C THR A 4 -19.66 4.96 -24.52
N LYS A 5 -19.60 3.87 -25.23
CA LYS A 5 -19.03 3.89 -26.55
C LYS A 5 -20.11 4.23 -27.56
N SER A 6 -20.54 5.45 -27.50
CA SER A 6 -21.55 5.97 -28.35
C SER A 6 -21.21 7.43 -28.60
N ILE A 7 -21.91 8.05 -29.50
CA ILE A 7 -21.73 9.46 -29.81
C ILE A 7 -23.09 10.14 -29.75
N PRO A 8 -23.28 11.15 -28.88
CA PRO A 8 -22.26 11.61 -27.93
C PRO A 8 -22.02 10.60 -26.81
N PRO A 9 -20.78 10.50 -26.32
CA PRO A 9 -20.44 9.59 -25.26
C PRO A 9 -20.97 10.08 -23.91
N ILE A 10 -21.47 9.19 -23.13
CA ILE A 10 -22.00 9.51 -21.82
C ILE A 10 -21.00 9.02 -20.81
N CYS A 11 -20.40 9.90 -20.07
CA CYS A 11 -19.39 9.47 -19.15
C CYS A 11 -19.79 9.78 -17.73
N PHE A 12 -19.65 8.78 -16.89
CA PHE A 12 -19.97 8.86 -15.50
C PHE A 12 -18.74 9.16 -14.67
N PRO A 13 -18.91 9.84 -13.51
CA PRO A 13 -17.78 10.25 -12.68
C PRO A 13 -17.20 9.14 -11.78
N ASP A 14 -17.60 7.94 -12.06
CA ASP A 14 -17.13 6.80 -11.35
C ASP A 14 -16.49 5.89 -12.34
N GLY A 15 -15.38 5.34 -11.96
CA GLY A 15 -14.67 4.44 -12.80
C GLY A 15 -13.62 3.73 -12.04
N LEU A 16 -12.42 4.21 -12.15
CA LEU A 16 -11.29 3.65 -11.55
C LEU A 16 -10.40 4.78 -11.12
N ASP A 17 -9.48 4.49 -10.29
CA ASP A 17 -8.53 5.50 -9.86
C ASP A 17 -7.10 5.01 -10.00
N ASN A 18 -6.98 3.84 -10.56
CA ASN A 18 -5.69 3.25 -10.90
C ASN A 18 -5.51 3.36 -12.39
N PRO A 19 -4.66 4.29 -12.86
CA PRO A 19 -4.48 4.59 -14.30
C PRO A 19 -4.09 3.38 -15.13
N ARG A 20 -3.36 2.47 -14.53
CA ARG A 20 -2.93 1.27 -15.24
C ARG A 20 -3.84 0.16 -14.86
N GLY A 21 -4.01 0.01 -13.57
CA GLY A 21 -4.83 -1.04 -13.06
C GLY A 21 -4.03 -2.25 -12.87
N CYS A 22 -2.81 -2.02 -12.50
CA CYS A 22 -1.89 -3.06 -12.21
C CYS A 22 -2.37 -3.86 -11.04
N GLN A 23 -2.26 -5.15 -11.13
CA GLN A 23 -2.55 -5.98 -10.02
C GLN A 23 -1.25 -6.40 -9.38
N ILE A 24 -1.13 -6.07 -8.15
CA ILE A 24 0.04 -6.34 -7.38
C ILE A 24 -0.43 -7.16 -6.23
N ARG A 25 0.29 -8.21 -5.95
CA ARG A 25 -0.12 -9.15 -4.95
C ARG A 25 -0.08 -8.51 -3.58
N ILE A 26 -1.22 -8.52 -2.93
CA ILE A 26 -1.38 -7.87 -1.64
C ILE A 26 -0.52 -8.50 -0.56
N GLN A 27 -0.05 -9.70 -0.84
CA GLN A 27 0.76 -10.43 0.09
C GLN A 27 2.17 -9.86 0.10
N GLN A 28 2.50 -9.04 -0.89
CA GLN A 28 3.81 -8.44 -0.91
C GLN A 28 3.73 -7.05 -0.28
N LEU A 29 2.51 -6.58 -0.08
CA LEU A 29 2.27 -5.29 0.58
C LEU A 29 1.96 -5.50 2.02
N ASN A 30 2.06 -6.74 2.42
CA ASN A 30 1.79 -7.20 3.77
C ASN A 30 2.52 -6.38 4.84
N HIS A 31 3.75 -5.95 4.56
CA HIS A 31 4.51 -5.19 5.56
C HIS A 31 3.90 -3.80 5.68
N CYS A 32 3.79 -3.15 4.54
CA CYS A 32 3.27 -1.79 4.43
C CYS A 32 1.88 -1.75 5.08
N GLN A 33 1.02 -2.68 4.67
CA GLN A 33 -0.30 -2.86 5.21
C GLN A 33 -0.31 -2.99 6.75
N MET A 34 0.44 -3.94 7.30
CA MET A 34 0.40 -4.17 8.74
C MET A 34 1.00 -3.04 9.53
N HIS A 35 2.12 -2.52 9.08
CA HIS A 35 2.78 -1.41 9.79
C HIS A 35 1.96 -0.13 9.78
N LEU A 36 1.10 0.04 8.80
CA LEU A 36 0.24 1.20 8.78
C LEU A 36 -1.03 0.98 9.60
N THR A 37 -1.52 -0.22 9.63
CA THR A 37 -2.76 -0.45 10.35
C THR A 37 -2.53 -0.70 11.83
N SER A 38 -1.36 -1.11 12.16
CA SER A 38 -1.04 -1.45 13.51
C SER A 38 -0.53 -0.27 14.32
N PHE A 39 -1.21 0.04 15.37
CA PHE A 39 -0.68 0.93 16.35
C PHE A 39 -0.25 0.01 17.45
N ASP A 40 0.98 -0.42 17.34
CA ASP A 40 1.47 -1.51 18.15
C ASP A 40 1.71 -1.09 19.60
N TYR A 41 2.01 -2.03 20.43
CA TYR A 41 2.03 -1.86 21.85
C TYR A 41 3.42 -1.63 22.39
N LYS A 42 4.42 -2.22 21.76
CA LYS A 42 5.76 -2.07 22.28
C LYS A 42 6.41 -0.80 21.80
N LEU A 43 5.64 -0.02 21.08
CA LEU A 43 6.04 1.28 20.62
C LEU A 43 5.91 2.23 21.80
N ARG A 44 6.95 2.32 22.57
CA ARG A 44 6.92 3.10 23.78
C ARG A 44 7.80 4.31 23.64
N MET A 45 9.05 4.08 23.34
CA MET A 45 9.98 5.19 23.12
C MET A 45 10.12 5.44 21.65
N ALA A 46 9.63 4.52 20.87
CA ALA A 46 9.62 4.65 19.44
C ALA A 46 8.37 5.39 19.01
N VAL A 47 8.47 6.68 18.92
CA VAL A 47 7.39 7.52 18.49
C VAL A 47 7.89 8.36 17.32
N GLU A 48 8.92 9.12 17.57
CA GLU A 48 9.58 9.89 16.57
C GLU A 48 11.03 9.48 16.51
N ASN A 49 11.26 8.38 15.84
CA ASN A 49 12.58 7.76 15.73
C ASN A 49 12.76 7.38 14.29
N PRO A 50 14.01 7.14 13.83
CA PRO A 50 14.26 6.62 12.47
C PRO A 50 13.58 5.26 12.27
N LYS A 51 13.39 4.53 13.37
CA LYS A 51 12.73 3.24 13.36
C LYS A 51 11.26 3.36 13.01
N GLN A 52 10.75 4.56 13.03
CA GLN A 52 9.36 4.79 12.76
C GLN A 52 9.10 4.92 11.28
N GLN A 53 10.15 5.04 10.51
CA GLN A 53 10.02 5.13 9.07
C GLN A 53 10.70 3.94 8.42
N GLN A 54 11.06 2.95 9.24
CA GLN A 54 11.74 1.73 8.77
C GLN A 54 10.87 1.02 7.75
N HIS A 55 9.57 1.12 7.95
CA HIS A 55 8.58 0.50 7.12
C HIS A 55 8.59 1.08 5.72
N LEU A 56 9.10 2.29 5.58
CA LEU A 56 9.15 2.95 4.29
C LEU A 56 10.34 2.43 3.57
N SER A 57 11.46 2.35 4.27
CA SER A 57 12.70 1.85 3.72
C SER A 57 12.49 0.43 3.17
N LEU A 58 11.60 -0.30 3.80
CA LEU A 58 11.30 -1.65 3.40
C LEU A 58 10.20 -1.68 2.33
N CYS A 59 9.10 -0.96 2.58
CA CYS A 59 7.96 -0.93 1.64
C CYS A 59 8.38 -0.35 0.28
N CYS A 60 9.05 0.82 0.29
CA CYS A 60 9.53 1.47 -0.93
C CYS A 60 10.47 0.55 -1.71
N ASN A 61 11.20 -0.27 -0.97
CA ASN A 61 12.18 -1.19 -1.58
C ASN A 61 11.50 -2.43 -2.11
N GLN A 62 10.37 -2.74 -1.54
CA GLN A 62 9.61 -3.90 -1.94
C GLN A 62 8.76 -3.58 -3.15
N LEU A 63 8.09 -2.46 -3.10
CA LEU A 63 7.20 -2.04 -4.16
C LEU A 63 7.98 -1.74 -5.44
N GLN A 64 9.20 -1.24 -5.28
CA GLN A 64 10.05 -0.87 -6.40
C GLN A 64 10.55 -2.10 -7.16
N GLU A 65 10.33 -3.27 -6.60
CA GLU A 65 10.69 -4.52 -7.24
C GLU A 65 9.64 -4.84 -8.29
N VAL A 66 8.51 -4.19 -8.16
CA VAL A 66 7.42 -4.29 -9.11
C VAL A 66 7.68 -3.28 -10.22
N GLU A 67 7.01 -3.46 -11.33
CA GLU A 67 7.07 -2.59 -12.48
C GLU A 67 6.86 -1.14 -12.10
N LYS A 68 7.56 -0.24 -12.79
CA LYS A 68 7.47 1.19 -12.51
C LYS A 68 6.04 1.70 -12.67
N GLN A 69 5.32 1.11 -13.60
CA GLN A 69 3.96 1.51 -13.87
C GLN A 69 3.02 0.92 -12.83
N CYS A 70 3.53 -0.01 -12.05
CA CYS A 70 2.72 -0.71 -11.08
C CYS A 70 3.18 -0.44 -9.64
N GLN A 71 4.32 0.21 -9.49
CA GLN A 71 4.88 0.58 -8.19
C GLN A 71 3.93 1.42 -7.37
N CYS A 72 3.38 2.46 -7.96
CA CYS A 72 2.43 3.26 -7.23
C CYS A 72 1.08 2.60 -7.14
N GLU A 73 0.82 1.72 -8.08
CA GLU A 73 -0.42 1.00 -8.10
C GLU A 73 -0.46 0.07 -6.86
N ALA A 74 0.71 -0.47 -6.49
CA ALA A 74 0.87 -1.33 -5.34
C ALA A 74 0.48 -0.60 -4.06
N ILE A 75 0.61 0.71 -4.08
CA ILE A 75 0.28 1.52 -2.92
C ILE A 75 -1.23 1.57 -2.73
N LYS A 76 -1.95 1.41 -3.83
CA LYS A 76 -3.38 1.54 -3.80
C LYS A 76 -3.91 0.30 -3.17
N GLN A 77 -3.25 -0.77 -3.54
CA GLN A 77 -3.49 -2.10 -3.06
C GLN A 77 -3.35 -2.13 -1.57
N VAL A 78 -2.28 -1.47 -1.06
CA VAL A 78 -2.02 -1.39 0.37
C VAL A 78 -3.21 -0.77 1.06
N VAL A 79 -3.71 0.32 0.51
CA VAL A 79 -4.80 1.05 1.14
C VAL A 79 -6.04 0.19 1.14
N GLU A 80 -6.32 -0.40 0.00
CA GLU A 80 -7.49 -1.21 -0.22
C GLU A 80 -7.52 -2.40 0.75
N GLN A 81 -6.36 -3.02 0.98
CA GLN A 81 -6.27 -4.20 1.85
C GLN A 81 -6.21 -3.78 3.34
N ALA A 82 -5.62 -2.65 3.60
CA ALA A 82 -5.44 -2.17 4.95
C ALA A 82 -6.72 -1.57 5.51
N GLN A 83 -7.54 -1.00 4.67
CA GLN A 83 -8.78 -0.40 5.12
C GLN A 83 -9.82 -1.49 5.32
N LYS A 84 -9.77 -2.52 4.48
CA LYS A 84 -10.75 -3.57 4.52
C LYS A 84 -10.54 -4.46 5.72
N GLN A 85 -9.27 -4.63 6.11
CA GLN A 85 -8.95 -5.49 7.24
C GLN A 85 -9.47 -4.88 8.55
N LEU A 86 -9.48 -3.56 8.62
CA LEU A 86 -9.99 -2.86 9.78
C LEU A 86 -11.51 -2.72 9.70
N GLN A 87 -12.02 -2.64 8.48
CA GLN A 87 -13.46 -2.55 8.24
C GLN A 87 -14.15 -3.86 8.65
N GLN A 88 -13.49 -4.98 8.40
CA GLN A 88 -14.05 -6.30 8.71
C GLN A 88 -13.88 -6.62 10.18
N GLY A 89 -13.23 -5.76 10.88
CA GLY A 89 -13.02 -5.94 12.28
C GLY A 89 -14.06 -5.19 13.09
N GLN A 90 -13.62 -4.50 14.09
CA GLN A 90 -14.49 -3.76 14.98
C GLN A 90 -14.64 -2.34 14.47
N GLY A 91 -13.52 -1.74 14.20
CA GLY A 91 -13.44 -0.37 13.78
C GLY A 91 -12.00 -0.05 13.61
N GLY A 92 -11.63 1.19 13.75
CA GLY A 92 -10.25 1.54 13.63
C GLY A 92 -9.99 2.36 12.42
N GLN A 93 -10.86 2.24 11.44
CA GLN A 93 -10.75 2.95 10.15
C GLN A 93 -10.51 4.46 10.33
N GLN A 94 -11.09 5.03 11.36
CA GLN A 94 -10.92 6.45 11.65
C GLN A 94 -9.53 6.75 12.25
N GLN A 95 -9.07 5.89 13.15
CA GLN A 95 -7.84 6.12 13.85
C GLN A 95 -6.66 5.74 12.96
N VAL A 96 -6.80 4.59 12.33
CA VAL A 96 -5.84 4.03 11.40
C VAL A 96 -5.69 4.93 10.18
N GLN A 97 -6.72 5.75 9.93
CA GLN A 97 -6.72 6.67 8.78
C GLN A 97 -5.47 7.55 8.80
N GLN A 98 -5.01 7.93 9.99
CA GLN A 98 -3.84 8.82 10.14
C GLN A 98 -2.55 8.10 9.74
N MET A 99 -2.61 6.80 9.68
CA MET A 99 -1.44 6.04 9.37
C MET A 99 -1.49 5.58 7.94
N VAL A 100 -2.64 5.10 7.52
CA VAL A 100 -2.81 4.67 6.15
C VAL A 100 -2.73 5.88 5.17
N LYS A 101 -3.00 7.08 5.68
CA LYS A 101 -2.87 8.30 4.87
C LYS A 101 -1.41 8.54 4.46
N LYS A 102 -0.50 7.95 5.21
CA LYS A 102 0.92 8.03 4.91
C LYS A 102 1.21 7.29 3.60
N ALA A 103 0.39 6.29 3.32
CA ALA A 103 0.50 5.54 2.06
C ALA A 103 0.08 6.43 0.89
N GLN A 104 -0.73 7.42 1.14
CA GLN A 104 -1.15 8.34 0.11
C GLN A 104 0.05 9.23 -0.27
N MET A 105 0.95 9.36 0.67
CA MET A 105 2.14 10.18 0.53
C MET A 105 3.29 9.34 0.00
N LEU A 106 3.10 8.01 0.07
CA LEU A 106 4.09 7.00 -0.32
C LEU A 106 4.61 7.26 -1.75
N PRO A 107 3.72 7.50 -2.77
CA PRO A 107 4.17 7.79 -4.12
C PRO A 107 5.05 9.03 -4.21
N ASN A 108 4.95 9.94 -3.27
CA ASN A 108 5.77 11.09 -3.31
C ASN A 108 7.07 10.84 -2.59
N GLN A 109 6.98 10.14 -1.46
CA GLN A 109 8.16 9.81 -0.64
C GLN A 109 9.09 8.85 -1.38
N CYS A 110 8.50 7.89 -2.03
CA CYS A 110 9.25 6.85 -2.73
C CYS A 110 9.57 7.29 -4.15
N ASN A 111 9.02 8.44 -4.54
CA ASN A 111 9.18 8.98 -5.91
C ASN A 111 8.63 8.01 -6.95
N LEU A 112 7.37 7.79 -6.82
CA LEU A 112 6.61 6.94 -7.71
C LEU A 112 5.81 7.79 -8.67
N GLN A 113 5.43 7.19 -9.79
CA GLN A 113 4.74 7.89 -10.89
C GLN A 113 3.25 8.09 -10.60
N CYS A 114 2.98 8.61 -9.42
CA CYS A 114 1.65 8.81 -8.93
C CYS A 114 1.65 9.88 -7.85
N SER A 115 0.52 10.45 -7.60
CA SER A 115 0.35 11.43 -6.57
C SER A 115 -1.08 11.32 -6.02
N ILE A 116 -1.20 10.98 -4.76
CA ILE A 116 -2.49 10.77 -4.15
C ILE A 116 -2.86 11.98 -3.32
N GLY A 1 -3.49 -17.38 -19.34
CA GLY A 1 -2.10 -16.99 -19.10
C GLY A 1 -1.68 -15.91 -20.05
N ARG A 2 -1.70 -14.70 -19.57
CA ARG A 2 -1.30 -13.56 -20.36
C ARG A 2 0.12 -13.23 -20.12
N CYS A 3 0.79 -12.73 -21.10
CA CYS A 3 2.17 -12.36 -20.98
C CYS A 3 2.42 -11.11 -21.79
N THR A 4 3.35 -10.31 -21.36
CA THR A 4 3.71 -9.12 -22.04
C THR A 4 4.52 -9.47 -23.28
N LYS A 5 4.61 -8.57 -24.21
CA LYS A 5 5.34 -8.85 -25.42
C LYS A 5 6.77 -8.37 -25.32
N SER A 6 7.55 -9.06 -24.51
CA SER A 6 8.93 -8.75 -24.30
C SER A 6 9.63 -10.04 -23.95
N ILE A 7 10.93 -10.04 -23.96
CA ILE A 7 11.71 -11.21 -23.59
C ILE A 7 12.77 -10.81 -22.55
N PRO A 8 12.72 -11.40 -21.34
CA PRO A 8 11.71 -12.42 -20.95
C PRO A 8 10.31 -11.82 -20.76
N PRO A 9 9.26 -12.59 -21.06
CA PRO A 9 7.89 -12.12 -20.93
C PRO A 9 7.43 -12.02 -19.49
N ILE A 10 6.64 -11.03 -19.21
CA ILE A 10 6.06 -10.86 -17.91
C ILE A 10 4.69 -11.47 -17.97
N CYS A 11 4.47 -12.51 -17.24
CA CYS A 11 3.23 -13.24 -17.33
C CYS A 11 2.31 -12.98 -16.15
N PHE A 12 1.03 -13.02 -16.43
CA PHE A 12 -0.01 -12.75 -15.48
C PHE A 12 -1.01 -13.88 -15.42
N PRO A 13 -1.41 -14.28 -14.18
CA PRO A 13 -2.36 -15.37 -13.96
C PRO A 13 -3.74 -15.03 -14.51
N ASP A 14 -4.08 -13.80 -14.42
CA ASP A 14 -5.34 -13.33 -14.87
C ASP A 14 -5.16 -12.31 -15.94
N GLY A 15 -4.84 -11.10 -15.54
CA GLY A 15 -4.66 -10.01 -16.47
C GLY A 15 -5.91 -9.69 -17.25
N LEU A 16 -7.07 -9.92 -16.67
CA LEU A 16 -8.28 -9.72 -17.39
C LEU A 16 -9.26 -8.88 -16.58
N ASP A 17 -9.37 -9.18 -15.33
CA ASP A 17 -10.29 -8.46 -14.46
C ASP A 17 -9.52 -7.56 -13.55
N ASN A 18 -9.52 -6.29 -13.87
CA ASN A 18 -8.71 -5.34 -13.14
C ASN A 18 -9.47 -4.08 -12.79
N PRO A 19 -9.50 -3.73 -11.50
CA PRO A 19 -10.06 -2.46 -11.04
C PRO A 19 -9.15 -1.29 -11.44
N ARG A 20 -7.84 -1.52 -11.38
CA ARG A 20 -6.86 -0.49 -11.75
C ARG A 20 -6.16 -0.93 -13.01
N GLY A 21 -5.56 -2.08 -12.94
CA GLY A 21 -4.82 -2.59 -14.04
C GLY A 21 -3.70 -3.44 -13.58
N CYS A 22 -2.77 -2.80 -12.95
CA CYS A 22 -1.65 -3.47 -12.36
C CYS A 22 -2.10 -4.37 -11.23
N GLN A 23 -1.67 -5.60 -11.26
CA GLN A 23 -1.97 -6.49 -10.19
C GLN A 23 -0.72 -6.71 -9.36
N ILE A 24 -0.80 -6.25 -8.17
CA ILE A 24 0.30 -6.32 -7.26
C ILE A 24 -0.11 -7.27 -6.17
N ARG A 25 0.73 -8.22 -5.88
CA ARG A 25 0.41 -9.25 -4.95
C ARG A 25 0.30 -8.71 -3.54
N ILE A 26 -0.84 -8.94 -2.93
CA ILE A 26 -1.14 -8.42 -1.59
C ILE A 26 -0.17 -8.94 -0.54
N GLN A 27 0.48 -10.04 -0.86
CA GLN A 27 1.40 -10.67 0.05
C GLN A 27 2.71 -9.90 0.09
N GLN A 28 2.89 -8.96 -0.82
CA GLN A 28 4.08 -8.17 -0.80
C GLN A 28 3.83 -6.83 -0.14
N LEU A 29 2.56 -6.54 0.10
CA LEU A 29 2.18 -5.30 0.78
C LEU A 29 1.74 -5.52 2.19
N ASN A 30 1.84 -6.75 2.65
CA ASN A 30 1.38 -7.11 4.00
C ASN A 30 2.08 -6.27 5.06
N HIS A 31 3.35 -5.95 4.84
CA HIS A 31 4.12 -5.21 5.84
C HIS A 31 3.58 -3.80 5.93
N CYS A 32 3.51 -3.16 4.78
CA CYS A 32 3.05 -1.80 4.63
C CYS A 32 1.64 -1.69 5.23
N GLN A 33 0.77 -2.59 4.78
CA GLN A 33 -0.58 -2.72 5.27
C GLN A 33 -0.65 -2.83 6.80
N MET A 34 -0.01 -3.86 7.35
CA MET A 34 -0.13 -4.14 8.79
C MET A 34 0.49 -3.06 9.62
N HIS A 35 1.61 -2.56 9.20
CA HIS A 35 2.36 -1.57 9.96
C HIS A 35 1.59 -0.25 10.02
N LEU A 36 0.77 0.00 9.02
CA LEU A 36 -0.07 1.19 9.00
C LEU A 36 -1.34 0.98 9.81
N THR A 37 -1.90 -0.21 9.80
CA THR A 37 -3.10 -0.40 10.56
C THR A 37 -2.81 -0.67 12.03
N SER A 38 -1.62 -1.10 12.31
CA SER A 38 -1.21 -1.43 13.63
C SER A 38 -0.60 -0.24 14.33
N PHE A 39 -1.17 0.13 15.43
CA PHE A 39 -0.55 1.08 16.30
C PHE A 39 0.12 0.27 17.38
N ASP A 40 1.38 0.02 17.20
CA ASP A 40 2.11 -0.90 18.06
C ASP A 40 2.26 -0.39 19.50
N TYR A 41 2.84 -1.22 20.31
CA TYR A 41 2.91 -1.03 21.73
C TYR A 41 4.28 -0.58 22.19
N LYS A 42 5.32 -1.04 21.51
CA LYS A 42 6.66 -0.73 21.96
C LYS A 42 7.11 0.62 21.43
N LEU A 43 6.20 1.29 20.77
CA LEU A 43 6.45 2.59 20.21
C LEU A 43 6.47 3.64 21.33
N ARG A 44 7.64 3.86 21.87
CA ARG A 44 7.81 4.85 22.92
C ARG A 44 8.75 5.90 22.43
N MET A 45 9.75 5.44 21.72
CA MET A 45 10.79 6.30 21.21
C MET A 45 10.49 6.61 19.76
N ALA A 46 9.27 6.33 19.36
CA ALA A 46 8.82 6.58 18.02
C ALA A 46 7.46 7.24 18.04
N VAL A 47 7.48 8.55 18.09
CA VAL A 47 6.26 9.33 18.08
C VAL A 47 6.16 10.05 16.75
N GLU A 48 7.14 10.87 16.47
CA GLU A 48 7.22 11.61 15.22
C GLU A 48 8.68 11.61 14.76
N ASN A 49 9.35 10.56 15.16
CA ASN A 49 10.78 10.38 14.92
C ASN A 49 11.03 9.94 13.49
N PRO A 50 12.21 10.29 12.94
CA PRO A 50 12.60 9.95 11.56
C PRO A 50 12.60 8.44 11.31
N LYS A 51 12.88 7.67 12.35
CA LYS A 51 12.94 6.20 12.27
C LYS A 51 11.62 5.54 11.95
N GLN A 52 10.56 6.30 11.93
CA GLN A 52 9.27 5.77 11.52
C GLN A 52 9.27 5.47 10.02
N GLN A 53 10.26 6.00 9.31
CA GLN A 53 10.42 5.75 7.88
C GLN A 53 10.91 4.31 7.62
N GLN A 54 11.15 3.57 8.70
CA GLN A 54 11.64 2.19 8.61
C GLN A 54 10.72 1.31 7.75
N HIS A 55 9.42 1.45 7.93
CA HIS A 55 8.47 0.66 7.18
C HIS A 55 8.41 1.12 5.74
N LEU A 56 8.86 2.34 5.51
CA LEU A 56 8.89 2.90 4.19
C LEU A 56 10.12 2.38 3.50
N SER A 57 11.23 2.30 4.23
CA SER A 57 12.47 1.74 3.70
C SER A 57 12.26 0.29 3.25
N LEU A 58 11.32 -0.37 3.88
CA LEU A 58 10.97 -1.73 3.53
C LEU A 58 9.92 -1.76 2.40
N CYS A 59 8.80 -1.08 2.63
CA CYS A 59 7.67 -1.05 1.68
C CYS A 59 8.09 -0.45 0.31
N CYS A 60 8.79 0.69 0.33
CA CYS A 60 9.29 1.34 -0.89
C CYS A 60 10.24 0.43 -1.63
N ASN A 61 10.99 -0.36 -0.89
CA ASN A 61 11.98 -1.24 -1.48
C ASN A 61 11.31 -2.46 -2.07
N GLN A 62 10.16 -2.76 -1.55
CA GLN A 62 9.39 -3.87 -2.01
C GLN A 62 8.60 -3.47 -3.27
N LEU A 63 7.94 -2.33 -3.19
CA LEU A 63 7.09 -1.85 -4.27
C LEU A 63 7.90 -1.47 -5.50
N GLN A 64 9.13 -1.00 -5.27
CA GLN A 64 9.97 -0.54 -6.35
C GLN A 64 10.41 -1.70 -7.25
N GLU A 65 10.25 -2.92 -6.75
CA GLU A 65 10.57 -4.12 -7.50
C GLU A 65 9.44 -4.46 -8.43
N VAL A 66 8.28 -3.92 -8.15
CA VAL A 66 7.12 -4.09 -9.00
C VAL A 66 7.31 -3.16 -10.21
N GLU A 67 6.55 -3.39 -11.27
CA GLU A 67 6.61 -2.60 -12.50
C GLU A 67 6.58 -1.12 -12.22
N LYS A 68 7.25 -0.37 -13.07
CA LYS A 68 7.40 1.07 -12.94
C LYS A 68 6.08 1.79 -12.74
N GLN A 69 5.06 1.33 -13.42
CA GLN A 69 3.75 1.95 -13.37
C GLN A 69 2.93 1.39 -12.23
N CYS A 70 3.33 0.24 -11.77
CA CYS A 70 2.55 -0.50 -10.82
C CYS A 70 3.05 -0.26 -9.40
N GLN A 71 4.19 0.42 -9.30
CA GLN A 71 4.74 0.82 -8.00
C GLN A 71 3.72 1.66 -7.24
N CYS A 72 3.14 2.63 -7.93
CA CYS A 72 2.15 3.48 -7.33
C CYS A 72 0.83 2.79 -7.20
N GLU A 73 0.63 1.82 -8.03
CA GLU A 73 -0.58 1.06 -7.98
C GLU A 73 -0.59 0.15 -6.77
N ALA A 74 0.60 -0.28 -6.37
CA ALA A 74 0.78 -1.09 -5.19
C ALA A 74 0.32 -0.31 -3.97
N ILE A 75 0.42 1.00 -4.08
CA ILE A 75 0.05 1.89 -3.00
C ILE A 75 -1.46 1.87 -2.83
N LYS A 76 -2.19 1.60 -3.92
CA LYS A 76 -3.63 1.64 -3.85
C LYS A 76 -4.05 0.41 -3.11
N GLN A 77 -3.37 -0.64 -3.47
CA GLN A 77 -3.55 -1.97 -2.94
C GLN A 77 -3.34 -1.98 -1.45
N VAL A 78 -2.31 -1.27 -0.99
CA VAL A 78 -2.02 -1.20 0.43
C VAL A 78 -3.20 -0.59 1.15
N VAL A 79 -3.75 0.47 0.59
CA VAL A 79 -4.85 1.18 1.21
C VAL A 79 -6.03 0.26 1.29
N GLU A 80 -6.31 -0.37 0.16
CA GLU A 80 -7.40 -1.29 0.00
C GLU A 80 -7.36 -2.41 1.03
N GLN A 81 -6.29 -3.17 1.04
CA GLN A 81 -6.18 -4.32 1.92
C GLN A 81 -6.12 -3.90 3.39
N ALA A 82 -5.57 -2.74 3.65
CA ALA A 82 -5.45 -2.27 5.01
C ALA A 82 -6.80 -1.82 5.54
N GLN A 83 -7.57 -1.15 4.71
CA GLN A 83 -8.84 -0.66 5.17
C GLN A 83 -9.86 -1.78 5.24
N LYS A 84 -9.79 -2.70 4.30
CA LYS A 84 -10.74 -3.80 4.25
C LYS A 84 -10.51 -4.78 5.39
N GLN A 85 -9.27 -4.86 5.87
CA GLN A 85 -8.96 -5.78 6.94
C GLN A 85 -9.47 -5.23 8.28
N LEU A 86 -9.47 -3.92 8.40
CA LEU A 86 -9.94 -3.27 9.61
C LEU A 86 -11.45 -3.08 9.62
N GLN A 87 -11.98 -2.69 8.47
CA GLN A 87 -13.42 -2.39 8.32
C GLN A 87 -14.30 -3.61 8.63
N GLN A 88 -13.78 -4.78 8.34
CA GLN A 88 -14.52 -6.02 8.57
C GLN A 88 -14.52 -6.42 10.05
N GLY A 89 -13.69 -5.78 10.84
CA GLY A 89 -13.58 -6.17 12.22
C GLY A 89 -13.71 -5.02 13.19
N GLN A 90 -12.58 -4.56 13.68
CA GLN A 90 -12.51 -3.55 14.75
C GLN A 90 -12.93 -2.17 14.27
N GLY A 91 -12.85 -1.94 13.00
CA GLY A 91 -13.10 -0.64 12.48
C GLY A 91 -11.82 -0.04 12.09
N GLY A 92 -11.18 0.64 13.01
CA GLY A 92 -9.85 1.10 12.80
C GLY A 92 -9.74 2.32 11.99
N GLN A 93 -10.44 2.37 10.88
CA GLN A 93 -10.40 3.45 9.90
C GLN A 93 -10.47 4.85 10.50
N GLN A 94 -11.10 4.99 11.65
CA GLN A 94 -11.15 6.27 12.34
C GLN A 94 -9.77 6.63 12.94
N GLN A 95 -9.16 5.67 13.62
CA GLN A 95 -7.89 5.86 14.31
C GLN A 95 -6.73 5.66 13.34
N VAL A 96 -6.82 4.57 12.59
CA VAL A 96 -5.87 4.12 11.59
C VAL A 96 -5.70 5.17 10.50
N GLN A 97 -6.72 6.02 10.36
CA GLN A 97 -6.72 7.09 9.35
C GLN A 97 -5.40 7.87 9.31
N GLN A 98 -4.86 8.22 10.48
CA GLN A 98 -3.63 9.01 10.55
C GLN A 98 -2.41 8.22 10.06
N MET A 99 -2.54 6.93 10.02
CA MET A 99 -1.42 6.09 9.66
C MET A 99 -1.55 5.67 8.22
N VAL A 100 -2.72 5.23 7.85
CA VAL A 100 -2.96 4.81 6.48
C VAL A 100 -2.86 6.00 5.51
N LYS A 101 -3.10 7.22 6.01
CA LYS A 101 -2.96 8.41 5.18
C LYS A 101 -1.50 8.58 4.73
N LYS A 102 -0.57 8.03 5.49
CA LYS A 102 0.86 8.08 5.19
C LYS A 102 1.16 7.32 3.92
N ALA A 103 0.35 6.29 3.63
CA ALA A 103 0.50 5.46 2.42
C ALA A 103 0.40 6.33 1.18
N GLN A 104 -0.40 7.37 1.28
CA GLN A 104 -0.63 8.29 0.17
C GLN A 104 0.62 9.11 -0.15
N MET A 105 1.54 9.16 0.79
CA MET A 105 2.75 9.94 0.64
C MET A 105 3.84 9.07 0.04
N LEU A 106 3.62 7.78 0.05
CA LEU A 106 4.57 6.79 -0.49
C LEU A 106 4.97 7.08 -1.94
N PRO A 107 4.02 7.34 -2.87
CA PRO A 107 4.37 7.66 -4.25
C PRO A 107 5.18 8.94 -4.37
N ASN A 108 5.09 9.79 -3.38
CA ASN A 108 5.79 11.02 -3.40
C ASN A 108 7.20 10.81 -2.88
N GLN A 109 7.32 10.02 -1.83
CA GLN A 109 8.60 9.74 -1.18
C GLN A 109 9.44 8.75 -1.98
N CYS A 110 8.80 7.73 -2.50
CA CYS A 110 9.48 6.64 -3.19
C CYS A 110 9.73 7.01 -4.66
N ASN A 111 9.26 8.20 -5.05
CA ASN A 111 9.38 8.72 -6.42
C ASN A 111 8.68 7.80 -7.39
N LEU A 112 7.43 7.68 -7.18
CA LEU A 112 6.62 6.86 -8.01
C LEU A 112 5.95 7.71 -9.05
N GLN A 113 5.56 7.10 -10.12
CA GLN A 113 4.99 7.76 -11.30
C GLN A 113 3.52 8.08 -11.10
N CYS A 114 3.24 8.56 -9.93
CA CYS A 114 1.95 8.90 -9.43
C CYS A 114 2.24 9.78 -8.23
N SER A 115 1.38 10.69 -7.91
CA SER A 115 1.58 11.53 -6.76
C SER A 115 0.26 11.78 -6.09
N ILE A 116 0.26 11.76 -4.79
CA ILE A 116 -0.93 11.97 -4.03
C ILE A 116 -0.70 13.14 -3.13
N GLY A 1 -2.26 -15.42 -13.64
CA GLY A 1 -2.46 -16.71 -14.30
C GLY A 1 -2.84 -17.78 -13.32
N ARG A 2 -4.11 -18.09 -13.24
CA ARG A 2 -4.57 -19.15 -12.37
C ARG A 2 -4.26 -20.46 -12.99
N CYS A 3 -3.62 -21.30 -12.26
CA CYS A 3 -3.19 -22.58 -12.75
C CYS A 3 -3.42 -23.64 -11.70
N THR A 4 -3.62 -24.85 -12.15
CA THR A 4 -3.82 -25.97 -11.26
C THR A 4 -2.47 -26.49 -10.76
N LYS A 5 -2.51 -27.40 -9.84
CA LYS A 5 -1.31 -28.01 -9.35
C LYS A 5 -1.10 -29.34 -10.04
N SER A 6 -0.54 -29.26 -11.19
CA SER A 6 -0.16 -30.39 -11.98
C SER A 6 0.92 -29.91 -12.90
N ILE A 7 1.64 -30.82 -13.50
CA ILE A 7 2.69 -30.47 -14.46
C ILE A 7 2.49 -31.29 -15.74
N PRO A 8 2.23 -30.63 -16.88
CA PRO A 8 2.08 -29.17 -16.99
C PRO A 8 0.78 -28.70 -16.36
N PRO A 9 0.77 -27.51 -15.77
CA PRO A 9 -0.39 -26.98 -15.09
C PRO A 9 -1.50 -26.59 -16.06
N ILE A 10 -2.70 -26.62 -15.59
CA ILE A 10 -3.82 -26.21 -16.38
C ILE A 10 -4.10 -24.76 -16.02
N CYS A 11 -3.78 -23.88 -16.91
CA CYS A 11 -3.91 -22.49 -16.64
C CYS A 11 -5.11 -21.89 -17.32
N PHE A 12 -5.78 -21.07 -16.59
CA PHE A 12 -6.94 -20.34 -17.04
C PHE A 12 -6.51 -19.11 -17.83
N PRO A 13 -7.41 -18.51 -18.63
CA PRO A 13 -7.11 -17.30 -19.42
C PRO A 13 -7.11 -16.04 -18.52
N ASP A 14 -6.53 -16.19 -17.36
CA ASP A 14 -6.45 -15.17 -16.35
C ASP A 14 -5.36 -14.16 -16.68
N GLY A 15 -5.70 -13.28 -17.55
CA GLY A 15 -4.88 -12.16 -17.93
C GLY A 15 -5.79 -11.00 -18.11
N LEU A 16 -6.82 -11.01 -17.30
CA LEU A 16 -7.91 -10.09 -17.40
C LEU A 16 -8.34 -9.53 -16.04
N ASP A 17 -7.86 -10.11 -14.95
CA ASP A 17 -8.22 -9.62 -13.62
C ASP A 17 -7.19 -8.63 -13.18
N ASN A 18 -7.41 -7.41 -13.55
CA ASN A 18 -6.55 -6.31 -13.29
C ASN A 18 -7.43 -5.17 -12.84
N PRO A 19 -7.57 -4.99 -11.51
CA PRO A 19 -8.47 -3.98 -10.92
C PRO A 19 -8.22 -2.60 -11.50
N ARG A 20 -6.98 -2.18 -11.49
CA ARG A 20 -6.61 -0.90 -12.09
C ARG A 20 -5.93 -1.19 -13.38
N GLY A 21 -4.96 -2.05 -13.29
CA GLY A 21 -4.23 -2.44 -14.43
C GLY A 21 -3.08 -3.25 -13.99
N CYS A 22 -2.38 -2.73 -13.06
CA CYS A 22 -1.34 -3.44 -12.46
C CYS A 22 -1.90 -4.33 -11.37
N GLN A 23 -1.53 -5.56 -11.39
CA GLN A 23 -1.96 -6.50 -10.40
C GLN A 23 -0.79 -6.80 -9.47
N ILE A 24 -0.73 -6.09 -8.41
CA ILE A 24 0.37 -6.24 -7.51
C ILE A 24 -0.09 -7.13 -6.39
N ARG A 25 0.69 -8.13 -6.07
CA ARG A 25 0.30 -9.09 -5.09
C ARG A 25 0.26 -8.46 -3.72
N ILE A 26 -0.93 -8.44 -3.15
CA ILE A 26 -1.17 -7.80 -1.87
C ILE A 26 -0.37 -8.42 -0.74
N GLN A 27 0.11 -9.62 -0.99
CA GLN A 27 0.87 -10.35 -0.01
C GLN A 27 2.26 -9.76 0.15
N GLN A 28 2.69 -8.96 -0.82
CA GLN A 28 4.00 -8.35 -0.73
C GLN A 28 3.85 -7.01 -0.02
N LEU A 29 2.62 -6.55 0.08
CA LEU A 29 2.31 -5.29 0.74
C LEU A 29 1.85 -5.54 2.13
N ASN A 30 1.94 -6.79 2.53
CA ASN A 30 1.50 -7.22 3.85
C ASN A 30 2.22 -6.46 4.96
N HIS A 31 3.49 -6.09 4.73
CA HIS A 31 4.23 -5.36 5.75
C HIS A 31 3.66 -3.96 5.85
N CYS A 32 3.60 -3.31 4.70
CA CYS A 32 3.12 -1.95 4.57
C CYS A 32 1.72 -1.87 5.19
N GLN A 33 0.86 -2.80 4.79
CA GLN A 33 -0.47 -2.97 5.31
C GLN A 33 -0.47 -3.09 6.84
N MET A 34 0.24 -4.09 7.37
CA MET A 34 0.18 -4.38 8.79
C MET A 34 0.77 -3.26 9.61
N HIS A 35 1.84 -2.69 9.13
CA HIS A 35 2.56 -1.68 9.86
C HIS A 35 1.79 -0.36 9.87
N LEU A 36 0.94 -0.15 8.88
CA LEU A 36 0.12 1.04 8.84
C LEU A 36 -1.19 0.86 9.58
N THR A 37 -1.63 -0.36 9.74
CA THR A 37 -2.86 -0.55 10.46
C THR A 37 -2.59 -0.72 11.96
N SER A 38 -1.40 -1.12 12.26
CA SER A 38 -0.98 -1.30 13.62
C SER A 38 -0.39 -0.01 14.17
N PHE A 39 -0.47 0.18 15.45
CA PHE A 39 0.07 1.37 16.06
C PHE A 39 0.94 1.04 17.22
N ASP A 40 1.42 2.07 17.81
CA ASP A 40 2.19 2.06 18.96
C ASP A 40 1.45 3.04 19.86
N TYR A 41 1.90 3.28 21.03
CA TYR A 41 1.14 4.09 21.94
C TYR A 41 2.05 4.83 22.88
N LYS A 42 3.14 4.20 23.22
CA LYS A 42 4.06 4.76 24.15
C LYS A 42 5.05 5.68 23.45
N LEU A 43 4.82 5.92 22.17
CA LEU A 43 5.58 6.85 21.38
C LEU A 43 5.52 8.25 21.98
N ARG A 44 6.56 8.63 22.65
CA ARG A 44 6.59 9.94 23.28
C ARG A 44 7.15 10.93 22.31
N MET A 45 7.95 10.43 21.42
CA MET A 45 8.59 11.22 20.43
C MET A 45 8.78 10.40 19.17
N ALA A 46 7.76 10.44 18.35
CA ALA A 46 7.75 9.75 17.04
C ALA A 46 8.03 10.76 15.92
N VAL A 47 8.60 11.88 16.30
CA VAL A 47 8.85 12.97 15.39
C VAL A 47 9.93 12.60 14.38
N GLU A 48 11.05 12.17 14.90
CA GLU A 48 12.19 11.82 14.10
C GLU A 48 12.91 10.62 14.68
N ASN A 49 12.53 9.46 14.24
CA ASN A 49 13.15 8.22 14.68
C ASN A 49 13.50 7.44 13.45
N PRO A 50 14.54 6.58 13.49
CA PRO A 50 14.90 5.73 12.34
C PRO A 50 13.72 4.82 11.98
N LYS A 51 12.99 4.43 13.03
CA LYS A 51 11.86 3.56 12.92
C LYS A 51 10.69 4.19 12.20
N GLN A 52 10.70 5.48 12.06
CA GLN A 52 9.57 6.11 11.38
C GLN A 52 9.64 5.87 9.89
N GLN A 53 10.82 5.61 9.39
CA GLN A 53 10.96 5.32 7.98
C GLN A 53 11.40 3.88 7.75
N GLN A 54 11.32 3.06 8.81
CA GLN A 54 11.71 1.65 8.67
C GLN A 54 10.77 0.97 7.70
N HIS A 55 9.47 1.18 7.89
CA HIS A 55 8.46 0.62 7.04
C HIS A 55 8.52 1.21 5.65
N LEU A 56 9.15 2.36 5.52
CA LEU A 56 9.36 2.96 4.22
C LEU A 56 10.43 2.17 3.52
N SER A 57 11.57 2.02 4.19
CA SER A 57 12.71 1.31 3.66
C SER A 57 12.35 -0.13 3.32
N LEU A 58 11.29 -0.61 3.91
CA LEU A 58 10.78 -1.93 3.63
C LEU A 58 9.75 -1.90 2.48
N CYS A 59 8.69 -1.13 2.66
CA CYS A 59 7.58 -1.05 1.69
C CYS A 59 8.02 -0.40 0.36
N CYS A 60 8.68 0.76 0.43
CA CYS A 60 9.16 1.50 -0.75
C CYS A 60 10.17 0.66 -1.48
N ASN A 61 10.92 -0.07 -0.72
CA ASN A 61 11.91 -0.97 -1.29
C ASN A 61 11.26 -2.18 -1.94
N GLN A 62 10.19 -2.65 -1.36
CA GLN A 62 9.51 -3.81 -1.90
C GLN A 62 8.69 -3.45 -3.14
N LEU A 63 8.06 -2.29 -3.11
CA LEU A 63 7.23 -1.86 -4.22
C LEU A 63 8.09 -1.48 -5.42
N GLN A 64 9.29 -0.99 -5.16
CA GLN A 64 10.17 -0.56 -6.22
C GLN A 64 10.76 -1.75 -6.98
N GLU A 65 10.44 -2.94 -6.51
CA GLU A 65 10.83 -4.18 -7.15
C GLU A 65 9.80 -4.51 -8.22
N VAL A 66 8.66 -3.89 -8.11
CA VAL A 66 7.57 -4.02 -9.05
C VAL A 66 7.81 -3.04 -10.19
N GLU A 67 7.11 -3.24 -11.28
CA GLU A 67 7.17 -2.40 -12.44
C GLU A 67 6.90 -0.97 -12.08
N LYS A 68 7.60 -0.06 -12.71
CA LYS A 68 7.54 1.37 -12.37
C LYS A 68 6.14 1.95 -12.46
N GLN A 69 5.34 1.46 -13.40
CA GLN A 69 3.97 1.95 -13.54
C GLN A 69 3.06 1.31 -12.50
N CYS A 70 3.57 0.33 -11.82
CA CYS A 70 2.81 -0.45 -10.88
C CYS A 70 3.29 -0.20 -9.45
N GLN A 71 4.42 0.49 -9.32
CA GLN A 71 4.99 0.82 -8.01
C GLN A 71 4.03 1.67 -7.19
N CYS A 72 3.38 2.60 -7.85
CA CYS A 72 2.39 3.43 -7.19
C CYS A 72 1.08 2.70 -7.04
N GLU A 73 0.84 1.79 -7.93
CA GLU A 73 -0.37 1.02 -7.92
C GLU A 73 -0.38 0.08 -6.72
N ALA A 74 0.81 -0.41 -6.36
CA ALA A 74 0.98 -1.29 -5.22
C ALA A 74 0.51 -0.60 -3.96
N ILE A 75 0.65 0.72 -3.95
CA ILE A 75 0.27 1.54 -2.83
C ILE A 75 -1.23 1.51 -2.64
N LYS A 76 -1.95 1.44 -3.75
CA LYS A 76 -3.39 1.56 -3.71
C LYS A 76 -3.91 0.30 -3.09
N GLN A 77 -3.27 -0.76 -3.49
CA GLN A 77 -3.56 -2.11 -3.07
C GLN A 77 -3.33 -2.22 -1.58
N VAL A 78 -2.29 -1.53 -1.06
CA VAL A 78 -2.01 -1.52 0.36
C VAL A 78 -3.20 -0.93 1.09
N VAL A 79 -3.67 0.21 0.59
CA VAL A 79 -4.71 0.96 1.25
C VAL A 79 -5.97 0.14 1.25
N GLU A 80 -6.26 -0.41 0.08
CA GLU A 80 -7.42 -1.21 -0.14
C GLU A 80 -7.49 -2.42 0.80
N GLN A 81 -6.41 -3.17 0.90
CA GLN A 81 -6.42 -4.36 1.74
C GLN A 81 -6.38 -3.99 3.23
N ALA A 82 -5.75 -2.90 3.54
CA ALA A 82 -5.63 -2.46 4.91
C ALA A 82 -6.94 -1.88 5.43
N GLN A 83 -7.61 -1.13 4.59
CA GLN A 83 -8.85 -0.50 5.00
C GLN A 83 -9.96 -1.52 5.11
N LYS A 84 -9.87 -2.57 4.30
CA LYS A 84 -10.89 -3.59 4.33
C LYS A 84 -10.72 -4.47 5.55
N GLN A 85 -9.47 -4.66 5.99
CA GLN A 85 -9.21 -5.52 7.13
C GLN A 85 -9.61 -4.86 8.45
N LEU A 86 -9.56 -3.56 8.50
CA LEU A 86 -10.03 -2.83 9.67
C LEU A 86 -11.52 -2.60 9.62
N GLN A 87 -12.05 -2.37 8.43
CA GLN A 87 -13.48 -2.16 8.25
C GLN A 87 -14.26 -3.44 8.57
N GLN A 88 -13.65 -4.58 8.30
CA GLN A 88 -14.27 -5.88 8.56
C GLN A 88 -14.20 -6.23 10.04
N GLY A 89 -13.42 -5.47 10.78
CA GLY A 89 -13.28 -5.69 12.17
C GLY A 89 -14.32 -4.94 12.95
N GLN A 90 -13.90 -4.29 13.99
CA GLN A 90 -14.81 -3.55 14.83
C GLN A 90 -14.71 -2.06 14.57
N GLY A 91 -13.49 -1.56 14.58
CA GLY A 91 -13.26 -0.15 14.34
C GLY A 91 -11.85 0.09 13.86
N GLY A 92 -11.28 1.23 14.19
CA GLY A 92 -9.91 1.50 13.84
C GLY A 92 -9.75 2.39 12.66
N GLN A 93 -10.67 2.31 11.70
CA GLN A 93 -10.59 3.10 10.45
C GLN A 93 -10.31 4.59 10.65
N GLN A 94 -10.81 5.14 11.73
CA GLN A 94 -10.61 6.56 12.00
C GLN A 94 -9.20 6.82 12.54
N GLN A 95 -8.68 5.91 13.36
CA GLN A 95 -7.38 6.10 13.95
C GLN A 95 -6.32 5.68 12.99
N VAL A 96 -6.54 4.54 12.37
CA VAL A 96 -5.64 3.97 11.35
C VAL A 96 -5.48 4.94 10.19
N GLN A 97 -6.47 5.82 10.01
CA GLN A 97 -6.44 6.84 8.96
C GLN A 97 -5.11 7.62 8.95
N GLN A 98 -4.63 8.02 10.14
CA GLN A 98 -3.41 8.82 10.24
C GLN A 98 -2.18 8.03 9.79
N MET A 99 -2.29 6.73 9.74
CA MET A 99 -1.18 5.90 9.41
C MET A 99 -1.30 5.47 7.97
N VAL A 100 -2.45 4.98 7.60
CA VAL A 100 -2.69 4.52 6.25
C VAL A 100 -2.61 5.68 5.23
N LYS A 101 -2.85 6.91 5.69
CA LYS A 101 -2.72 8.09 4.83
C LYS A 101 -1.26 8.28 4.38
N LYS A 102 -0.32 7.72 5.15
CA LYS A 102 1.09 7.81 4.84
C LYS A 102 1.35 7.07 3.56
N ALA A 103 0.58 6.00 3.34
CA ALA A 103 0.66 5.25 2.11
C ALA A 103 0.24 6.12 0.95
N GLN A 104 -0.73 6.97 1.17
CA GLN A 104 -1.21 7.85 0.12
C GLN A 104 -0.14 8.90 -0.22
N MET A 105 0.82 9.10 0.67
CA MET A 105 1.93 10.01 0.39
C MET A 105 3.08 9.23 -0.22
N LEU A 106 3.03 7.89 -0.12
CA LEU A 106 4.09 6.99 -0.61
C LEU A 106 4.47 7.24 -2.07
N PRO A 107 3.52 7.43 -3.02
CA PRO A 107 3.88 7.72 -4.40
C PRO A 107 4.69 9.01 -4.53
N ASN A 108 4.56 9.92 -3.59
CA ASN A 108 5.29 11.11 -3.64
C ASN A 108 6.63 10.94 -2.93
N GLN A 109 6.63 10.19 -1.84
CA GLN A 109 7.84 9.98 -1.03
C GLN A 109 8.80 8.96 -1.67
N CYS A 110 8.25 7.98 -2.35
CA CYS A 110 9.04 6.91 -2.94
C CYS A 110 9.39 7.27 -4.38
N ASN A 111 8.88 8.43 -4.83
CA ASN A 111 9.14 8.96 -6.18
C ASN A 111 8.51 8.06 -7.23
N LEU A 112 7.24 7.85 -7.07
CA LEU A 112 6.49 6.99 -7.96
C LEU A 112 5.70 7.84 -8.96
N GLN A 113 5.37 7.25 -10.09
CA GLN A 113 4.72 7.95 -11.24
C GLN A 113 3.22 8.19 -11.03
N CYS A 114 2.88 8.53 -9.84
CA CYS A 114 1.52 8.68 -9.43
C CYS A 114 1.50 9.65 -8.26
N SER A 115 0.37 10.28 -8.00
CA SER A 115 0.23 11.18 -6.88
C SER A 115 -1.19 11.11 -6.34
N ILE A 116 -1.33 11.18 -5.03
CA ILE A 116 -2.63 11.11 -4.42
C ILE A 116 -3.01 12.50 -3.92
N GLY A 1 -5.61 -3.90 -16.14
CA GLY A 1 -6.95 -3.77 -15.54
C GLY A 1 -7.04 -4.56 -14.28
N ARG A 2 -8.16 -5.18 -14.02
CA ARG A 2 -8.29 -5.95 -12.81
C ARG A 2 -7.92 -7.34 -13.10
N CYS A 3 -7.04 -7.87 -12.35
CA CYS A 3 -6.66 -9.21 -12.52
C CYS A 3 -6.83 -9.92 -11.23
N THR A 4 -7.31 -11.13 -11.32
CA THR A 4 -7.45 -11.93 -10.16
C THR A 4 -6.08 -12.29 -9.69
N LYS A 5 -5.88 -12.29 -8.41
CA LYS A 5 -4.60 -12.53 -7.87
C LYS A 5 -4.35 -14.02 -7.75
N SER A 6 -4.22 -14.64 -8.89
CA SER A 6 -3.98 -16.03 -8.98
C SER A 6 -3.15 -16.26 -10.23
N ILE A 7 -2.67 -17.46 -10.43
CA ILE A 7 -1.90 -17.84 -11.59
C ILE A 7 -2.53 -19.09 -12.20
N PRO A 8 -3.01 -19.03 -13.46
CA PRO A 8 -2.95 -17.83 -14.30
C PRO A 8 -3.94 -16.74 -13.85
N PRO A 9 -3.57 -15.47 -13.99
CA PRO A 9 -4.40 -14.36 -13.59
C PRO A 9 -5.52 -14.08 -14.59
N ILE A 10 -6.67 -13.85 -14.08
CA ILE A 10 -7.82 -13.55 -14.89
C ILE A 10 -7.94 -12.04 -14.95
N CYS A 11 -7.67 -11.46 -16.10
CA CYS A 11 -7.69 -10.02 -16.22
C CYS A 11 -8.92 -9.49 -16.94
N PHE A 12 -9.47 -8.46 -16.38
CA PHE A 12 -10.59 -7.72 -16.90
C PHE A 12 -10.10 -6.34 -17.31
N PRO A 13 -10.80 -5.69 -18.27
CA PRO A 13 -10.45 -4.35 -18.79
C PRO A 13 -10.13 -3.34 -17.70
N ASP A 14 -11.08 -3.15 -16.81
CA ASP A 14 -10.95 -2.20 -15.73
C ASP A 14 -11.98 -2.65 -14.69
N GLY A 15 -12.47 -1.77 -13.87
CA GLY A 15 -13.44 -2.13 -12.89
C GLY A 15 -14.23 -0.95 -12.47
N LEU A 16 -13.56 -0.04 -11.86
CA LEU A 16 -14.17 1.15 -11.39
C LEU A 16 -13.24 2.30 -11.70
N ASP A 17 -12.08 2.23 -11.13
CA ASP A 17 -11.04 3.22 -11.34
C ASP A 17 -9.68 2.57 -11.28
N ASN A 18 -9.05 2.43 -12.41
CA ASN A 18 -7.71 1.85 -12.52
C ASN A 18 -6.92 2.69 -13.46
N PRO A 19 -5.86 3.35 -12.98
CA PRO A 19 -5.01 4.15 -13.84
C PRO A 19 -4.34 3.26 -14.89
N ARG A 20 -3.88 2.09 -14.46
CA ARG A 20 -3.38 1.09 -15.38
C ARG A 20 -4.11 -0.18 -15.11
N GLY A 21 -4.11 -0.53 -13.85
CA GLY A 21 -4.67 -1.77 -13.45
C GLY A 21 -3.60 -2.77 -13.41
N CYS A 22 -2.72 -2.56 -12.52
CA CYS A 22 -1.66 -3.46 -12.31
C CYS A 22 -2.05 -4.47 -11.26
N GLN A 23 -1.51 -5.62 -11.37
CA GLN A 23 -1.76 -6.65 -10.44
C GLN A 23 -0.55 -6.87 -9.56
N ILE A 24 -0.60 -6.31 -8.41
CA ILE A 24 0.49 -6.38 -7.49
C ILE A 24 0.11 -7.36 -6.41
N ARG A 25 1.04 -8.20 -6.00
CA ARG A 25 0.77 -9.15 -4.97
C ARG A 25 0.56 -8.46 -3.63
N ILE A 26 -0.62 -8.61 -3.08
CA ILE A 26 -1.00 -7.92 -1.83
C ILE A 26 -0.18 -8.37 -0.63
N GLN A 27 0.55 -9.46 -0.81
CA GLN A 27 1.36 -10.01 0.25
C GLN A 27 2.63 -9.21 0.39
N GLN A 28 2.98 -8.46 -0.65
CA GLN A 28 4.20 -7.70 -0.61
C GLN A 28 3.93 -6.35 0.03
N LEU A 29 2.65 -6.00 0.11
CA LEU A 29 2.24 -4.77 0.76
C LEU A 29 1.78 -5.04 2.14
N ASN A 30 1.88 -6.30 2.52
CA ASN A 30 1.45 -6.77 3.82
C ASN A 30 2.13 -6.01 4.94
N HIS A 31 3.39 -5.60 4.73
CA HIS A 31 4.13 -4.92 5.79
C HIS A 31 3.55 -3.52 5.96
N CYS A 32 3.46 -2.77 4.84
CA CYS A 32 2.88 -1.44 4.84
C CYS A 32 1.49 -1.48 5.41
N GLN A 33 0.66 -2.36 4.87
CA GLN A 33 -0.68 -2.57 5.32
C GLN A 33 -0.76 -2.80 6.84
N MET A 34 -0.05 -3.82 7.36
CA MET A 34 -0.17 -4.14 8.77
C MET A 34 0.37 -3.04 9.64
N HIS A 35 1.50 -2.51 9.26
CA HIS A 35 2.20 -1.51 10.05
C HIS A 35 1.41 -0.21 10.12
N LEU A 36 0.69 0.11 9.06
CA LEU A 36 -0.13 1.31 9.04
C LEU A 36 -1.42 1.10 9.81
N THR A 37 -1.86 -0.12 9.90
CA THR A 37 -3.04 -0.38 10.72
C THR A 37 -2.64 -0.73 12.15
N SER A 38 -1.34 -0.75 12.38
CA SER A 38 -0.77 -1.14 13.62
C SER A 38 -0.65 0.02 14.59
N PHE A 39 -1.29 -0.15 15.70
CA PHE A 39 -1.12 0.70 16.82
C PHE A 39 -0.83 -0.21 17.96
N ASP A 40 0.43 -0.38 18.22
CA ASP A 40 0.85 -1.29 19.25
C ASP A 40 0.65 -0.64 20.63
N TYR A 41 0.96 -1.36 21.64
CA TYR A 41 0.71 -0.96 22.99
C TYR A 41 1.96 -0.46 23.67
N LYS A 42 3.10 -0.98 23.28
CA LYS A 42 4.33 -0.61 23.96
C LYS A 42 5.00 0.56 23.25
N LEU A 43 4.25 1.20 22.37
CA LEU A 43 4.67 2.38 21.66
C LEU A 43 5.00 3.49 22.65
N ARG A 44 6.27 3.72 22.86
CA ARG A 44 6.71 4.78 23.75
C ARG A 44 7.58 5.76 22.99
N MET A 45 8.03 5.34 21.82
CA MET A 45 8.90 6.15 20.99
C MET A 45 8.40 6.11 19.56
N ALA A 46 7.11 5.98 19.41
CA ALA A 46 6.52 5.86 18.11
C ALA A 46 5.61 7.04 17.80
N VAL A 47 5.82 8.16 18.46
CA VAL A 47 5.00 9.34 18.20
C VAL A 47 5.48 9.97 16.90
N GLU A 48 6.73 10.36 16.91
CA GLU A 48 7.44 10.89 15.76
C GLU A 48 8.88 10.49 15.94
N ASN A 49 9.36 9.62 15.14
CA ASN A 49 10.70 9.08 15.31
C ASN A 49 11.25 8.72 13.94
N PRO A 50 12.51 9.11 13.64
CA PRO A 50 13.15 8.78 12.36
C PRO A 50 13.12 7.27 12.06
N LYS A 51 13.25 6.47 13.11
CA LYS A 51 13.29 5.01 12.99
C LYS A 51 11.96 4.44 12.54
N GLN A 52 10.90 5.19 12.72
CA GLN A 52 9.57 4.76 12.30
C GLN A 52 9.49 4.65 10.79
N GLN A 53 10.33 5.40 10.09
CA GLN A 53 10.32 5.41 8.62
C GLN A 53 11.04 4.19 8.04
N GLN A 54 11.44 3.27 8.90
CA GLN A 54 12.09 2.02 8.50
C GLN A 54 11.21 1.24 7.53
N HIS A 55 9.90 1.28 7.78
CA HIS A 55 8.94 0.56 6.99
C HIS A 55 8.85 1.11 5.58
N LEU A 56 9.26 2.36 5.40
CA LEU A 56 9.27 2.96 4.09
C LEU A 56 10.42 2.38 3.31
N SER A 57 11.56 2.26 3.96
CA SER A 57 12.75 1.72 3.35
C SER A 57 12.52 0.25 2.91
N LEU A 58 11.62 -0.41 3.60
CA LEU A 58 11.26 -1.77 3.28
C LEU A 58 10.21 -1.81 2.17
N CYS A 59 9.12 -1.09 2.39
CA CYS A 59 7.97 -1.05 1.51
C CYS A 59 8.33 -0.43 0.14
N CYS A 60 9.02 0.73 0.16
CA CYS A 60 9.47 1.40 -1.08
C CYS A 60 10.40 0.50 -1.88
N ASN A 61 11.16 -0.32 -1.18
CA ASN A 61 12.12 -1.21 -1.83
C ASN A 61 11.41 -2.45 -2.34
N GLN A 62 10.30 -2.77 -1.75
CA GLN A 62 9.55 -3.91 -2.17
C GLN A 62 8.66 -3.55 -3.37
N LEU A 63 8.08 -2.38 -3.33
CA LEU A 63 7.20 -1.94 -4.39
C LEU A 63 7.99 -1.71 -5.69
N GLN A 64 9.23 -1.28 -5.54
CA GLN A 64 10.09 -1.00 -6.67
C GLN A 64 10.54 -2.30 -7.39
N GLU A 65 10.21 -3.44 -6.79
CA GLU A 65 10.48 -4.73 -7.40
C GLU A 65 9.44 -5.01 -8.47
N VAL A 66 8.31 -4.35 -8.34
CA VAL A 66 7.18 -4.47 -9.25
C VAL A 66 7.47 -3.56 -10.46
N GLU A 67 6.74 -3.75 -11.56
CA GLU A 67 6.83 -2.89 -12.74
C GLU A 67 6.69 -1.43 -12.36
N LYS A 68 7.42 -0.54 -13.02
CA LYS A 68 7.44 0.87 -12.64
C LYS A 68 6.09 1.54 -12.75
N GLN A 69 5.28 1.07 -13.68
CA GLN A 69 3.94 1.63 -13.84
C GLN A 69 3.00 1.04 -12.78
N CYS A 70 3.47 0.03 -12.11
CA CYS A 70 2.69 -0.69 -11.13
C CYS A 70 3.15 -0.38 -9.72
N GLN A 71 4.31 0.30 -9.62
CA GLN A 71 4.89 0.70 -8.33
C GLN A 71 3.92 1.60 -7.57
N CYS A 72 3.28 2.49 -8.27
CA CYS A 72 2.31 3.34 -7.64
C CYS A 72 0.96 2.68 -7.50
N GLU A 73 0.69 1.73 -8.37
CA GLU A 73 -0.56 1.00 -8.31
C GLU A 73 -0.63 0.17 -7.01
N ALA A 74 0.54 -0.35 -6.60
CA ALA A 74 0.71 -1.13 -5.39
C ALA A 74 0.26 -0.33 -4.18
N ILE A 75 0.41 0.97 -4.30
CA ILE A 75 0.10 1.90 -3.26
C ILE A 75 -1.39 1.94 -3.01
N LYS A 76 -2.16 1.78 -4.08
CA LYS A 76 -3.59 1.87 -3.98
C LYS A 76 -4.04 0.67 -3.23
N GLN A 77 -3.42 -0.45 -3.57
CA GLN A 77 -3.75 -1.73 -3.01
C GLN A 77 -3.57 -1.74 -1.50
N VAL A 78 -2.49 -1.07 -1.03
CA VAL A 78 -2.19 -1.02 0.40
C VAL A 78 -3.37 -0.43 1.14
N VAL A 79 -3.91 0.64 0.58
CA VAL A 79 -5.00 1.35 1.21
C VAL A 79 -6.21 0.45 1.25
N GLU A 80 -6.50 -0.14 0.10
CA GLU A 80 -7.65 -0.99 -0.09
C GLU A 80 -7.65 -2.13 0.93
N GLN A 81 -6.55 -2.86 1.00
CA GLN A 81 -6.45 -4.02 1.88
C GLN A 81 -6.39 -3.61 3.36
N ALA A 82 -5.75 -2.49 3.64
CA ALA A 82 -5.59 -2.05 5.02
C ALA A 82 -6.91 -1.55 5.61
N GLN A 83 -7.69 -0.88 4.80
CA GLN A 83 -8.95 -0.35 5.28
C GLN A 83 -9.99 -1.45 5.39
N LYS A 84 -9.97 -2.39 4.45
CA LYS A 84 -10.95 -3.45 4.43
C LYS A 84 -10.74 -4.42 5.58
N GLN A 85 -9.48 -4.57 6.01
CA GLN A 85 -9.16 -5.49 7.06
C GLN A 85 -9.64 -4.94 8.41
N LEU A 86 -9.63 -3.63 8.54
CA LEU A 86 -10.15 -2.99 9.73
C LEU A 86 -11.66 -2.85 9.65
N GLN A 87 -12.16 -2.70 8.44
CA GLN A 87 -13.60 -2.61 8.16
C GLN A 87 -14.30 -3.88 8.63
N GLN A 88 -13.65 -5.02 8.40
CA GLN A 88 -14.17 -6.33 8.79
C GLN A 88 -13.85 -6.63 10.24
N GLY A 89 -13.10 -5.75 10.84
CA GLY A 89 -12.69 -5.92 12.19
C GLY A 89 -13.60 -5.21 13.13
N GLN A 90 -13.03 -4.55 14.09
CA GLN A 90 -13.77 -3.90 15.15
C GLN A 90 -14.04 -2.45 14.84
N GLY A 91 -13.28 -1.91 13.92
CA GLY A 91 -13.36 -0.52 13.60
C GLY A 91 -12.02 -0.06 13.18
N GLY A 92 -11.45 0.89 13.89
CA GLY A 92 -10.10 1.29 13.64
C GLY A 92 -9.94 2.25 12.49
N GLN A 93 -10.77 2.14 11.47
CA GLN A 93 -10.68 2.98 10.25
C GLN A 93 -10.53 4.47 10.54
N GLN A 94 -11.11 4.93 11.62
CA GLN A 94 -11.05 6.33 11.99
C GLN A 94 -9.68 6.67 12.61
N GLN A 95 -9.13 5.77 13.40
CA GLN A 95 -7.88 6.00 14.07
C GLN A 95 -6.72 5.66 13.17
N VAL A 96 -6.88 4.58 12.45
CA VAL A 96 -5.95 4.09 11.46
C VAL A 96 -5.80 5.08 10.32
N GLN A 97 -6.81 5.93 10.13
CA GLN A 97 -6.81 6.91 9.02
C GLN A 97 -5.53 7.77 9.00
N GLN A 98 -5.03 8.13 10.19
CA GLN A 98 -3.83 8.97 10.31
C GLN A 98 -2.58 8.21 9.86
N MET A 99 -2.66 6.91 9.81
CA MET A 99 -1.51 6.11 9.52
C MET A 99 -1.61 5.58 8.13
N VAL A 100 -2.78 5.08 7.78
CA VAL A 100 -3.01 4.56 6.43
C VAL A 100 -2.85 5.67 5.38
N LYS A 101 -3.04 6.94 5.77
CA LYS A 101 -2.78 8.05 4.86
C LYS A 101 -1.30 8.08 4.43
N LYS A 102 -0.41 7.48 5.24
CA LYS A 102 0.99 7.42 4.91
C LYS A 102 1.21 6.53 3.72
N ALA A 103 0.27 5.62 3.48
CA ALA A 103 0.30 4.78 2.29
C ALA A 103 0.14 5.66 1.07
N GLN A 104 -0.64 6.71 1.23
CA GLN A 104 -0.92 7.65 0.16
C GLN A 104 0.30 8.55 -0.05
N MET A 105 1.15 8.61 0.96
CA MET A 105 2.37 9.41 0.89
C MET A 105 3.49 8.61 0.28
N LEU A 106 3.31 7.30 0.21
CA LEU A 106 4.33 6.39 -0.32
C LEU A 106 4.83 6.81 -1.72
N PRO A 107 3.94 7.08 -2.70
CA PRO A 107 4.36 7.52 -4.03
C PRO A 107 5.07 8.86 -3.99
N ASN A 108 4.83 9.62 -2.96
CA ASN A 108 5.38 10.91 -2.85
C ASN A 108 6.79 10.81 -2.26
N GLN A 109 6.94 9.95 -1.26
CA GLN A 109 8.22 9.74 -0.57
C GLN A 109 9.15 8.80 -1.35
N CYS A 110 8.57 7.83 -2.02
CA CYS A 110 9.35 6.84 -2.77
C CYS A 110 9.60 7.37 -4.19
N ASN A 111 9.06 8.57 -4.44
CA ASN A 111 9.16 9.27 -5.72
C ASN A 111 8.69 8.38 -6.86
N LEU A 112 7.46 8.00 -6.74
CA LEU A 112 6.82 7.14 -7.70
C LEU A 112 6.13 7.96 -8.75
N GLN A 113 5.87 7.34 -9.87
CA GLN A 113 5.29 8.01 -11.07
C GLN A 113 3.80 8.32 -10.89
N CYS A 114 3.46 8.66 -9.69
CA CYS A 114 2.13 8.90 -9.25
C CYS A 114 2.22 9.78 -8.02
N SER A 115 1.24 10.59 -7.82
CA SER A 115 1.19 11.47 -6.69
C SER A 115 -0.18 11.44 -6.05
N ILE A 116 -0.21 11.30 -4.76
CA ILE A 116 -1.44 11.29 -4.02
C ILE A 116 -1.43 12.48 -3.09
N GLY A 1 -7.21 4.82 -21.77
CA GLY A 1 -6.97 5.94 -20.88
C GLY A 1 -6.47 7.12 -21.68
N ARG A 2 -5.65 7.94 -21.05
CA ARG A 2 -5.13 9.14 -21.71
C ARG A 2 -4.06 8.77 -22.70
N CYS A 3 -3.94 9.53 -23.74
CA CYS A 3 -2.97 9.24 -24.76
C CYS A 3 -2.14 10.47 -25.02
N THR A 4 -0.89 10.25 -25.37
CA THR A 4 -0.02 11.34 -25.70
C THR A 4 -0.48 11.97 -27.00
N LYS A 5 -0.16 13.20 -27.21
CA LYS A 5 -0.56 13.89 -28.38
C LYS A 5 0.53 13.75 -29.44
N SER A 6 0.63 12.56 -29.97
CA SER A 6 1.59 12.21 -30.96
C SER A 6 0.95 11.17 -31.85
N ILE A 7 1.58 10.86 -32.96
CA ILE A 7 1.08 9.85 -33.87
C ILE A 7 2.20 8.87 -34.17
N PRO A 8 2.08 7.60 -33.77
CA PRO A 8 0.91 7.07 -33.05
C PRO A 8 0.90 7.52 -31.59
N PRO A 9 -0.27 7.72 -31.02
CA PRO A 9 -0.41 8.14 -29.65
C PRO A 9 -0.08 7.02 -28.68
N ILE A 10 0.58 7.37 -27.62
CA ILE A 10 0.91 6.44 -26.59
C ILE A 10 -0.21 6.49 -25.60
N CYS A 11 -0.93 5.44 -25.49
CA CYS A 11 -2.09 5.41 -24.67
C CYS A 11 -1.86 4.69 -23.40
N PHE A 12 -2.28 5.29 -22.35
CA PHE A 12 -2.15 4.76 -21.04
C PHE A 12 -3.34 3.93 -20.68
N PRO A 13 -3.13 2.89 -19.84
CA PRO A 13 -4.21 2.04 -19.32
C PRO A 13 -5.26 2.90 -18.60
N ASP A 14 -4.77 3.97 -18.02
CA ASP A 14 -5.57 4.98 -17.39
C ASP A 14 -4.82 6.27 -17.45
N GLY A 15 -3.73 6.30 -16.73
CA GLY A 15 -2.91 7.46 -16.62
C GLY A 15 -2.38 7.60 -15.24
N LEU A 16 -3.18 7.20 -14.27
CA LEU A 16 -2.78 7.36 -12.90
C LEU A 16 -3.30 6.27 -11.99
N ASP A 17 -4.43 5.71 -12.33
CA ASP A 17 -5.02 4.73 -11.45
C ASP A 17 -5.53 3.51 -12.18
N ASN A 18 -4.72 2.49 -12.22
CA ASN A 18 -5.12 1.21 -12.78
C ASN A 18 -4.50 0.02 -12.01
N PRO A 19 -4.99 -0.25 -10.79
CA PRO A 19 -4.55 -1.40 -10.00
C PRO A 19 -5.26 -2.69 -10.43
N ARG A 20 -6.01 -2.60 -11.51
CA ARG A 20 -6.70 -3.75 -12.06
C ARG A 20 -5.79 -4.37 -13.08
N GLY A 21 -5.18 -3.51 -13.87
CA GLY A 21 -4.24 -3.92 -14.86
C GLY A 21 -2.97 -4.35 -14.21
N CYS A 22 -2.51 -3.53 -13.31
CA CYS A 22 -1.36 -3.85 -12.58
C CYS A 22 -1.67 -4.83 -11.49
N GLN A 23 -1.14 -6.02 -11.62
CA GLN A 23 -1.33 -7.04 -10.62
C GLN A 23 -0.15 -7.06 -9.68
N ILE A 24 -0.34 -6.51 -8.54
CA ILE A 24 0.68 -6.48 -7.52
C ILE A 24 0.21 -7.40 -6.43
N ARG A 25 1.09 -8.19 -5.88
CA ARG A 25 0.70 -9.12 -4.87
C ARG A 25 0.52 -8.45 -3.53
N ILE A 26 -0.68 -8.58 -2.98
CA ILE A 26 -1.04 -7.92 -1.72
C ILE A 26 -0.22 -8.39 -0.54
N GLN A 27 0.46 -9.50 -0.72
CA GLN A 27 1.25 -10.06 0.32
C GLN A 27 2.58 -9.34 0.43
N GLN A 28 2.95 -8.58 -0.59
CA GLN A 28 4.20 -7.85 -0.52
C GLN A 28 3.95 -6.54 0.21
N LEU A 29 2.71 -6.04 0.11
CA LEU A 29 2.33 -4.80 0.76
C LEU A 29 1.88 -5.07 2.15
N ASN A 30 1.93 -6.33 2.53
CA ASN A 30 1.52 -6.78 3.85
C ASN A 30 2.21 -5.99 4.92
N HIS A 31 3.48 -5.60 4.67
CA HIS A 31 4.24 -4.84 5.65
C HIS A 31 3.65 -3.44 5.78
N CYS A 32 3.51 -2.74 4.65
CA CYS A 32 2.93 -1.38 4.64
C CYS A 32 1.56 -1.40 5.27
N GLN A 33 0.73 -2.31 4.79
CA GLN A 33 -0.58 -2.52 5.30
C GLN A 33 -0.58 -2.67 6.83
N MET A 34 0.20 -3.61 7.33
CA MET A 34 0.20 -3.90 8.77
C MET A 34 0.81 -2.77 9.56
N HIS A 35 1.85 -2.16 9.01
CA HIS A 35 2.53 -1.08 9.72
C HIS A 35 1.68 0.18 9.79
N LEU A 36 0.70 0.25 8.91
CA LEU A 36 -0.23 1.34 8.92
C LEU A 36 -1.43 1.06 9.82
N THR A 37 -1.84 -0.17 9.90
CA THR A 37 -3.00 -0.48 10.71
C THR A 37 -2.61 -0.70 12.17
N SER A 38 -1.36 -1.01 12.38
CA SER A 38 -0.83 -1.28 13.67
C SER A 38 -0.32 -0.01 14.34
N PHE A 39 -0.79 0.21 15.53
CA PHE A 39 -0.28 1.27 16.35
C PHE A 39 0.61 0.62 17.37
N ASP A 40 1.91 0.84 17.25
CA ASP A 40 2.89 0.17 18.09
C ASP A 40 2.77 0.68 19.53
N TYR A 41 3.38 -0.03 20.42
CA TYR A 41 3.19 0.20 21.83
C TYR A 41 4.34 0.95 22.44
N LYS A 42 5.53 0.71 21.92
CA LYS A 42 6.71 1.29 22.54
C LYS A 42 6.92 2.73 22.10
N LEU A 43 5.97 3.24 21.35
CA LEU A 43 6.02 4.59 20.83
C LEU A 43 5.70 5.62 21.93
N ARG A 44 6.66 5.90 22.74
CA ARG A 44 6.50 6.95 23.73
C ARG A 44 7.32 8.11 23.28
N MET A 45 8.59 7.86 23.20
CA MET A 45 9.55 8.84 22.76
C MET A 45 9.97 8.49 21.35
N ALA A 46 9.69 7.26 21.00
CA ALA A 46 9.99 6.70 19.70
C ALA A 46 8.93 7.13 18.70
N VAL A 47 9.26 8.15 17.96
CA VAL A 47 8.38 8.68 16.96
C VAL A 47 9.16 8.77 15.66
N GLU A 48 10.05 9.73 15.60
CA GLU A 48 10.88 9.94 14.44
C GLU A 48 12.25 9.36 14.75
N ASN A 49 12.55 8.24 14.13
CA ASN A 49 13.79 7.51 14.38
C ASN A 49 14.03 6.58 13.19
N PRO A 50 15.30 6.28 12.82
CA PRO A 50 15.63 5.32 11.74
C PRO A 50 14.87 4.00 11.88
N LYS A 51 14.75 3.51 13.10
CA LYS A 51 14.06 2.24 13.37
C LYS A 51 12.56 2.39 13.26
N GLN A 52 12.10 3.61 13.18
CA GLN A 52 10.70 3.88 13.05
C GLN A 52 10.30 4.10 11.63
N GLN A 53 11.27 4.32 10.79
CA GLN A 53 11.00 4.52 9.38
C GLN A 53 11.52 3.34 8.59
N GLN A 54 11.98 2.32 9.32
CA GLN A 54 12.54 1.09 8.75
C GLN A 54 11.61 0.47 7.72
N HIS A 55 10.32 0.52 8.04
CA HIS A 55 9.30 -0.07 7.25
C HIS A 55 9.12 0.59 5.89
N LEU A 56 9.53 1.84 5.77
CA LEU A 56 9.44 2.55 4.50
C LEU A 56 10.52 2.03 3.61
N SER A 57 11.70 1.87 4.17
CA SER A 57 12.84 1.37 3.43
C SER A 57 12.59 -0.06 2.95
N LEU A 58 11.72 -0.75 3.66
CA LEU A 58 11.35 -2.10 3.29
C LEU A 58 10.23 -2.08 2.27
N CYS A 59 9.20 -1.27 2.53
CA CYS A 59 8.04 -1.20 1.66
C CYS A 59 8.36 -0.56 0.31
N CYS A 60 9.00 0.62 0.32
CA CYS A 60 9.40 1.30 -0.92
C CYS A 60 10.31 0.40 -1.75
N ASN A 61 11.11 -0.39 -1.08
CA ASN A 61 12.06 -1.29 -1.76
C ASN A 61 11.35 -2.50 -2.34
N GLN A 62 10.26 -2.86 -1.73
CA GLN A 62 9.52 -4.03 -2.14
C GLN A 62 8.61 -3.67 -3.31
N LEU A 63 7.99 -2.52 -3.21
CA LEU A 63 7.07 -2.05 -4.24
C LEU A 63 7.84 -1.68 -5.50
N GLN A 64 9.05 -1.16 -5.32
CA GLN A 64 9.85 -0.70 -6.43
C GLN A 64 10.35 -1.84 -7.31
N GLU A 65 10.29 -3.07 -6.83
CA GLU A 65 10.71 -4.19 -7.65
C GLU A 65 9.63 -4.56 -8.64
N VAL A 66 8.45 -4.03 -8.41
CA VAL A 66 7.33 -4.19 -9.30
C VAL A 66 7.54 -3.22 -10.50
N GLU A 67 6.80 -3.45 -11.58
CA GLU A 67 6.82 -2.57 -12.77
C GLU A 67 6.68 -1.13 -12.37
N LYS A 68 7.38 -0.25 -13.06
CA LYS A 68 7.43 1.16 -12.68
C LYS A 68 6.06 1.83 -12.72
N GLN A 69 5.19 1.35 -13.57
CA GLN A 69 3.85 1.92 -13.66
C GLN A 69 2.98 1.35 -12.52
N CYS A 70 3.37 0.20 -12.02
CA CYS A 70 2.59 -0.54 -11.07
C CYS A 70 3.07 -0.33 -9.64
N GLN A 71 4.20 0.34 -9.48
CA GLN A 71 4.75 0.67 -8.16
C GLN A 71 3.79 1.54 -7.38
N CYS A 72 3.20 2.50 -8.04
CA CYS A 72 2.22 3.33 -7.40
C CYS A 72 0.90 2.64 -7.28
N GLU A 73 0.69 1.69 -8.15
CA GLU A 73 -0.52 0.91 -8.11
C GLU A 73 -0.52 0.01 -6.88
N ALA A 74 0.67 -0.40 -6.47
CA ALA A 74 0.87 -1.20 -5.30
C ALA A 74 0.41 -0.43 -4.07
N ILE A 75 0.48 0.89 -4.16
CA ILE A 75 0.10 1.77 -3.09
C ILE A 75 -1.42 1.80 -2.95
N LYS A 76 -2.12 1.48 -4.03
CA LYS A 76 -3.59 1.55 -4.01
C LYS A 76 -4.02 0.36 -3.22
N GLN A 77 -3.34 -0.71 -3.53
CA GLN A 77 -3.53 -2.02 -2.96
C GLN A 77 -3.41 -1.95 -1.46
N VAL A 78 -2.36 -1.25 -0.98
CA VAL A 78 -2.10 -1.11 0.45
C VAL A 78 -3.31 -0.54 1.14
N VAL A 79 -3.88 0.50 0.56
CA VAL A 79 -4.97 1.21 1.17
C VAL A 79 -6.18 0.30 1.20
N GLU A 80 -6.42 -0.30 0.05
CA GLU A 80 -7.55 -1.15 -0.19
C GLU A 80 -7.58 -2.34 0.79
N GLN A 81 -6.45 -2.98 0.98
CA GLN A 81 -6.38 -4.15 1.86
C GLN A 81 -6.36 -3.73 3.34
N ALA A 82 -5.72 -2.61 3.65
CA ALA A 82 -5.61 -2.15 5.02
C ALA A 82 -6.94 -1.67 5.56
N GLN A 83 -7.69 -0.99 4.72
CA GLN A 83 -8.96 -0.46 5.15
C GLN A 83 -9.97 -1.59 5.31
N LYS A 84 -9.89 -2.58 4.42
CA LYS A 84 -10.83 -3.67 4.45
C LYS A 84 -10.59 -4.59 5.62
N GLN A 85 -9.32 -4.74 6.00
CA GLN A 85 -8.97 -5.64 7.07
C GLN A 85 -9.43 -5.09 8.41
N LEU A 86 -9.49 -3.78 8.53
CA LEU A 86 -10.02 -3.15 9.73
C LEU A 86 -11.54 -3.02 9.65
N GLN A 87 -12.05 -2.81 8.45
CA GLN A 87 -13.48 -2.68 8.19
C GLN A 87 -14.25 -3.93 8.62
N GLN A 88 -13.63 -5.08 8.43
CA GLN A 88 -14.25 -6.37 8.75
C GLN A 88 -14.32 -6.59 10.27
N GLY A 89 -13.63 -5.76 11.00
CA GLY A 89 -13.59 -5.90 12.42
C GLY A 89 -14.65 -5.08 13.10
N GLN A 90 -14.23 -4.27 14.03
CA GLN A 90 -15.15 -3.45 14.79
C GLN A 90 -15.02 -1.99 14.39
N GLY A 91 -13.89 -1.64 13.81
CA GLY A 91 -13.64 -0.29 13.41
C GLY A 91 -12.19 -0.08 13.12
N GLY A 92 -11.60 0.94 13.70
CA GLY A 92 -10.20 1.22 13.52
C GLY A 92 -9.95 2.14 12.40
N GLN A 93 -10.82 2.12 11.40
CA GLN A 93 -10.69 2.92 10.18
C GLN A 93 -10.47 4.40 10.49
N GLN A 94 -11.09 4.88 11.55
CA GLN A 94 -10.97 6.28 11.94
C GLN A 94 -9.61 6.57 12.58
N GLN A 95 -9.10 5.62 13.37
CA GLN A 95 -7.84 5.84 14.06
C GLN A 95 -6.70 5.55 13.14
N VAL A 96 -6.80 4.43 12.44
CA VAL A 96 -5.83 3.97 11.45
C VAL A 96 -5.66 5.02 10.35
N GLN A 97 -6.67 5.89 10.17
CA GLN A 97 -6.65 6.95 9.15
C GLN A 97 -5.36 7.78 9.23
N GLN A 98 -4.92 8.07 10.44
CA GLN A 98 -3.74 8.90 10.67
C GLN A 98 -2.47 8.21 10.23
N MET A 99 -2.52 6.91 10.08
CA MET A 99 -1.35 6.17 9.71
C MET A 99 -1.44 5.82 8.27
N VAL A 100 -2.58 5.31 7.88
CA VAL A 100 -2.80 4.93 6.49
C VAL A 100 -2.67 6.14 5.54
N LYS A 101 -2.88 7.37 6.05
CA LYS A 101 -2.65 8.57 5.25
C LYS A 101 -1.18 8.66 4.76
N LYS A 102 -0.26 8.01 5.49
CA LYS A 102 1.14 7.97 5.09
C LYS A 102 1.30 7.22 3.79
N ALA A 103 0.41 6.26 3.56
CA ALA A 103 0.42 5.50 2.29
C ALA A 103 0.14 6.42 1.13
N GLN A 104 -0.59 7.48 1.39
CA GLN A 104 -0.95 8.43 0.37
C GLN A 104 0.26 9.28 0.00
N MET A 105 1.25 9.30 0.86
CA MET A 105 2.47 10.06 0.64
C MET A 105 3.50 9.19 -0.04
N LEU A 106 3.28 7.88 0.03
CA LEU A 106 4.19 6.87 -0.53
C LEU A 106 4.60 7.17 -1.97
N PRO A 107 3.66 7.50 -2.89
CA PRO A 107 4.02 7.83 -4.26
C PRO A 107 4.93 9.05 -4.37
N ASN A 108 4.88 9.94 -3.42
CA ASN A 108 5.75 11.08 -3.46
C ASN A 108 7.06 10.80 -2.77
N GLN A 109 7.00 10.06 -1.68
CA GLN A 109 8.20 9.73 -0.90
C GLN A 109 9.07 8.68 -1.58
N CYS A 110 8.45 7.76 -2.28
CA CYS A 110 9.18 6.69 -2.96
C CYS A 110 9.44 7.11 -4.41
N ASN A 111 8.91 8.30 -4.76
CA ASN A 111 9.01 8.91 -6.08
C ASN A 111 8.44 7.99 -7.15
N LEU A 112 7.18 7.76 -7.00
CA LEU A 112 6.40 6.96 -7.89
C LEU A 112 5.61 7.87 -8.85
N GLN A 113 5.21 7.30 -9.98
CA GLN A 113 4.56 8.04 -11.10
C GLN A 113 3.11 8.33 -10.85
N CYS A 114 2.77 8.51 -9.63
CA CYS A 114 1.43 8.66 -9.22
C CYS A 114 1.41 9.54 -8.00
N SER A 115 0.25 10.00 -7.62
CA SER A 115 0.07 10.76 -6.40
C SER A 115 -1.34 10.50 -5.91
N ILE A 116 -1.48 10.23 -4.63
CA ILE A 116 -2.79 9.94 -4.08
C ILE A 116 -3.48 11.23 -3.69
N GLY A 1 -13.24 8.76 -11.65
CA GLY A 1 -14.16 7.72 -11.19
C GLY A 1 -15.54 7.93 -11.78
N ARG A 2 -16.54 7.35 -11.14
CA ARG A 2 -17.91 7.46 -11.60
C ARG A 2 -18.43 8.82 -11.23
N CYS A 3 -19.19 9.37 -12.10
CA CYS A 3 -19.74 10.67 -11.88
C CYS A 3 -21.18 10.66 -12.34
N THR A 4 -21.98 11.48 -11.73
CA THR A 4 -23.38 11.57 -12.07
C THR A 4 -23.55 12.20 -13.43
N LYS A 5 -24.65 11.92 -14.08
CA LYS A 5 -24.93 12.55 -15.34
C LYS A 5 -25.65 13.86 -15.07
N SER A 6 -24.91 14.82 -14.58
CA SER A 6 -25.44 16.12 -14.30
C SER A 6 -24.32 17.13 -14.50
N ILE A 7 -24.66 18.39 -14.53
CA ILE A 7 -23.70 19.46 -14.65
C ILE A 7 -23.96 20.47 -13.53
N PRO A 8 -22.99 20.71 -12.62
CA PRO A 8 -21.69 20.02 -12.62
C PRO A 8 -21.81 18.56 -12.16
N PRO A 9 -20.96 17.67 -12.68
CA PRO A 9 -21.02 16.25 -12.35
C PRO A 9 -20.52 15.98 -10.95
N ILE A 10 -21.23 15.16 -10.23
CA ILE A 10 -20.86 14.77 -8.89
C ILE A 10 -20.12 13.47 -9.01
N CYS A 11 -18.93 13.42 -8.51
CA CYS A 11 -18.13 12.24 -8.66
C CYS A 11 -17.96 11.50 -7.36
N PHE A 12 -17.99 10.21 -7.46
CA PHE A 12 -17.89 9.33 -6.33
C PHE A 12 -16.54 8.64 -6.31
N PRO A 13 -16.12 8.16 -5.13
CA PRO A 13 -14.90 7.38 -4.98
C PRO A 13 -15.19 5.91 -5.35
N ASP A 14 -15.72 5.76 -6.53
CA ASP A 14 -16.13 4.50 -7.07
C ASP A 14 -15.82 4.52 -8.55
N GLY A 15 -15.63 3.38 -9.12
CA GLY A 15 -15.30 3.27 -10.50
C GLY A 15 -13.97 2.65 -10.61
N LEU A 16 -12.99 3.48 -10.47
CA LEU A 16 -11.62 3.07 -10.45
C LEU A 16 -10.75 4.26 -10.17
N ASP A 17 -9.70 4.01 -9.49
CA ASP A 17 -8.64 4.98 -9.30
C ASP A 17 -7.35 4.25 -9.51
N ASN A 18 -7.48 3.10 -10.15
CA ASN A 18 -6.38 2.25 -10.55
C ASN A 18 -6.13 2.52 -12.04
N PRO A 19 -5.22 3.48 -12.36
CA PRO A 19 -5.00 3.97 -13.72
C PRO A 19 -4.59 2.91 -14.74
N ARG A 20 -3.54 2.16 -14.46
CA ARG A 20 -3.08 1.19 -15.43
C ARG A 20 -3.86 -0.05 -15.22
N GLY A 21 -3.92 -0.43 -13.98
CA GLY A 21 -4.54 -1.65 -13.66
C GLY A 21 -3.53 -2.69 -13.48
N CYS A 22 -2.51 -2.31 -12.82
CA CYS A 22 -1.45 -3.19 -12.52
C CYS A 22 -1.88 -4.16 -11.46
N GLN A 23 -1.48 -5.38 -11.60
CA GLN A 23 -1.73 -6.34 -10.58
C GLN A 23 -0.44 -6.48 -9.79
N ILE A 24 -0.52 -6.29 -8.52
CA ILE A 24 0.62 -6.34 -7.67
C ILE A 24 0.42 -7.42 -6.64
N ARG A 25 1.49 -8.08 -6.27
CA ARG A 25 1.45 -9.17 -5.32
C ARG A 25 1.03 -8.65 -3.94
N ILE A 26 -0.06 -9.18 -3.43
CA ILE A 26 -0.62 -8.72 -2.16
C ILE A 26 0.27 -9.07 -0.98
N GLN A 27 1.19 -9.97 -1.24
CA GLN A 27 2.08 -10.44 -0.21
C GLN A 27 3.13 -9.42 0.09
N GLN A 28 3.36 -8.50 -0.83
CA GLN A 28 4.37 -7.50 -0.62
C GLN A 28 3.80 -6.34 0.18
N LEU A 29 2.53 -6.03 -0.07
CA LEU A 29 1.90 -4.91 0.60
C LEU A 29 1.48 -5.27 1.97
N ASN A 30 1.59 -6.54 2.28
CA ASN A 30 1.26 -7.07 3.59
C ASN A 30 2.00 -6.31 4.67
N HIS A 31 3.23 -5.88 4.36
CA HIS A 31 4.04 -5.16 5.31
C HIS A 31 3.43 -3.78 5.55
N CYS A 32 3.29 -3.02 4.45
CA CYS A 32 2.72 -1.68 4.50
C CYS A 32 1.33 -1.71 5.14
N GLN A 33 0.51 -2.64 4.69
CA GLN A 33 -0.81 -2.88 5.20
C GLN A 33 -0.79 -3.06 6.72
N MET A 34 -0.05 -4.05 7.20
CA MET A 34 -0.07 -4.37 8.64
C MET A 34 0.54 -3.25 9.46
N HIS A 35 1.58 -2.66 8.96
CA HIS A 35 2.23 -1.57 9.67
C HIS A 35 1.46 -0.27 9.65
N LEU A 36 0.68 -0.02 8.62
CA LEU A 36 -0.17 1.17 8.60
C LEU A 36 -1.40 0.96 9.47
N THR A 37 -1.80 -0.26 9.66
CA THR A 37 -2.93 -0.49 10.53
C THR A 37 -2.48 -0.68 11.99
N SER A 38 -1.18 -0.87 12.18
CA SER A 38 -0.59 -1.04 13.48
C SER A 38 -0.21 0.32 14.07
N PHE A 39 -0.33 0.44 15.37
CA PHE A 39 0.10 1.62 16.06
C PHE A 39 1.13 1.29 17.10
N ASP A 40 2.22 2.01 17.05
CA ASP A 40 3.31 1.86 17.98
C ASP A 40 2.98 2.33 19.35
N TYR A 41 2.83 1.37 20.19
CA TYR A 41 2.46 1.53 21.59
C TYR A 41 3.67 1.30 22.46
N LYS A 42 4.68 0.70 21.86
CA LYS A 42 5.91 0.37 22.57
C LYS A 42 6.86 1.57 22.64
N LEU A 43 6.33 2.74 22.32
CA LEU A 43 7.06 3.99 22.38
C LEU A 43 7.41 4.34 23.82
N ARG A 44 8.65 4.17 24.14
CA ARG A 44 9.18 4.46 25.44
C ARG A 44 9.86 5.83 25.43
N MET A 45 10.96 5.93 24.71
CA MET A 45 11.66 7.21 24.59
C MET A 45 11.51 7.75 23.19
N ALA A 46 10.71 7.08 22.41
CA ALA A 46 10.48 7.48 21.06
C ALA A 46 9.08 8.01 20.90
N VAL A 47 8.96 9.13 20.28
CA VAL A 47 7.67 9.67 19.88
C VAL A 47 7.61 9.47 18.39
N GLU A 48 8.67 9.91 17.75
CA GLU A 48 8.93 9.71 16.36
C GLU A 48 10.36 9.24 16.30
N ASN A 49 10.65 8.29 15.46
CA ASN A 49 12.01 7.73 15.40
C ASN A 49 12.19 7.05 14.05
N PRO A 50 13.40 7.12 13.45
CA PRO A 50 13.72 6.49 12.16
C PRO A 50 13.31 5.02 12.09
N LYS A 51 13.48 4.29 13.20
CA LYS A 51 13.17 2.88 13.23
C LYS A 51 11.70 2.59 13.21
N GLN A 52 10.90 3.60 13.40
CA GLN A 52 9.47 3.42 13.33
C GLN A 52 9.06 3.46 11.87
N GLN A 53 9.87 4.12 11.05
CA GLN A 53 9.62 4.25 9.63
C GLN A 53 10.33 3.17 8.84
N GLN A 54 10.81 2.14 9.55
CA GLN A 54 11.48 0.97 8.96
C GLN A 54 10.61 0.38 7.86
N HIS A 55 9.31 0.38 8.12
CA HIS A 55 8.29 -0.15 7.25
C HIS A 55 8.33 0.48 5.85
N LEU A 56 8.76 1.73 5.77
CA LEU A 56 8.78 2.44 4.50
C LEU A 56 10.01 2.07 3.76
N SER A 57 11.12 2.00 4.46
CA SER A 57 12.39 1.63 3.87
C SER A 57 12.28 0.22 3.27
N LEU A 58 11.46 -0.61 3.88
CA LEU A 58 11.22 -1.95 3.40
C LEU A 58 10.19 -1.93 2.28
N CYS A 59 9.05 -1.31 2.53
CA CYS A 59 7.93 -1.25 1.58
C CYS A 59 8.34 -0.57 0.26
N CYS A 60 8.98 0.61 0.34
CA CYS A 60 9.43 1.35 -0.86
C CYS A 60 10.40 0.50 -1.68
N ASN A 61 11.20 -0.27 -0.97
CA ASN A 61 12.23 -1.09 -1.61
C ASN A 61 11.64 -2.38 -2.16
N GLN A 62 10.55 -2.77 -1.61
CA GLN A 62 9.87 -3.96 -2.03
C GLN A 62 8.90 -3.68 -3.18
N LEU A 63 8.23 -2.55 -3.12
CA LEU A 63 7.29 -2.17 -4.14
C LEU A 63 8.03 -1.86 -5.44
N GLN A 64 9.23 -1.35 -5.29
CA GLN A 64 10.05 -0.98 -6.44
C GLN A 64 10.51 -2.20 -7.23
N GLU A 65 10.30 -3.41 -6.66
CA GLU A 65 10.65 -4.64 -7.36
C GLU A 65 9.60 -4.94 -8.41
N VAL A 66 8.48 -4.26 -8.28
CA VAL A 66 7.39 -4.33 -9.25
C VAL A 66 7.70 -3.29 -10.34
N GLU A 67 7.04 -3.39 -11.50
CA GLU A 67 7.17 -2.41 -12.59
C GLU A 67 6.98 -1.00 -12.06
N LYS A 68 7.74 -0.05 -12.59
CA LYS A 68 7.71 1.33 -12.09
C LYS A 68 6.33 1.96 -12.19
N GLN A 69 5.60 1.56 -13.21
CA GLN A 69 4.25 2.06 -13.43
C GLN A 69 3.29 1.45 -12.39
N CYS A 70 3.67 0.31 -11.88
CA CYS A 70 2.84 -0.45 -10.99
C CYS A 70 3.27 -0.24 -9.54
N GLN A 71 4.40 0.42 -9.35
CA GLN A 71 4.92 0.72 -8.03
C GLN A 71 3.95 1.59 -7.24
N CYS A 72 3.33 2.54 -7.91
CA CYS A 72 2.36 3.38 -7.25
C CYS A 72 1.00 2.73 -7.20
N GLU A 73 0.76 1.81 -8.12
CA GLU A 73 -0.48 1.09 -8.16
C GLU A 73 -0.59 0.20 -6.91
N ALA A 74 0.58 -0.29 -6.49
CA ALA A 74 0.73 -1.14 -5.35
C ALA A 74 0.29 -0.44 -4.09
N ILE A 75 0.46 0.87 -4.08
CA ILE A 75 0.16 1.67 -2.93
C ILE A 75 -1.34 1.72 -2.72
N LYS A 76 -2.06 1.69 -3.82
CA LYS A 76 -3.49 1.75 -3.79
C LYS A 76 -4.01 0.50 -3.17
N GLN A 77 -3.39 -0.60 -3.56
CA GLN A 77 -3.76 -1.92 -3.08
C GLN A 77 -3.60 -1.99 -1.58
N VAL A 78 -2.55 -1.32 -1.06
CA VAL A 78 -2.30 -1.26 0.37
C VAL A 78 -3.51 -0.69 1.06
N VAL A 79 -4.00 0.41 0.51
CA VAL A 79 -5.12 1.13 1.08
C VAL A 79 -6.33 0.23 1.09
N GLU A 80 -6.55 -0.43 -0.03
CA GLU A 80 -7.70 -1.30 -0.23
C GLU A 80 -7.74 -2.40 0.81
N GLN A 81 -6.64 -3.10 0.95
CA GLN A 81 -6.56 -4.23 1.84
C GLN A 81 -6.49 -3.80 3.32
N ALA A 82 -5.86 -2.67 3.58
CA ALA A 82 -5.70 -2.21 4.95
C ALA A 82 -6.98 -1.62 5.51
N GLN A 83 -7.74 -0.93 4.69
CA GLN A 83 -8.95 -0.30 5.17
C GLN A 83 -10.02 -1.36 5.39
N LYS A 84 -9.98 -2.40 4.57
CA LYS A 84 -10.98 -3.43 4.62
C LYS A 84 -10.74 -4.35 5.80
N GLN A 85 -9.47 -4.54 6.18
CA GLN A 85 -9.14 -5.43 7.27
C GLN A 85 -9.56 -4.80 8.60
N LEU A 86 -9.58 -3.50 8.63
CA LEU A 86 -10.06 -2.78 9.79
C LEU A 86 -11.58 -2.64 9.76
N GLN A 87 -12.11 -2.49 8.55
CA GLN A 87 -13.55 -2.37 8.31
C GLN A 87 -14.30 -3.62 8.78
N GLN A 88 -13.66 -4.76 8.66
CA GLN A 88 -14.25 -6.04 9.05
C GLN A 88 -14.02 -6.32 10.52
N GLY A 89 -13.32 -5.43 11.17
CA GLY A 89 -12.98 -5.62 12.54
C GLY A 89 -13.95 -4.93 13.48
N GLN A 90 -13.40 -4.44 14.53
CA GLN A 90 -14.17 -3.83 15.61
C GLN A 90 -14.14 -2.33 15.52
N GLY A 91 -13.00 -1.82 15.21
CA GLY A 91 -12.80 -0.42 15.09
C GLY A 91 -11.40 -0.16 14.73
N GLY A 92 -11.03 1.08 14.64
CA GLY A 92 -9.72 1.41 14.27
C GLY A 92 -9.71 2.22 13.02
N GLN A 93 -10.75 2.09 12.20
CA GLN A 93 -10.88 2.80 10.91
C GLN A 93 -10.58 4.28 11.03
N GLN A 94 -11.03 4.88 12.12
CA GLN A 94 -10.87 6.31 12.32
C GLN A 94 -9.44 6.65 12.76
N GLN A 95 -8.85 5.80 13.59
CA GLN A 95 -7.52 6.08 14.09
C GLN A 95 -6.49 5.69 13.05
N VAL A 96 -6.70 4.54 12.45
CA VAL A 96 -5.85 4.00 11.38
C VAL A 96 -5.82 4.94 10.19
N GLN A 97 -6.87 5.75 10.06
CA GLN A 97 -6.98 6.71 8.96
C GLN A 97 -5.74 7.62 8.86
N GLN A 98 -5.19 8.02 10.00
CA GLN A 98 -4.03 8.91 10.02
C GLN A 98 -2.77 8.19 9.55
N MET A 99 -2.81 6.88 9.58
CA MET A 99 -1.65 6.10 9.23
C MET A 99 -1.76 5.69 7.79
N VAL A 100 -2.91 5.18 7.42
CA VAL A 100 -3.15 4.79 6.04
C VAL A 100 -3.04 5.99 5.08
N LYS A 101 -3.33 7.19 5.58
CA LYS A 101 -3.20 8.39 4.76
C LYS A 101 -1.73 8.63 4.36
N LYS A 102 -0.80 8.03 5.11
CA LYS A 102 0.61 8.12 4.79
C LYS A 102 0.91 7.41 3.50
N ALA A 103 0.10 6.40 3.18
CA ALA A 103 0.25 5.65 1.93
C ALA A 103 0.07 6.57 0.74
N GLN A 104 -0.74 7.59 0.91
CA GLN A 104 -1.00 8.56 -0.15
C GLN A 104 0.26 9.39 -0.42
N MET A 105 1.17 9.41 0.53
CA MET A 105 2.41 10.17 0.41
C MET A 105 3.49 9.30 -0.17
N LEU A 106 3.28 7.99 -0.09
CA LEU A 106 4.25 7.00 -0.58
C LEU A 106 4.66 7.20 -2.03
N PRO A 107 3.72 7.42 -3.00
CA PRO A 107 4.10 7.68 -4.37
C PRO A 107 4.91 8.95 -4.52
N ASN A 108 4.79 9.85 -3.59
CA ASN A 108 5.49 11.08 -3.65
C ASN A 108 6.88 10.89 -3.09
N GLN A 109 6.93 10.30 -1.92
CA GLN A 109 8.18 10.12 -1.17
C GLN A 109 9.07 9.05 -1.79
N CYS A 110 8.44 7.97 -2.25
CA CYS A 110 9.19 6.88 -2.86
C CYS A 110 9.47 7.22 -4.35
N ASN A 111 8.97 8.42 -4.77
CA ASN A 111 9.23 9.02 -6.10
C ASN A 111 8.65 8.13 -7.22
N LEU A 112 7.48 7.63 -6.94
CA LEU A 112 6.78 6.70 -7.81
C LEU A 112 6.06 7.47 -8.92
N GLN A 113 5.74 6.78 -10.00
CA GLN A 113 5.10 7.36 -11.23
C GLN A 113 3.65 7.81 -10.99
N CYS A 114 3.42 8.41 -9.87
CA CYS A 114 2.13 8.83 -9.43
C CYS A 114 2.33 9.93 -8.42
N SER A 115 1.44 10.86 -8.39
CA SER A 115 1.55 11.96 -7.48
C SER A 115 0.20 12.20 -6.80
N ILE A 116 0.18 12.10 -5.50
CA ILE A 116 -1.03 12.29 -4.74
C ILE A 116 -0.85 13.54 -3.90
N GLY A 1 -2.85 -9.48 -25.18
CA GLY A 1 -4.11 -9.33 -24.51
C GLY A 1 -4.75 -10.65 -24.20
N ARG A 2 -4.50 -11.14 -23.01
CA ARG A 2 -5.05 -12.40 -22.60
C ARG A 2 -6.31 -12.26 -21.82
N CYS A 3 -7.29 -13.01 -22.18
CA CYS A 3 -8.52 -13.07 -21.47
C CYS A 3 -8.92 -14.52 -21.30
N THR A 4 -9.55 -14.82 -20.22
CA THR A 4 -9.98 -16.16 -19.93
C THR A 4 -11.21 -16.51 -20.75
N LYS A 5 -11.47 -17.78 -20.88
CA LYS A 5 -12.62 -18.26 -21.61
C LYS A 5 -13.77 -18.43 -20.66
N SER A 6 -14.24 -17.33 -20.14
CA SER A 6 -15.30 -17.33 -19.20
C SER A 6 -16.03 -16.00 -19.32
N ILE A 7 -17.14 -15.88 -18.63
CA ILE A 7 -17.93 -14.68 -18.60
C ILE A 7 -18.18 -14.31 -17.12
N PRO A 8 -17.71 -13.14 -16.66
CA PRO A 8 -16.96 -12.17 -17.49
C PRO A 8 -15.55 -12.68 -17.80
N PRO A 9 -15.02 -12.34 -18.98
CA PRO A 9 -13.68 -12.74 -19.35
C PRO A 9 -12.67 -12.00 -18.50
N ILE A 10 -11.80 -12.73 -17.89
CA ILE A 10 -10.82 -12.14 -17.04
C ILE A 10 -9.62 -11.83 -17.88
N CYS A 11 -9.37 -10.58 -18.04
CA CYS A 11 -8.30 -10.15 -18.89
C CYS A 11 -7.13 -9.70 -18.08
N PHE A 12 -5.99 -10.13 -18.50
CA PHE A 12 -4.76 -9.83 -17.86
C PHE A 12 -4.12 -8.60 -18.46
N PRO A 13 -3.21 -7.94 -17.72
CA PRO A 13 -2.49 -6.73 -18.20
C PRO A 13 -1.43 -7.06 -19.26
N ASP A 14 -1.75 -8.01 -20.08
CA ASP A 14 -0.91 -8.55 -21.10
C ASP A 14 -1.11 -7.80 -22.38
N GLY A 15 -0.03 -7.40 -22.96
CA GLY A 15 -0.04 -6.71 -24.22
C GLY A 15 1.28 -6.11 -24.48
N LEU A 16 1.74 -5.34 -23.53
CA LEU A 16 3.00 -4.67 -23.60
C LEU A 16 3.22 -4.11 -22.23
N ASP A 17 2.31 -3.27 -21.86
CA ASP A 17 2.26 -2.65 -20.56
C ASP A 17 0.83 -2.24 -20.32
N ASN A 18 0.43 -2.11 -19.09
CA ASN A 18 -0.96 -1.86 -18.77
C ASN A 18 -1.04 -1.29 -17.34
N PRO A 19 -0.90 0.04 -17.17
CA PRO A 19 -0.77 0.70 -15.86
C PRO A 19 -1.98 0.64 -14.93
N ARG A 20 -3.18 0.62 -15.47
CA ARG A 20 -4.36 0.67 -14.60
C ARG A 20 -4.68 -0.69 -14.12
N GLY A 21 -4.43 -1.61 -14.96
CA GLY A 21 -4.72 -2.96 -14.65
C GLY A 21 -3.54 -3.70 -14.10
N CYS A 22 -2.63 -2.96 -13.53
CA CYS A 22 -1.50 -3.54 -12.85
C CYS A 22 -1.95 -4.42 -11.69
N GLN A 23 -1.52 -5.66 -11.69
CA GLN A 23 -1.84 -6.55 -10.61
C GLN A 23 -0.59 -6.77 -9.76
N ILE A 24 -0.68 -6.37 -8.54
CA ILE A 24 0.41 -6.46 -7.61
C ILE A 24 -0.06 -7.30 -6.46
N ARG A 25 0.73 -8.28 -6.06
CA ARG A 25 0.35 -9.17 -5.00
C ARG A 25 0.26 -8.46 -3.67
N ILE A 26 -0.93 -8.43 -3.12
CA ILE A 26 -1.20 -7.74 -1.85
C ILE A 26 -0.42 -8.29 -0.68
N GLN A 27 0.15 -9.45 -0.85
CA GLN A 27 0.87 -10.06 0.22
C GLN A 27 2.25 -9.44 0.33
N GLN A 28 2.69 -8.74 -0.72
CA GLN A 28 3.99 -8.11 -0.65
C GLN A 28 3.85 -6.82 0.12
N LEU A 29 2.62 -6.28 0.14
CA LEU A 29 2.33 -5.04 0.82
C LEU A 29 1.85 -5.29 2.21
N ASN A 30 1.85 -6.55 2.61
CA ASN A 30 1.36 -6.95 3.94
C ASN A 30 2.08 -6.19 5.05
N HIS A 31 3.35 -5.84 4.82
CA HIS A 31 4.10 -5.12 5.84
C HIS A 31 3.55 -3.72 5.90
N CYS A 32 3.51 -3.08 4.75
CA CYS A 32 3.07 -1.71 4.60
C CYS A 32 1.65 -1.58 5.18
N GLN A 33 0.78 -2.49 4.74
CA GLN A 33 -0.57 -2.64 5.21
C GLN A 33 -0.63 -2.70 6.75
N MET A 34 0.07 -3.67 7.34
CA MET A 34 0.03 -3.85 8.80
C MET A 34 0.67 -2.69 9.50
N HIS A 35 1.73 -2.17 8.95
CA HIS A 35 2.46 -1.04 9.49
C HIS A 35 1.56 0.19 9.61
N LEU A 36 0.65 0.32 8.70
CA LEU A 36 -0.28 1.42 8.75
C LEU A 36 -1.43 1.17 9.71
N THR A 37 -1.95 -0.02 9.73
CA THR A 37 -3.11 -0.28 10.56
C THR A 37 -2.75 -0.63 12.01
N SER A 38 -1.56 -1.07 12.20
CA SER A 38 -1.09 -1.47 13.50
C SER A 38 -0.46 -0.32 14.23
N PHE A 39 -0.98 -0.02 15.37
CA PHE A 39 -0.35 0.92 16.22
C PHE A 39 0.40 0.14 17.24
N ASP A 40 1.69 0.00 16.99
CA ASP A 40 2.55 -0.78 17.85
C ASP A 40 2.81 -0.03 19.15
N TYR A 41 3.47 -0.65 20.06
CA TYR A 41 3.55 -0.17 21.40
C TYR A 41 4.77 0.66 21.69
N LYS A 42 5.88 0.31 21.09
CA LYS A 42 7.11 1.00 21.38
C LYS A 42 7.19 2.32 20.62
N LEU A 43 6.14 2.58 19.85
CA LEU A 43 6.02 3.79 19.04
C LEU A 43 5.65 4.97 19.90
N ARG A 44 5.54 4.72 21.19
CA ARG A 44 5.22 5.73 22.21
C ARG A 44 6.29 6.83 22.27
N MET A 45 7.40 6.57 21.66
CA MET A 45 8.51 7.48 21.61
C MET A 45 9.30 7.22 20.34
N ALA A 46 8.73 6.45 19.47
CA ALA A 46 9.44 5.96 18.33
C ALA A 46 8.56 5.98 17.12
N VAL A 47 8.61 7.05 16.39
CA VAL A 47 7.86 7.16 15.18
C VAL A 47 8.80 7.63 14.09
N GLU A 48 9.30 8.83 14.26
CA GLU A 48 10.21 9.42 13.33
C GLU A 48 11.62 9.26 13.83
N ASN A 49 12.10 8.05 13.82
CA ASN A 49 13.45 7.73 14.25
C ASN A 49 14.07 6.87 13.17
N PRO A 50 15.41 6.93 12.97
CA PRO A 50 16.10 6.19 11.90
C PRO A 50 15.73 4.71 11.80
N LYS A 51 15.79 3.99 12.91
CA LYS A 51 15.54 2.56 12.88
C LYS A 51 14.07 2.25 12.86
N GLN A 52 13.26 3.26 13.05
CA GLN A 52 11.83 3.07 12.99
C GLN A 52 11.39 3.16 11.56
N GLN A 53 12.20 3.87 10.76
CA GLN A 53 11.92 4.08 9.33
C GLN A 53 12.10 2.79 8.53
N GLN A 54 12.54 1.75 9.22
CA GLN A 54 12.74 0.42 8.65
C GLN A 54 11.49 -0.03 7.88
N HIS A 55 10.31 0.25 8.43
CA HIS A 55 9.05 -0.16 7.83
C HIS A 55 8.82 0.46 6.45
N LEU A 56 9.37 1.63 6.26
CA LEU A 56 9.23 2.34 5.01
C LEU A 56 10.32 1.86 4.10
N SER A 57 11.49 1.66 4.68
CA SER A 57 12.64 1.14 3.97
C SER A 57 12.32 -0.26 3.41
N LEU A 58 11.36 -0.91 4.02
CA LEU A 58 10.91 -2.21 3.57
C LEU A 58 9.82 -2.06 2.52
N CYS A 59 8.74 -1.35 2.85
CA CYS A 59 7.59 -1.18 1.92
C CYS A 59 8.01 -0.53 0.59
N CYS A 60 8.71 0.60 0.66
CA CYS A 60 9.20 1.33 -0.47
C CYS A 60 10.13 0.45 -1.31
N ASN A 61 10.86 -0.42 -0.64
CA ASN A 61 11.85 -1.28 -1.29
C ASN A 61 11.17 -2.47 -1.91
N GLN A 62 10.03 -2.79 -1.41
CA GLN A 62 9.25 -3.88 -1.94
C GLN A 62 8.50 -3.43 -3.19
N LEU A 63 7.88 -2.28 -3.10
CA LEU A 63 7.05 -1.76 -4.17
C LEU A 63 7.90 -1.36 -5.39
N GLN A 64 9.08 -0.85 -5.13
CA GLN A 64 9.98 -0.32 -6.18
C GLN A 64 10.52 -1.45 -7.07
N GLU A 65 10.43 -2.68 -6.59
CA GLU A 65 10.91 -3.81 -7.35
C GLU A 65 9.84 -4.25 -8.34
N VAL A 66 8.65 -3.75 -8.15
CA VAL A 66 7.55 -3.99 -9.06
C VAL A 66 7.74 -3.04 -10.27
N GLU A 67 7.06 -3.33 -11.37
CA GLU A 67 7.08 -2.50 -12.57
C GLU A 67 6.80 -1.06 -12.24
N LYS A 68 7.48 -0.16 -12.91
CA LYS A 68 7.40 1.27 -12.61
C LYS A 68 5.99 1.82 -12.72
N GLN A 69 5.21 1.25 -13.60
CA GLN A 69 3.84 1.69 -13.79
C GLN A 69 2.91 1.07 -12.75
N CYS A 70 3.41 0.08 -12.06
CA CYS A 70 2.61 -0.67 -11.12
C CYS A 70 3.05 -0.40 -9.67
N GLN A 71 4.20 0.24 -9.49
CA GLN A 71 4.72 0.63 -8.15
C GLN A 71 3.72 1.49 -7.42
N CYS A 72 3.19 2.46 -8.12
CA CYS A 72 2.19 3.32 -7.52
C CYS A 72 0.87 2.62 -7.41
N GLU A 73 0.66 1.64 -8.24
CA GLU A 73 -0.55 0.88 -8.18
C GLU A 73 -0.54 -0.05 -6.97
N ALA A 74 0.66 -0.46 -6.57
CA ALA A 74 0.84 -1.29 -5.41
C ALA A 74 0.41 -0.52 -4.17
N ILE A 75 0.43 0.80 -4.29
CA ILE A 75 0.06 1.67 -3.21
C ILE A 75 -1.46 1.62 -3.03
N LYS A 76 -2.16 1.33 -4.11
CA LYS A 76 -3.62 1.35 -4.10
C LYS A 76 -4.03 0.15 -3.31
N GLN A 77 -3.31 -0.89 -3.61
CA GLN A 77 -3.45 -2.20 -3.04
C GLN A 77 -3.33 -2.13 -1.54
N VAL A 78 -2.27 -1.43 -1.06
CA VAL A 78 -2.03 -1.28 0.37
C VAL A 78 -3.25 -0.69 1.04
N VAL A 79 -3.81 0.35 0.41
CA VAL A 79 -4.92 1.07 1.01
C VAL A 79 -6.13 0.19 1.07
N GLU A 80 -6.34 -0.53 -0.01
CA GLU A 80 -7.48 -1.40 -0.16
C GLU A 80 -7.45 -2.51 0.89
N GLN A 81 -6.33 -3.21 0.98
CA GLN A 81 -6.23 -4.34 1.90
C GLN A 81 -6.17 -3.88 3.35
N ALA A 82 -5.59 -2.72 3.59
CA ALA A 82 -5.47 -2.22 4.94
C ALA A 82 -6.80 -1.75 5.47
N GLN A 83 -7.58 -1.08 4.62
CA GLN A 83 -8.86 -0.58 5.06
C GLN A 83 -9.82 -1.71 5.28
N LYS A 84 -9.80 -2.70 4.37
CA LYS A 84 -10.73 -3.79 4.43
C LYS A 84 -10.52 -4.64 5.65
N GLN A 85 -9.25 -4.79 6.04
CA GLN A 85 -8.93 -5.65 7.13
C GLN A 85 -9.39 -5.04 8.46
N LEU A 86 -9.33 -3.73 8.55
CA LEU A 86 -9.73 -3.06 9.77
C LEU A 86 -11.22 -2.83 9.79
N GLN A 87 -11.78 -2.48 8.64
CA GLN A 87 -13.20 -2.21 8.48
C GLN A 87 -14.04 -3.41 8.90
N GLN A 88 -13.60 -4.60 8.53
CA GLN A 88 -14.34 -5.80 8.86
C GLN A 88 -13.91 -6.38 10.19
N GLY A 89 -12.86 -5.83 10.72
CA GLY A 89 -12.30 -6.32 11.93
C GLY A 89 -12.90 -5.66 13.15
N GLN A 90 -12.43 -4.47 13.44
CA GLN A 90 -12.82 -3.78 14.68
C GLN A 90 -13.23 -2.32 14.44
N GLY A 91 -12.94 -1.85 13.28
CA GLY A 91 -13.14 -0.47 12.96
C GLY A 91 -11.81 0.09 12.65
N GLY A 92 -11.26 0.89 13.54
CA GLY A 92 -9.92 1.35 13.40
C GLY A 92 -9.72 2.44 12.39
N GLN A 93 -10.42 2.41 11.29
CA GLN A 93 -10.25 3.38 10.21
C GLN A 93 -10.30 4.85 10.62
N GLN A 94 -10.90 5.14 11.75
CA GLN A 94 -10.89 6.50 12.28
C GLN A 94 -9.55 6.82 12.97
N GLN A 95 -9.01 5.85 13.70
CA GLN A 95 -7.78 6.01 14.45
C GLN A 95 -6.57 5.72 13.56
N VAL A 96 -6.74 4.74 12.73
CA VAL A 96 -5.77 4.31 11.72
C VAL A 96 -5.65 5.36 10.61
N GLN A 97 -6.68 6.19 10.46
CA GLN A 97 -6.74 7.23 9.40
C GLN A 97 -5.44 8.03 9.27
N GLN A 98 -4.89 8.44 10.40
CA GLN A 98 -3.63 9.19 10.45
C GLN A 98 -2.46 8.42 9.84
N MET A 99 -2.53 7.11 9.88
CA MET A 99 -1.45 6.28 9.44
C MET A 99 -1.68 5.85 8.03
N VAL A 100 -2.87 5.36 7.76
CA VAL A 100 -3.23 4.92 6.42
C VAL A 100 -3.12 6.06 5.39
N LYS A 101 -3.30 7.30 5.83
CA LYS A 101 -3.17 8.44 4.95
C LYS A 101 -1.74 8.56 4.40
N LYS A 102 -0.76 8.03 5.15
CA LYS A 102 0.63 8.02 4.75
C LYS A 102 0.84 7.18 3.50
N ALA A 103 -0.05 6.22 3.28
CA ALA A 103 -0.02 5.38 2.08
C ALA A 103 -0.18 6.25 0.85
N GLN A 104 -0.99 7.27 0.97
CA GLN A 104 -1.29 8.16 -0.15
C GLN A 104 -0.08 9.07 -0.44
N MET A 105 0.82 9.14 0.53
CA MET A 105 2.02 9.98 0.44
C MET A 105 3.17 9.17 -0.11
N LEU A 106 3.01 7.85 -0.10
CA LEU A 106 4.03 6.91 -0.56
C LEU A 106 4.50 7.19 -1.99
N PRO A 107 3.59 7.41 -2.97
CA PRO A 107 4.00 7.78 -4.33
C PRO A 107 4.82 9.07 -4.37
N ASN A 108 4.70 9.91 -3.36
CA ASN A 108 5.44 11.10 -3.33
C ASN A 108 6.81 10.81 -2.74
N GLN A 109 6.81 10.10 -1.62
CA GLN A 109 8.02 9.78 -0.87
C GLN A 109 8.93 8.82 -1.61
N CYS A 110 8.36 7.76 -2.13
CA CYS A 110 9.11 6.78 -2.88
C CYS A 110 9.35 7.20 -4.32
N ASN A 111 8.88 8.41 -4.65
CA ASN A 111 9.04 9.02 -5.96
C ASN A 111 8.55 8.11 -7.04
N LEU A 112 7.30 7.88 -6.97
CA LEU A 112 6.63 7.02 -7.89
C LEU A 112 5.99 7.86 -8.94
N GLN A 113 5.71 7.27 -10.07
CA GLN A 113 5.18 7.95 -11.24
C GLN A 113 3.67 8.13 -11.12
N CYS A 114 3.29 8.55 -9.96
CA CYS A 114 1.95 8.75 -9.56
C CYS A 114 1.98 9.68 -8.34
N SER A 115 0.92 10.38 -8.10
CA SER A 115 0.81 11.25 -6.95
C SER A 115 -0.65 11.32 -6.56
N ILE A 116 -0.93 11.25 -5.29
CA ILE A 116 -2.30 11.28 -4.84
C ILE A 116 -2.61 12.70 -4.38
N GLY A 1 -19.08 -1.27 -8.03
CA GLY A 1 -17.76 -1.82 -7.74
C GLY A 1 -17.22 -2.58 -8.90
N ARG A 2 -15.92 -2.74 -8.95
CA ARG A 2 -15.32 -3.44 -10.06
C ARG A 2 -15.15 -4.88 -9.70
N CYS A 3 -15.39 -5.72 -10.63
CA CYS A 3 -15.33 -7.13 -10.39
C CYS A 3 -14.23 -7.77 -11.23
N THR A 4 -13.67 -8.83 -10.72
CA THR A 4 -12.62 -9.55 -11.38
C THR A 4 -13.18 -10.51 -12.43
N LYS A 5 -12.32 -11.01 -13.28
CA LYS A 5 -12.70 -12.00 -14.25
C LYS A 5 -12.49 -13.38 -13.65
N SER A 6 -13.40 -13.76 -12.80
CA SER A 6 -13.37 -15.02 -12.14
C SER A 6 -14.81 -15.41 -11.81
N ILE A 7 -15.02 -16.66 -11.50
CA ILE A 7 -16.32 -17.15 -11.09
C ILE A 7 -16.15 -17.93 -9.78
N PRO A 8 -16.76 -17.47 -8.67
CA PRO A 8 -17.55 -16.23 -8.62
C PRO A 8 -16.66 -14.98 -8.67
N PRO A 9 -17.15 -13.89 -9.29
CA PRO A 9 -16.38 -12.68 -9.46
C PRO A 9 -16.15 -11.97 -8.13
N ILE A 10 -14.98 -11.44 -7.97
CA ILE A 10 -14.62 -10.74 -6.77
C ILE A 10 -14.86 -9.28 -7.04
N CYS A 11 -15.76 -8.70 -6.33
CA CYS A 11 -16.08 -7.34 -6.55
C CYS A 11 -15.49 -6.45 -5.48
N PHE A 12 -14.84 -5.41 -5.90
CA PHE A 12 -14.20 -4.49 -5.03
C PHE A 12 -15.05 -3.27 -4.79
N PRO A 13 -15.02 -2.76 -3.55
CA PRO A 13 -15.86 -1.64 -3.12
C PRO A 13 -15.50 -0.29 -3.73
N ASP A 14 -14.30 -0.18 -4.26
CA ASP A 14 -13.84 1.06 -4.83
C ASP A 14 -12.73 0.77 -5.81
N GLY A 15 -12.43 1.71 -6.68
CA GLY A 15 -11.34 1.56 -7.62
C GLY A 15 -11.80 1.36 -9.02
N LEU A 16 -12.42 2.38 -9.57
CA LEU A 16 -12.89 2.33 -10.95
C LEU A 16 -11.91 3.07 -11.88
N ASP A 17 -11.06 3.86 -11.27
CA ASP A 17 -10.05 4.62 -11.96
C ASP A 17 -8.73 3.92 -11.84
N ASN A 18 -8.34 3.27 -12.88
CA ASN A 18 -7.12 2.51 -12.89
C ASN A 18 -6.26 2.99 -14.02
N PRO A 19 -5.21 3.77 -13.72
CA PRO A 19 -4.31 4.33 -14.72
C PRO A 19 -3.68 3.25 -15.60
N ARG A 20 -3.28 2.14 -15.01
CA ARG A 20 -2.76 1.03 -15.78
C ARG A 20 -3.59 -0.19 -15.49
N GLY A 21 -3.77 -0.43 -14.21
CA GLY A 21 -4.48 -1.60 -13.79
C GLY A 21 -3.53 -2.69 -13.60
N CYS A 22 -2.50 -2.39 -12.90
CA CYS A 22 -1.48 -3.32 -12.60
C CYS A 22 -1.95 -4.27 -11.53
N GLN A 23 -1.62 -5.52 -11.69
CA GLN A 23 -1.92 -6.48 -10.67
C GLN A 23 -0.66 -6.78 -9.88
N ILE A 24 -0.61 -6.21 -8.74
CA ILE A 24 0.52 -6.33 -7.87
C ILE A 24 0.15 -7.33 -6.80
N ARG A 25 1.08 -8.11 -6.37
CA ARG A 25 0.84 -9.10 -5.36
C ARG A 25 0.61 -8.42 -4.00
N ILE A 26 -0.58 -8.57 -3.47
CA ILE A 26 -0.97 -7.94 -2.19
C ILE A 26 -0.20 -8.48 -1.01
N GLN A 27 0.51 -9.54 -1.25
CA GLN A 27 1.29 -10.18 -0.23
C GLN A 27 2.57 -9.42 0.00
N GLN A 28 2.98 -8.61 -0.99
CA GLN A 28 4.20 -7.86 -0.81
C GLN A 28 3.90 -6.60 -0.01
N LEU A 29 2.64 -6.16 -0.09
CA LEU A 29 2.20 -4.96 0.60
C LEU A 29 1.78 -5.26 1.99
N ASN A 30 1.83 -6.54 2.34
CA ASN A 30 1.45 -7.04 3.65
C ASN A 30 2.15 -6.27 4.76
N HIS A 31 3.38 -5.83 4.50
CA HIS A 31 4.14 -5.10 5.50
C HIS A 31 3.51 -3.71 5.70
N CYS A 32 3.39 -2.96 4.60
CA CYS A 32 2.79 -1.63 4.60
C CYS A 32 1.42 -1.69 5.21
N GLN A 33 0.60 -2.58 4.69
CA GLN A 33 -0.74 -2.83 5.15
C GLN A 33 -0.80 -2.99 6.67
N MET A 34 -0.02 -3.93 7.21
CA MET A 34 -0.11 -4.19 8.64
C MET A 34 0.47 -3.07 9.45
N HIS A 35 1.62 -2.56 9.06
CA HIS A 35 2.26 -1.50 9.81
C HIS A 35 1.52 -0.17 9.77
N LEU A 36 0.70 0.03 8.76
CA LEU A 36 -0.12 1.21 8.72
C LEU A 36 -1.37 1.03 9.57
N THR A 37 -1.91 -0.17 9.64
CA THR A 37 -3.08 -0.34 10.45
C THR A 37 -2.73 -0.57 11.92
N SER A 38 -1.54 -1.02 12.16
CA SER A 38 -1.11 -1.31 13.49
C SER A 38 -0.45 -0.12 14.15
N PHE A 39 -0.65 -0.03 15.41
CA PHE A 39 0.06 0.89 16.22
C PHE A 39 0.73 0.04 17.26
N ASP A 40 2.02 0.15 17.37
CA ASP A 40 2.72 -0.73 18.27
C ASP A 40 2.53 -0.24 19.69
N TYR A 41 2.74 -1.10 20.60
CA TYR A 41 2.37 -0.90 21.97
C TYR A 41 3.50 -0.35 22.81
N LYS A 42 4.73 -0.70 22.47
CA LYS A 42 5.82 -0.28 23.31
C LYS A 42 6.35 1.07 22.88
N LEU A 43 5.66 1.67 21.93
CA LEU A 43 6.00 2.99 21.45
C LEU A 43 5.63 4.02 22.51
N ARG A 44 6.53 4.24 23.44
CA ARG A 44 6.29 5.21 24.48
C ARG A 44 7.35 6.28 24.43
N MET A 45 8.46 5.94 23.83
CA MET A 45 9.56 6.85 23.64
C MET A 45 9.76 7.03 22.14
N ALA A 46 8.74 6.61 21.40
CA ALA A 46 8.75 6.66 19.97
C ALA A 46 7.42 7.14 19.44
N VAL A 47 6.74 7.96 20.25
CA VAL A 47 5.41 8.50 19.91
C VAL A 47 5.51 9.25 18.58
N GLU A 48 6.52 10.05 18.46
CA GLU A 48 6.89 10.67 17.22
C GLU A 48 8.38 10.49 17.09
N ASN A 49 8.78 9.55 16.27
CA ASN A 49 10.19 9.19 16.11
C ASN A 49 10.48 8.93 14.66
N PRO A 50 11.73 9.15 14.21
CA PRO A 50 12.13 8.92 12.81
C PRO A 50 12.16 7.42 12.48
N LYS A 51 12.14 6.62 13.54
CA LYS A 51 12.16 5.17 13.44
C LYS A 51 10.87 4.65 12.85
N GLN A 52 9.86 5.48 12.82
CA GLN A 52 8.55 5.12 12.29
C GLN A 52 8.59 4.85 10.79
N GLN A 53 9.53 5.45 10.08
CA GLN A 53 9.60 5.27 8.62
C GLN A 53 10.28 3.95 8.25
N GLN A 54 10.53 3.11 9.26
CA GLN A 54 11.14 1.79 9.12
C GLN A 54 10.43 0.96 8.06
N HIS A 55 9.13 0.97 8.13
CA HIS A 55 8.29 0.20 7.28
C HIS A 55 8.27 0.75 5.87
N LEU A 56 8.60 2.01 5.72
CA LEU A 56 8.63 2.64 4.43
C LEU A 56 9.90 2.26 3.75
N SER A 57 10.98 2.28 4.50
CA SER A 57 12.28 1.90 4.00
C SER A 57 12.27 0.44 3.48
N LEU A 58 11.40 -0.36 4.05
CA LEU A 58 11.23 -1.73 3.61
C LEU A 58 10.21 -1.82 2.47
N CYS A 59 9.04 -1.23 2.69
CA CYS A 59 7.92 -1.26 1.75
C CYS A 59 8.30 -0.63 0.40
N CYS A 60 8.91 0.56 0.42
CA CYS A 60 9.35 1.26 -0.80
C CYS A 60 10.30 0.39 -1.59
N ASN A 61 11.10 -0.35 -0.87
CA ASN A 61 12.14 -1.19 -1.46
C ASN A 61 11.53 -2.46 -2.05
N GLN A 62 10.41 -2.85 -1.51
CA GLN A 62 9.71 -4.02 -1.98
C GLN A 62 8.79 -3.66 -3.16
N LEU A 63 8.07 -2.58 -3.05
CA LEU A 63 7.14 -2.16 -4.07
C LEU A 63 7.88 -1.78 -5.36
N GLN A 64 9.09 -1.25 -5.18
CA GLN A 64 9.91 -0.80 -6.30
C GLN A 64 10.48 -1.98 -7.10
N GLU A 65 10.29 -3.19 -6.56
CA GLU A 65 10.67 -4.39 -7.27
C GLU A 65 9.65 -4.73 -8.31
N VAL A 66 8.50 -4.11 -8.18
CA VAL A 66 7.45 -4.23 -9.16
C VAL A 66 7.75 -3.20 -10.26
N GLU A 67 7.14 -3.37 -11.43
CA GLU A 67 7.27 -2.45 -12.56
C GLU A 67 7.04 -1.01 -12.12
N LYS A 68 7.80 -0.09 -12.68
CA LYS A 68 7.79 1.32 -12.27
C LYS A 68 6.39 1.93 -12.36
N GLN A 69 5.61 1.48 -13.34
CA GLN A 69 4.26 2.01 -13.53
C GLN A 69 3.31 1.39 -12.50
N CYS A 70 3.69 0.25 -11.99
CA CYS A 70 2.84 -0.54 -11.13
C CYS A 70 3.19 -0.32 -9.66
N GLN A 71 4.33 0.30 -9.43
CA GLN A 71 4.80 0.63 -8.08
C GLN A 71 3.79 1.48 -7.32
N CYS A 72 3.19 2.43 -8.00
CA CYS A 72 2.21 3.26 -7.33
C CYS A 72 0.86 2.61 -7.30
N GLU A 73 0.62 1.72 -8.23
CA GLU A 73 -0.62 1.00 -8.29
C GLU A 73 -0.70 0.11 -7.02
N ALA A 74 0.47 -0.42 -6.61
CA ALA A 74 0.62 -1.27 -5.44
C ALA A 74 0.16 -0.55 -4.18
N ILE A 75 0.34 0.76 -4.19
CA ILE A 75 0.02 1.59 -3.04
C ILE A 75 -1.47 1.66 -2.84
N LYS A 76 -2.19 1.61 -3.94
CA LYS A 76 -3.63 1.71 -3.90
C LYS A 76 -4.13 0.45 -3.26
N GLN A 77 -3.50 -0.64 -3.65
CA GLN A 77 -3.84 -1.95 -3.17
C GLN A 77 -3.65 -2.04 -1.67
N VAL A 78 -2.58 -1.38 -1.16
CA VAL A 78 -2.29 -1.35 0.28
C VAL A 78 -3.48 -0.82 1.02
N VAL A 79 -4.04 0.28 0.51
CA VAL A 79 -5.13 0.95 1.16
C VAL A 79 -6.33 0.04 1.22
N GLU A 80 -6.60 -0.58 0.09
CA GLU A 80 -7.72 -1.48 -0.08
C GLU A 80 -7.69 -2.61 0.95
N GLN A 81 -6.56 -3.30 1.02
CA GLN A 81 -6.42 -4.44 1.90
C GLN A 81 -6.30 -4.02 3.36
N ALA A 82 -5.72 -2.88 3.60
CA ALA A 82 -5.54 -2.39 4.95
C ALA A 82 -6.87 -1.96 5.54
N GLN A 83 -7.69 -1.31 4.74
CA GLN A 83 -8.97 -0.85 5.24
C GLN A 83 -9.90 -2.01 5.45
N LYS A 84 -9.90 -2.97 4.53
CA LYS A 84 -10.83 -4.11 4.59
C LYS A 84 -10.52 -4.99 5.77
N GLN A 85 -9.26 -5.03 6.20
CA GLN A 85 -8.89 -5.87 7.30
C GLN A 85 -9.32 -5.25 8.64
N LEU A 86 -9.35 -3.94 8.70
CA LEU A 86 -9.78 -3.23 9.92
C LEU A 86 -11.30 -3.04 9.97
N GLN A 87 -11.85 -2.69 8.83
CA GLN A 87 -13.28 -2.41 8.65
C GLN A 87 -14.17 -3.60 9.04
N GLN A 88 -13.67 -4.78 8.83
CA GLN A 88 -14.44 -6.01 9.03
C GLN A 88 -14.66 -6.35 10.50
N GLY A 89 -14.01 -5.68 11.39
CA GLY A 89 -14.19 -6.00 12.79
C GLY A 89 -13.90 -4.86 13.72
N GLN A 90 -12.64 -4.56 13.87
CA GLN A 90 -12.17 -3.55 14.82
C GLN A 90 -12.70 -2.15 14.52
N GLY A 91 -12.71 -1.78 13.27
CA GLY A 91 -12.99 -0.42 12.92
C GLY A 91 -11.68 0.19 12.62
N GLY A 92 -11.20 1.03 13.51
CA GLY A 92 -9.85 1.49 13.40
C GLY A 92 -9.61 2.52 12.34
N GLN A 93 -10.42 2.59 11.31
CA GLN A 93 -10.17 3.48 10.18
C GLN A 93 -10.09 4.94 10.56
N GLN A 94 -10.66 5.27 11.69
CA GLN A 94 -10.57 6.60 12.25
C GLN A 94 -9.19 6.85 12.91
N GLN A 95 -8.64 5.83 13.58
CA GLN A 95 -7.36 5.96 14.27
C GLN A 95 -6.23 5.70 13.28
N VAL A 96 -6.45 4.67 12.49
CA VAL A 96 -5.58 4.22 11.43
C VAL A 96 -5.45 5.29 10.36
N GLN A 97 -6.45 6.19 10.29
CA GLN A 97 -6.49 7.29 9.32
C GLN A 97 -5.15 8.02 9.18
N GLN A 98 -4.55 8.35 10.31
CA GLN A 98 -3.29 9.10 10.35
C GLN A 98 -2.11 8.27 9.85
N MET A 99 -2.28 6.97 9.81
CA MET A 99 -1.21 6.11 9.39
C MET A 99 -1.43 5.71 7.95
N VAL A 100 -2.64 5.34 7.63
CA VAL A 100 -2.97 4.95 6.27
C VAL A 100 -2.86 6.16 5.31
N LYS A 101 -3.02 7.37 5.82
CA LYS A 101 -2.84 8.57 5.01
C LYS A 101 -1.41 8.67 4.47
N LYS A 102 -0.46 8.05 5.19
CA LYS A 102 0.93 8.02 4.77
C LYS A 102 1.07 7.29 3.47
N ALA A 103 0.20 6.30 3.24
CA ALA A 103 0.22 5.53 1.99
C ALA A 103 -0.05 6.44 0.80
N GLN A 104 -0.84 7.46 1.02
CA GLN A 104 -1.18 8.39 -0.05
C GLN A 104 0.04 9.26 -0.38
N MET A 105 0.96 9.34 0.57
CA MET A 105 2.18 10.12 0.45
C MET A 105 3.30 9.23 -0.08
N LEU A 106 3.09 7.93 0.00
CA LEU A 106 4.07 6.93 -0.47
C LEU A 106 4.52 7.15 -1.91
N PRO A 107 3.61 7.40 -2.89
CA PRO A 107 4.02 7.68 -4.26
C PRO A 107 4.89 8.93 -4.36
N ASN A 108 4.78 9.80 -3.38
CA ASN A 108 5.54 11.00 -3.35
C ASN A 108 6.90 10.71 -2.73
N GLN A 109 6.88 10.05 -1.59
CA GLN A 109 8.08 9.80 -0.80
C GLN A 109 8.98 8.72 -1.41
N CYS A 110 8.37 7.74 -2.05
CA CYS A 110 9.13 6.65 -2.67
C CYS A 110 9.49 7.02 -4.10
N ASN A 111 8.94 8.16 -4.54
CA ASN A 111 9.13 8.69 -5.88
C ASN A 111 8.61 7.70 -6.92
N LEU A 112 7.34 7.51 -6.84
CA LEU A 112 6.58 6.64 -7.71
C LEU A 112 5.87 7.48 -8.75
N GLN A 113 5.50 6.85 -9.85
CA GLN A 113 4.86 7.51 -11.01
C GLN A 113 3.40 7.88 -10.73
N CYS A 114 3.16 8.45 -9.58
CA CYS A 114 1.84 8.78 -9.10
C CYS A 114 1.96 9.79 -7.96
N SER A 115 0.86 10.44 -7.63
CA SER A 115 0.76 11.34 -6.52
C SER A 115 -0.67 11.31 -6.00
N ILE A 116 -0.87 11.01 -4.73
CA ILE A 116 -2.21 10.93 -4.20
C ILE A 116 -2.48 12.16 -3.36
N GLY A 1 -7.88 -6.06 -13.50
CA GLY A 1 -7.84 -6.03 -14.95
C GLY A 1 -7.96 -7.42 -15.48
N ARG A 2 -7.72 -7.61 -16.75
CA ARG A 2 -7.80 -8.94 -17.33
C ARG A 2 -6.57 -9.72 -16.97
N CYS A 3 -6.77 -10.89 -16.42
CA CYS A 3 -5.67 -11.68 -15.96
C CYS A 3 -5.87 -13.12 -16.37
N THR A 4 -4.78 -13.76 -16.67
CA THR A 4 -4.78 -15.15 -17.05
C THR A 4 -5.03 -15.99 -15.82
N LYS A 5 -5.68 -17.11 -15.99
CA LYS A 5 -5.90 -17.97 -14.88
C LYS A 5 -4.73 -18.89 -14.74
N SER A 6 -3.71 -18.35 -14.16
CA SER A 6 -2.50 -19.05 -13.88
C SER A 6 -2.01 -18.60 -12.52
N ILE A 7 -1.10 -19.34 -11.96
CA ILE A 7 -0.45 -18.97 -10.72
C ILE A 7 1.06 -19.05 -10.93
N PRO A 8 1.77 -17.92 -10.93
CA PRO A 8 1.19 -16.58 -10.75
C PRO A 8 0.42 -16.11 -12.01
N PRO A 9 -0.60 -15.26 -11.83
CA PRO A 9 -1.42 -14.77 -12.94
C PRO A 9 -0.67 -13.74 -13.79
N ILE A 10 -1.08 -13.60 -15.00
CA ILE A 10 -0.52 -12.61 -15.91
C ILE A 10 -1.62 -11.61 -16.21
N CYS A 11 -1.43 -10.39 -15.83
CA CYS A 11 -2.43 -9.41 -16.03
C CYS A 11 -2.08 -8.46 -17.15
N PHE A 12 -3.09 -8.06 -17.84
CA PHE A 12 -2.98 -7.17 -18.95
C PHE A 12 -3.33 -5.78 -18.51
N PRO A 13 -2.77 -4.77 -19.18
CA PRO A 13 -3.03 -3.36 -18.88
C PRO A 13 -4.40 -2.91 -19.41
N ASP A 14 -5.40 -3.73 -19.17
CA ASP A 14 -6.75 -3.48 -19.63
C ASP A 14 -7.77 -4.17 -18.73
N GLY A 15 -8.79 -3.43 -18.35
CA GLY A 15 -9.85 -3.93 -17.55
C GLY A 15 -11.04 -3.01 -17.67
N LEU A 16 -11.46 -2.46 -16.58
CA LEU A 16 -12.58 -1.52 -16.57
C LEU A 16 -12.43 -0.54 -15.43
N ASP A 17 -12.26 -1.05 -14.26
CA ASP A 17 -12.13 -0.23 -13.05
C ASP A 17 -10.67 -0.01 -12.73
N ASN A 18 -9.83 -0.25 -13.69
CA ASN A 18 -8.41 -0.12 -13.53
C ASN A 18 -7.85 0.72 -14.64
N PRO A 19 -7.19 1.84 -14.30
CA PRO A 19 -6.49 2.67 -15.29
C PRO A 19 -5.44 1.84 -16.04
N ARG A 20 -4.64 1.09 -15.30
CA ARG A 20 -3.70 0.17 -15.93
C ARG A 20 -4.17 -1.23 -15.68
N GLY A 21 -4.29 -1.56 -14.44
CA GLY A 21 -4.60 -2.88 -14.08
C GLY A 21 -3.36 -3.56 -13.70
N CYS A 22 -2.72 -3.02 -12.74
CA CYS A 22 -1.47 -3.52 -12.30
C CYS A 22 -1.63 -4.65 -11.34
N GLN A 23 -0.87 -5.67 -11.57
CA GLN A 23 -0.91 -6.81 -10.72
C GLN A 23 0.26 -6.79 -9.75
N ILE A 24 -0.03 -6.40 -8.58
CA ILE A 24 0.95 -6.40 -7.55
C ILE A 24 0.49 -7.40 -6.55
N ARG A 25 1.37 -8.27 -6.12
CA ARG A 25 1.01 -9.27 -5.16
C ARG A 25 0.73 -8.60 -3.82
N ILE A 26 -0.48 -8.73 -3.34
CA ILE A 26 -0.91 -8.07 -2.10
C ILE A 26 -0.18 -8.61 -0.89
N GLN A 27 0.45 -9.76 -1.08
CA GLN A 27 1.16 -10.42 -0.02
C GLN A 27 2.47 -9.71 0.25
N GLN A 28 2.90 -8.88 -0.69
CA GLN A 28 4.14 -8.18 -0.50
C GLN A 28 3.86 -6.86 0.21
N LEU A 29 2.61 -6.43 0.15
CA LEU A 29 2.21 -5.19 0.79
C LEU A 29 1.78 -5.44 2.18
N ASN A 30 1.82 -6.70 2.57
CA ASN A 30 1.47 -7.12 3.93
C ASN A 30 2.19 -6.29 4.97
N HIS A 31 3.45 -5.93 4.69
CA HIS A 31 4.23 -5.15 5.65
C HIS A 31 3.62 -3.76 5.77
N CYS A 32 3.44 -3.09 4.64
CA CYS A 32 2.85 -1.73 4.60
C CYS A 32 1.47 -1.73 5.23
N GLN A 33 0.64 -2.64 4.76
CA GLN A 33 -0.69 -2.84 5.25
C GLN A 33 -0.71 -2.99 6.78
N MET A 34 0.12 -3.89 7.31
CA MET A 34 0.13 -4.13 8.73
C MET A 34 0.75 -2.97 9.48
N HIS A 35 1.82 -2.42 8.96
CA HIS A 35 2.53 -1.35 9.66
C HIS A 35 1.72 -0.07 9.73
N LEU A 36 0.80 0.09 8.80
CA LEU A 36 -0.08 1.22 8.81
C LEU A 36 -1.28 1.00 9.73
N THR A 37 -1.83 -0.19 9.73
CA THR A 37 -3.03 -0.40 10.51
C THR A 37 -2.74 -0.71 11.98
N SER A 38 -1.55 -1.15 12.23
CA SER A 38 -1.18 -1.57 13.55
C SER A 38 -0.58 -0.44 14.37
N PHE A 39 -1.18 -0.16 15.49
CA PHE A 39 -0.57 0.71 16.45
C PHE A 39 0.00 -0.19 17.51
N ASP A 40 1.29 -0.44 17.40
CA ASP A 40 1.93 -1.44 18.21
C ASP A 40 2.25 -0.87 19.60
N TYR A 41 2.72 -1.71 20.45
CA TYR A 41 2.85 -1.43 21.84
C TYR A 41 4.24 -1.00 22.24
N LYS A 42 5.24 -1.59 21.66
CA LYS A 42 6.60 -1.30 22.10
C LYS A 42 7.13 -0.06 21.42
N LEU A 43 6.29 0.54 20.61
CA LEU A 43 6.64 1.73 19.88
C LEU A 43 6.51 2.94 20.79
N ARG A 44 7.55 3.23 21.51
CA ARG A 44 7.55 4.37 22.38
C ARG A 44 8.50 5.42 21.85
N MET A 45 9.54 4.97 21.21
CA MET A 45 10.53 5.84 20.60
C MET A 45 10.39 5.73 19.11
N ALA A 46 9.19 5.41 18.69
CA ALA A 46 8.86 5.28 17.31
C ALA A 46 7.46 5.85 17.06
N VAL A 47 7.41 7.13 16.82
CA VAL A 47 6.18 7.83 16.50
C VAL A 47 6.46 8.69 15.28
N GLU A 48 7.44 9.55 15.44
CA GLU A 48 7.99 10.37 14.38
C GLU A 48 9.48 10.30 14.57
N ASN A 49 10.09 9.30 13.99
CA ASN A 49 11.49 9.01 14.22
C ASN A 49 12.01 8.30 13.01
N PRO A 50 13.35 8.21 12.83
CA PRO A 50 13.97 7.45 11.73
C PRO A 50 13.48 6.00 11.70
N LYS A 51 13.03 5.51 12.86
CA LYS A 51 12.51 4.16 13.00
C LYS A 51 11.16 4.00 12.33
N GLN A 52 10.56 5.09 11.93
CA GLN A 52 9.30 5.00 11.21
C GLN A 52 9.59 4.88 9.73
N GLN A 53 10.81 5.10 9.37
CA GLN A 53 11.21 5.02 8.00
C GLN A 53 11.74 3.63 7.71
N GLN A 54 11.94 2.82 8.75
CA GLN A 54 12.51 1.48 8.58
C GLN A 54 11.62 0.63 7.69
N HIS A 55 10.34 0.64 7.98
CA HIS A 55 9.39 -0.13 7.22
C HIS A 55 9.10 0.48 5.88
N LEU A 56 9.38 1.77 5.75
CA LEU A 56 9.26 2.42 4.48
C LEU A 56 10.39 1.96 3.59
N SER A 57 11.59 1.91 4.14
CA SER A 57 12.77 1.43 3.44
C SER A 57 12.57 -0.01 2.96
N LEU A 58 11.73 -0.75 3.66
CA LEU A 58 11.38 -2.09 3.27
C LEU A 58 10.29 -2.08 2.19
N CYS A 59 9.17 -1.43 2.50
CA CYS A 59 8.01 -1.39 1.62
C CYS A 59 8.31 -0.68 0.28
N CYS A 60 8.94 0.50 0.34
CA CYS A 60 9.33 1.27 -0.85
C CYS A 60 10.27 0.45 -1.73
N ASN A 61 11.06 -0.40 -1.11
CA ASN A 61 11.98 -1.24 -1.85
C ASN A 61 11.25 -2.40 -2.49
N GLN A 62 10.34 -2.96 -1.74
CA GLN A 62 9.54 -4.08 -2.16
C GLN A 62 8.63 -3.70 -3.33
N LEU A 63 8.12 -2.49 -3.30
CA LEU A 63 7.24 -2.00 -4.34
C LEU A 63 8.01 -1.56 -5.56
N GLN A 64 9.21 -1.01 -5.35
CA GLN A 64 9.98 -0.46 -6.45
C GLN A 64 10.46 -1.53 -7.42
N GLU A 65 10.56 -2.76 -6.93
CA GLU A 65 10.95 -3.88 -7.78
C GLU A 65 9.84 -4.18 -8.78
N VAL A 66 8.63 -3.79 -8.42
CA VAL A 66 7.47 -3.97 -9.27
C VAL A 66 7.54 -2.94 -10.39
N GLU A 67 6.85 -3.21 -11.48
CA GLU A 67 6.74 -2.35 -12.64
C GLU A 67 6.54 -0.89 -12.25
N LYS A 68 7.19 0.00 -12.98
CA LYS A 68 7.21 1.44 -12.63
C LYS A 68 5.82 2.05 -12.57
N GLN A 69 4.94 1.56 -13.40
CA GLN A 69 3.57 2.03 -13.46
C GLN A 69 2.72 1.40 -12.38
N CYS A 70 3.27 0.40 -11.75
CA CYS A 70 2.54 -0.41 -10.81
C CYS A 70 3.05 -0.23 -9.39
N GLN A 71 4.16 0.48 -9.26
CA GLN A 71 4.75 0.78 -7.95
C GLN A 71 3.78 1.58 -7.13
N CYS A 72 3.18 2.54 -7.77
CA CYS A 72 2.21 3.38 -7.12
C CYS A 72 0.89 2.68 -6.97
N GLU A 73 0.66 1.73 -7.83
CA GLU A 73 -0.56 0.98 -7.79
C GLU A 73 -0.54 0.02 -6.63
N ALA A 74 0.66 -0.40 -6.27
CA ALA A 74 0.87 -1.26 -5.14
C ALA A 74 0.36 -0.58 -3.88
N ILE A 75 0.47 0.75 -3.88
CA ILE A 75 0.10 1.57 -2.74
C ILE A 75 -1.41 1.58 -2.59
N LYS A 76 -2.10 1.50 -3.72
CA LYS A 76 -3.54 1.59 -3.73
C LYS A 76 -4.08 0.34 -3.09
N GLN A 77 -3.42 -0.76 -3.44
CA GLN A 77 -3.79 -2.07 -2.97
C GLN A 77 -3.61 -2.15 -1.48
N VAL A 78 -2.55 -1.48 -0.97
CA VAL A 78 -2.27 -1.42 0.45
C VAL A 78 -3.47 -0.87 1.15
N VAL A 79 -4.00 0.23 0.62
CA VAL A 79 -5.10 0.92 1.23
C VAL A 79 -6.31 0.02 1.24
N GLU A 80 -6.57 -0.59 0.09
CA GLU A 80 -7.70 -1.48 -0.09
C GLU A 80 -7.68 -2.65 0.92
N GLN A 81 -6.56 -3.34 1.02
CA GLN A 81 -6.46 -4.49 1.93
C GLN A 81 -6.38 -4.05 3.40
N ALA A 82 -5.85 -2.87 3.64
CA ALA A 82 -5.73 -2.36 4.98
C ALA A 82 -7.07 -1.88 5.51
N GLN A 83 -7.86 -1.26 4.66
CA GLN A 83 -9.16 -0.76 5.05
C GLN A 83 -10.12 -1.92 5.29
N LYS A 84 -10.01 -2.94 4.45
CA LYS A 84 -10.90 -4.08 4.52
C LYS A 84 -10.62 -4.95 5.74
N GLN A 85 -9.36 -4.99 6.16
CA GLN A 85 -8.98 -5.82 7.29
C GLN A 85 -9.47 -5.18 8.61
N LEU A 86 -9.51 -3.87 8.63
CA LEU A 86 -9.93 -3.12 9.81
C LEU A 86 -11.44 -2.94 9.87
N GLN A 87 -12.03 -2.74 8.72
CA GLN A 87 -13.47 -2.52 8.58
C GLN A 87 -14.26 -3.72 9.09
N GLN A 88 -13.73 -4.91 8.88
CA GLN A 88 -14.38 -6.15 9.31
C GLN A 88 -14.09 -6.45 10.77
N GLY A 89 -13.27 -5.63 11.37
CA GLY A 89 -12.91 -5.80 12.74
C GLY A 89 -13.83 -5.05 13.66
N GLN A 90 -13.72 -3.75 13.65
CA GLN A 90 -14.56 -2.90 14.49
C GLN A 90 -14.78 -1.55 13.81
N GLY A 91 -13.74 -1.07 13.17
CA GLY A 91 -13.74 0.18 12.50
C GLY A 91 -12.33 0.51 12.19
N GLY A 92 -11.70 1.25 13.09
CA GLY A 92 -10.30 1.54 12.99
C GLY A 92 -9.92 2.54 11.94
N GLN A 93 -10.67 2.58 10.88
CA GLN A 93 -10.44 3.46 9.74
C GLN A 93 -10.19 4.92 10.18
N GLN A 94 -10.85 5.35 11.24
CA GLN A 94 -10.67 6.70 11.78
C GLN A 94 -9.33 6.83 12.54
N GLN A 95 -8.97 5.84 13.34
CA GLN A 95 -7.75 5.90 14.12
C GLN A 95 -6.55 5.61 13.23
N VAL A 96 -6.70 4.60 12.42
CA VAL A 96 -5.71 4.17 11.45
C VAL A 96 -5.50 5.25 10.39
N GLN A 97 -6.50 6.13 10.22
CA GLN A 97 -6.44 7.22 9.22
C GLN A 97 -5.11 7.96 9.23
N GLN A 98 -4.63 8.31 10.42
CA GLN A 98 -3.38 9.08 10.56
C GLN A 98 -2.16 8.30 10.07
N MET A 99 -2.30 7.00 9.95
CA MET A 99 -1.20 6.18 9.53
C MET A 99 -1.38 5.82 8.08
N VAL A 100 -2.56 5.36 7.76
CA VAL A 100 -2.87 4.98 6.37
C VAL A 100 -2.79 6.19 5.41
N LYS A 101 -2.95 7.39 5.93
CA LYS A 101 -2.80 8.60 5.13
C LYS A 101 -1.36 8.75 4.64
N LYS A 102 -0.43 8.12 5.35
CA LYS A 102 0.96 8.12 4.96
C LYS A 102 1.14 7.32 3.69
N ALA A 103 0.24 6.36 3.44
CA ALA A 103 0.27 5.58 2.21
C ALA A 103 -0.02 6.49 1.04
N GLN A 104 -0.85 7.48 1.28
CA GLN A 104 -1.21 8.46 0.28
C GLN A 104 0.00 9.35 -0.05
N MET A 105 0.94 9.36 0.87
CA MET A 105 2.16 10.13 0.74
C MET A 105 3.24 9.28 0.10
N LEU A 106 3.06 7.96 0.15
CA LEU A 106 4.05 7.00 -0.35
C LEU A 106 4.47 7.24 -1.81
N PRO A 107 3.53 7.49 -2.77
CA PRO A 107 3.93 7.79 -4.14
C PRO A 107 4.77 9.05 -4.23
N ASN A 108 4.68 9.92 -3.24
CA ASN A 108 5.42 11.13 -3.25
C ASN A 108 6.79 10.85 -2.61
N GLN A 109 6.76 10.13 -1.50
CA GLN A 109 7.97 9.79 -0.73
C GLN A 109 8.87 8.80 -1.46
N CYS A 110 8.27 7.80 -2.05
CA CYS A 110 9.02 6.74 -2.72
C CYS A 110 9.31 7.16 -4.16
N ASN A 111 8.82 8.36 -4.52
CA ASN A 111 9.02 8.97 -5.85
C ASN A 111 8.48 8.03 -6.93
N LEU A 112 7.22 7.76 -6.80
CA LEU A 112 6.53 6.89 -7.71
C LEU A 112 5.82 7.69 -8.77
N GLN A 113 5.56 7.03 -9.88
CA GLN A 113 4.99 7.64 -11.10
C GLN A 113 3.49 7.86 -11.01
N CYS A 114 3.08 8.35 -9.90
CA CYS A 114 1.70 8.57 -9.57
C CYS A 114 1.64 9.63 -8.51
N SER A 115 0.54 10.31 -8.38
CA SER A 115 0.39 11.36 -7.42
C SER A 115 -0.96 11.27 -6.73
N ILE A 116 -0.98 11.51 -5.44
CA ILE A 116 -2.19 11.56 -4.68
C ILE A 116 -2.45 12.99 -4.31
N GLY A 1 -12.34 -9.06 -8.84
CA GLY A 1 -11.55 -8.62 -7.71
C GLY A 1 -12.36 -8.63 -6.46
N ARG A 2 -12.66 -7.46 -5.95
CA ARG A 2 -13.46 -7.32 -4.75
C ARG A 2 -14.94 -7.45 -5.07
N CYS A 3 -15.73 -7.63 -4.06
CA CYS A 3 -17.15 -7.71 -4.23
C CYS A 3 -17.76 -7.27 -2.95
N THR A 4 -18.93 -6.77 -3.05
CA THR A 4 -19.63 -6.32 -1.88
C THR A 4 -20.18 -7.53 -1.14
N LYS A 5 -20.30 -7.44 0.16
CA LYS A 5 -20.83 -8.56 0.88
C LYS A 5 -22.32 -8.38 1.04
N SER A 6 -23.00 -8.56 -0.07
CA SER A 6 -24.42 -8.41 -0.14
C SER A 6 -24.93 -9.44 -1.11
N ILE A 7 -26.23 -9.65 -1.15
CA ILE A 7 -26.82 -10.62 -2.06
C ILE A 7 -27.96 -9.97 -2.85
N PRO A 8 -27.85 -9.84 -4.19
CA PRO A 8 -26.68 -10.28 -4.95
C PRO A 8 -25.48 -9.33 -4.76
N PRO A 9 -24.27 -9.87 -4.78
CA PRO A 9 -23.06 -9.09 -4.58
C PRO A 9 -22.66 -8.28 -5.81
N ILE A 10 -21.99 -7.19 -5.58
CA ILE A 10 -21.56 -6.30 -6.62
C ILE A 10 -20.07 -6.45 -6.70
N CYS A 11 -19.59 -7.01 -7.77
CA CYS A 11 -18.19 -7.31 -7.84
C CYS A 11 -17.47 -6.32 -8.73
N PHE A 12 -16.23 -6.09 -8.41
CA PHE A 12 -15.39 -5.19 -9.13
C PHE A 12 -14.39 -5.96 -9.94
N PRO A 13 -13.92 -5.38 -11.09
CA PRO A 13 -12.93 -6.01 -11.96
C PRO A 13 -11.72 -6.44 -11.15
N ASP A 14 -11.19 -5.51 -10.44
CA ASP A 14 -10.13 -5.79 -9.54
C ASP A 14 -10.32 -4.97 -8.30
N GLY A 15 -10.00 -3.73 -8.38
CA GLY A 15 -10.20 -2.84 -7.29
C GLY A 15 -11.22 -1.84 -7.63
N LEU A 16 -10.87 -0.61 -7.50
CA LEU A 16 -11.83 0.42 -7.71
C LEU A 16 -11.56 1.09 -9.04
N ASP A 17 -10.36 1.47 -9.23
CA ASP A 17 -9.94 2.14 -10.42
C ASP A 17 -8.62 1.59 -10.86
N ASN A 18 -8.64 0.66 -11.77
CA ASN A 18 -7.42 0.03 -12.27
C ASN A 18 -7.11 0.56 -13.66
N PRO A 19 -6.27 1.59 -13.78
CA PRO A 19 -5.99 2.21 -15.07
C PRO A 19 -5.06 1.37 -15.97
N ARG A 20 -4.13 0.62 -15.39
CA ARG A 20 -3.17 -0.14 -16.21
C ARG A 20 -3.63 -1.57 -16.29
N GLY A 21 -3.82 -2.14 -15.14
CA GLY A 21 -4.11 -3.53 -15.01
C GLY A 21 -2.93 -4.22 -14.42
N CYS A 22 -2.43 -3.62 -13.39
CA CYS A 22 -1.27 -4.08 -12.72
C CYS A 22 -1.59 -5.15 -11.70
N GLN A 23 -0.86 -6.20 -11.74
CA GLN A 23 -1.01 -7.26 -10.79
C GLN A 23 0.17 -7.23 -9.82
N ILE A 24 -0.08 -6.71 -8.68
CA ILE A 24 0.94 -6.65 -7.67
C ILE A 24 0.55 -7.65 -6.62
N ARG A 25 1.50 -8.46 -6.19
CA ARG A 25 1.21 -9.44 -5.19
C ARG A 25 0.93 -8.75 -3.88
N ILE A 26 -0.28 -8.89 -3.44
CA ILE A 26 -0.74 -8.20 -2.26
C ILE A 26 -0.09 -8.69 -0.99
N GLN A 27 0.64 -9.77 -1.10
CA GLN A 27 1.32 -10.34 0.02
C GLN A 27 2.58 -9.52 0.32
N GLN A 28 3.05 -8.75 -0.68
CA GLN A 28 4.25 -7.95 -0.49
C GLN A 28 3.88 -6.66 0.23
N LEU A 29 2.60 -6.30 0.15
CA LEU A 29 2.11 -5.09 0.80
C LEU A 29 1.68 -5.36 2.18
N ASN A 30 1.70 -6.63 2.57
CA ASN A 30 1.26 -7.03 3.90
C ASN A 30 2.04 -6.29 4.96
N HIS A 31 3.31 -5.96 4.68
CA HIS A 31 4.14 -5.26 5.66
C HIS A 31 3.58 -3.86 5.88
N CYS A 32 3.47 -3.10 4.78
CA CYS A 32 2.94 -1.74 4.82
C CYS A 32 1.57 -1.75 5.48
N GLN A 33 0.71 -2.63 4.99
CA GLN A 33 -0.61 -2.83 5.52
C GLN A 33 -0.60 -3.04 7.05
N MET A 34 0.08 -4.09 7.50
CA MET A 34 0.03 -4.47 8.91
C MET A 34 0.71 -3.45 9.79
N HIS A 35 1.75 -2.87 9.29
CA HIS A 35 2.51 -1.90 10.05
C HIS A 35 1.74 -0.58 10.16
N LEU A 36 0.94 -0.26 9.16
CA LEU A 36 0.15 0.97 9.18
C LEU A 36 -1.15 0.81 9.93
N THR A 37 -1.66 -0.39 10.02
CA THR A 37 -2.83 -0.57 10.82
C THR A 37 -2.45 -0.77 12.29
N SER A 38 -1.16 -1.00 12.50
CA SER A 38 -0.59 -1.16 13.81
C SER A 38 -0.16 0.20 14.37
N PHE A 39 -0.20 0.32 15.67
CA PHE A 39 0.23 1.51 16.35
C PHE A 39 1.17 1.14 17.45
N ASP A 40 2.02 2.04 17.80
CA ASP A 40 3.01 1.78 18.82
C ASP A 40 2.63 2.59 20.06
N TYR A 41 3.33 2.42 21.12
CA TYR A 41 2.93 2.96 22.38
C TYR A 41 3.69 4.21 22.75
N LYS A 42 4.96 4.29 22.36
CA LYS A 42 5.77 5.43 22.76
C LYS A 42 5.56 6.62 21.83
N LEU A 43 4.61 6.48 20.94
CA LEU A 43 4.25 7.53 19.99
C LEU A 43 3.48 8.66 20.72
N ARG A 44 4.19 9.38 21.58
CA ARG A 44 3.60 10.50 22.31
C ARG A 44 4.41 11.75 22.02
N MET A 45 5.49 11.55 21.31
CA MET A 45 6.43 12.59 20.93
C MET A 45 7.04 12.26 19.60
N ALA A 46 6.41 11.35 18.92
CA ALA A 46 6.95 10.81 17.71
C ALA A 46 5.91 10.85 16.64
N VAL A 47 6.30 11.27 15.47
CA VAL A 47 5.43 11.33 14.33
C VAL A 47 6.12 10.64 13.18
N GLU A 48 7.18 11.25 12.71
CA GLU A 48 8.00 10.73 11.64
C GLU A 48 9.44 10.76 12.06
N ASN A 49 9.90 9.66 12.56
CA ASN A 49 11.26 9.54 13.04
C ASN A 49 11.95 8.45 12.24
N PRO A 50 13.26 8.61 11.94
CA PRO A 50 14.03 7.68 11.07
C PRO A 50 13.77 6.19 11.33
N LYS A 51 13.87 5.76 12.58
CA LYS A 51 13.74 4.34 12.90
C LYS A 51 12.31 3.87 12.89
N GLN A 52 11.41 4.77 12.74
CA GLN A 52 10.02 4.44 12.64
C GLN A 52 9.64 4.36 11.19
N GLN A 53 10.36 5.14 10.38
CA GLN A 53 10.13 5.21 8.94
C GLN A 53 10.87 4.08 8.24
N GLN A 54 11.35 3.14 9.04
CA GLN A 54 12.05 1.96 8.56
C GLN A 54 11.14 1.13 7.66
N HIS A 55 9.84 1.16 7.97
CA HIS A 55 8.84 0.46 7.18
C HIS A 55 8.74 1.01 5.77
N LEU A 56 9.13 2.28 5.61
CA LEU A 56 9.12 2.91 4.32
C LEU A 56 10.26 2.36 3.51
N SER A 57 11.41 2.24 4.14
CA SER A 57 12.60 1.73 3.49
C SER A 57 12.33 0.32 2.95
N LEU A 58 11.53 -0.45 3.69
CA LEU A 58 11.21 -1.81 3.31
C LEU A 58 10.12 -1.83 2.24
N CYS A 59 9.07 -1.07 2.46
CA CYS A 59 7.92 -1.05 1.58
C CYS A 59 8.27 -0.42 0.24
N CYS A 60 8.89 0.79 0.25
CA CYS A 60 9.37 1.46 -0.92
C CYS A 60 10.25 0.54 -1.73
N ASN A 61 11.12 -0.19 -1.04
CA ASN A 61 12.10 -1.07 -1.69
C ASN A 61 11.43 -2.29 -2.28
N GLN A 62 10.29 -2.63 -1.75
CA GLN A 62 9.55 -3.76 -2.25
C GLN A 62 8.70 -3.35 -3.47
N LEU A 63 7.98 -2.25 -3.33
CA LEU A 63 7.08 -1.76 -4.37
C LEU A 63 7.87 -1.35 -5.63
N GLN A 64 9.06 -0.82 -5.41
CA GLN A 64 9.91 -0.30 -6.48
C GLN A 64 10.44 -1.41 -7.39
N GLU A 65 10.35 -2.65 -6.91
CA GLU A 65 10.80 -3.78 -7.69
C GLU A 65 9.71 -4.23 -8.64
N VAL A 66 8.54 -3.70 -8.43
CA VAL A 66 7.42 -3.95 -9.32
C VAL A 66 7.56 -2.99 -10.51
N GLU A 67 6.84 -3.26 -11.60
CA GLU A 67 6.81 -2.39 -12.78
C GLU A 67 6.59 -0.94 -12.40
N LYS A 68 7.21 -0.03 -13.12
CA LYS A 68 7.15 1.40 -12.79
C LYS A 68 5.74 1.94 -12.90
N GLN A 69 4.95 1.35 -13.76
CA GLN A 69 3.56 1.77 -13.91
C GLN A 69 2.69 1.16 -12.78
N CYS A 70 3.25 0.17 -12.11
CA CYS A 70 2.53 -0.61 -11.11
C CYS A 70 3.05 -0.34 -9.70
N GLN A 71 4.12 0.42 -9.59
CA GLN A 71 4.68 0.81 -8.30
C GLN A 71 3.70 1.64 -7.51
N CYS A 72 3.01 2.53 -8.20
CA CYS A 72 1.99 3.31 -7.55
C CYS A 72 0.74 2.48 -7.35
N GLU A 73 0.58 1.47 -8.17
CA GLU A 73 -0.56 0.61 -8.09
C GLU A 73 -0.48 -0.24 -6.84
N ALA A 74 0.73 -0.59 -6.45
CA ALA A 74 0.98 -1.35 -5.27
C ALA A 74 0.53 -0.57 -4.04
N ILE A 75 0.57 0.75 -4.18
CA ILE A 75 0.17 1.66 -3.13
C ILE A 75 -1.33 1.57 -2.90
N LYS A 76 -2.04 1.31 -3.97
CA LYS A 76 -3.50 1.31 -3.93
C LYS A 76 -3.91 0.11 -3.14
N GLN A 77 -3.19 -0.95 -3.43
CA GLN A 77 -3.37 -2.27 -2.84
C GLN A 77 -3.24 -2.20 -1.35
N VAL A 78 -2.24 -1.46 -0.87
CA VAL A 78 -2.01 -1.31 0.56
C VAL A 78 -3.23 -0.71 1.21
N VAL A 79 -3.76 0.34 0.58
CA VAL A 79 -4.87 1.08 1.14
C VAL A 79 -6.07 0.19 1.18
N GLU A 80 -6.30 -0.47 0.08
CA GLU A 80 -7.41 -1.38 -0.13
C GLU A 80 -7.45 -2.44 0.98
N GLN A 81 -6.35 -3.11 1.19
CA GLN A 81 -6.30 -4.21 2.13
C GLN A 81 -6.27 -3.72 3.58
N ALA A 82 -5.61 -2.60 3.83
CA ALA A 82 -5.50 -2.09 5.18
C ALA A 82 -6.83 -1.51 5.66
N GLN A 83 -7.58 -0.93 4.76
CA GLN A 83 -8.85 -0.37 5.13
C GLN A 83 -9.86 -1.48 5.31
N LYS A 84 -9.77 -2.52 4.50
CA LYS A 84 -10.74 -3.59 4.56
C LYS A 84 -10.56 -4.41 5.81
N GLN A 85 -9.31 -4.58 6.23
CA GLN A 85 -9.02 -5.42 7.38
C GLN A 85 -9.53 -4.76 8.66
N LEU A 86 -9.56 -3.46 8.67
CA LEU A 86 -10.13 -2.73 9.80
C LEU A 86 -11.65 -2.55 9.65
N GLN A 87 -12.09 -2.32 8.42
CA GLN A 87 -13.52 -2.10 8.09
C GLN A 87 -14.37 -3.34 8.45
N GLN A 88 -13.79 -4.51 8.29
CA GLN A 88 -14.47 -5.77 8.57
C GLN A 88 -14.58 -6.04 10.07
N GLY A 89 -13.97 -5.18 10.83
CA GLY A 89 -14.02 -5.29 12.26
C GLY A 89 -14.94 -4.25 12.85
N GLN A 90 -14.49 -3.57 13.86
CA GLN A 90 -15.30 -2.59 14.56
C GLN A 90 -15.18 -1.21 13.93
N GLY A 91 -14.09 -0.97 13.23
CA GLY A 91 -13.87 0.30 12.61
C GLY A 91 -12.40 0.53 12.34
N GLY A 92 -11.74 1.21 13.26
CA GLY A 92 -10.31 1.44 13.20
C GLY A 92 -9.87 2.45 12.16
N GLN A 93 -10.51 2.47 11.01
CA GLN A 93 -10.16 3.36 9.89
C GLN A 93 -9.98 4.82 10.31
N GLN A 94 -10.68 5.25 11.33
CA GLN A 94 -10.55 6.61 11.84
C GLN A 94 -9.27 6.79 12.67
N GLN A 95 -8.92 5.79 13.47
CA GLN A 95 -7.73 5.90 14.29
C GLN A 95 -6.52 5.58 13.44
N VAL A 96 -6.65 4.51 12.68
CA VAL A 96 -5.65 4.03 11.74
C VAL A 96 -5.37 5.06 10.65
N GLN A 97 -6.34 5.94 10.42
CA GLN A 97 -6.28 7.01 9.40
C GLN A 97 -4.92 7.71 9.36
N GLN A 98 -4.46 8.16 10.52
CA GLN A 98 -3.19 8.88 10.67
C GLN A 98 -1.97 8.04 10.22
N MET A 99 -2.14 6.75 10.14
CA MET A 99 -1.05 5.89 9.79
C MET A 99 -1.25 5.40 8.38
N VAL A 100 -2.43 4.96 8.05
CA VAL A 100 -2.74 4.48 6.72
C VAL A 100 -2.63 5.62 5.67
N LYS A 101 -2.77 6.87 6.11
CA LYS A 101 -2.56 8.01 5.22
C LYS A 101 -1.11 8.04 4.71
N LYS A 102 -0.19 7.44 5.49
CA LYS A 102 1.21 7.34 5.09
C LYS A 102 1.35 6.46 3.86
N ALA A 103 0.41 5.52 3.70
CA ALA A 103 0.37 4.68 2.50
C ALA A 103 0.14 5.55 1.29
N GLN A 104 -0.67 6.55 1.48
CA GLN A 104 -1.04 7.48 0.43
C GLN A 104 0.10 8.47 0.16
N MET A 105 1.03 8.53 1.09
CA MET A 105 2.19 9.40 0.98
C MET A 105 3.33 8.65 0.35
N LEU A 106 3.21 7.33 0.28
CA LEU A 106 4.25 6.46 -0.28
C LEU A 106 4.69 6.91 -1.68
N PRO A 107 3.76 7.17 -2.65
CA PRO A 107 4.12 7.66 -3.96
C PRO A 107 4.84 9.01 -3.92
N ASN A 108 4.55 9.78 -2.88
CA ASN A 108 5.09 11.08 -2.73
C ASN A 108 6.49 11.00 -2.12
N GLN A 109 6.72 9.96 -1.34
CA GLN A 109 8.02 9.71 -0.72
C GLN A 109 8.95 8.97 -1.69
N CYS A 110 8.43 7.93 -2.29
CA CYS A 110 9.20 7.06 -3.15
C CYS A 110 9.33 7.58 -4.57
N ASN A 111 8.75 8.76 -4.81
CA ASN A 111 8.78 9.42 -6.12
C ASN A 111 8.21 8.51 -7.19
N LEU A 112 6.97 8.18 -7.00
CA LEU A 112 6.27 7.31 -7.89
C LEU A 112 5.50 8.11 -8.91
N GLN A 113 5.19 7.49 -10.03
CA GLN A 113 4.58 8.17 -11.22
C GLN A 113 3.13 8.56 -11.01
N CYS A 114 2.72 8.60 -9.80
CA CYS A 114 1.36 8.74 -9.47
C CYS A 114 1.27 9.51 -8.18
N SER A 115 0.15 10.12 -7.92
CA SER A 115 -0.03 10.86 -6.72
C SER A 115 -1.37 10.53 -6.11
N ILE A 116 -1.45 10.55 -4.81
CA ILE A 116 -2.69 10.28 -4.14
C ILE A 116 -3.14 11.59 -3.54
#